data_2O4D
# 
_entry.id   2O4D 
# 
_audit_conform.dict_name       mmcif_pdbx.dic 
_audit_conform.dict_version    5.397 
_audit_conform.dict_location   http://mmcif.pdb.org/dictionaries/ascii/mmcif_pdbx.dic 
# 
loop_
_database_2.database_id 
_database_2.database_code 
_database_2.pdbx_database_accession 
_database_2.pdbx_DOI 
PDB   2O4D         pdb_00002o4d 10.2210/pdb2o4d/pdb 
RCSB  RCSB040671   ?            ?                   
WWPDB D_1000040671 ?            ?                   
# 
loop_
_pdbx_audit_revision_history.ordinal 
_pdbx_audit_revision_history.data_content_type 
_pdbx_audit_revision_history.major_revision 
_pdbx_audit_revision_history.minor_revision 
_pdbx_audit_revision_history.revision_date 
1 'Structure model' 1 0 2007-01-30 
2 'Structure model' 1 1 2008-05-01 
3 'Structure model' 1 2 2011-07-13 
4 'Structure model' 1 3 2017-10-18 
5 'Structure model' 1 4 2023-12-27 
6 'Structure model' 1 5 2024-10-30 
# 
_pdbx_audit_revision_details.ordinal             1 
_pdbx_audit_revision_details.revision_ordinal    1 
_pdbx_audit_revision_details.data_content_type   'Structure model' 
_pdbx_audit_revision_details.provider            repository 
_pdbx_audit_revision_details.type                'Initial release' 
_pdbx_audit_revision_details.description         ? 
_pdbx_audit_revision_details.details             ? 
# 
loop_
_pdbx_audit_revision_group.ordinal 
_pdbx_audit_revision_group.revision_ordinal 
_pdbx_audit_revision_group.data_content_type 
_pdbx_audit_revision_group.group 
1 2 'Structure model' 'Version format compliance' 
2 3 'Structure model' Advisory                    
3 3 'Structure model' 'Derived calculations'      
4 3 'Structure model' 'Version format compliance' 
5 4 'Structure model' 'Refinement description'    
6 5 'Structure model' 'Data collection'           
7 5 'Structure model' 'Database references'       
8 5 'Structure model' 'Derived calculations'      
9 6 'Structure model' 'Structure summary'         
# 
loop_
_pdbx_audit_revision_category.ordinal 
_pdbx_audit_revision_category.revision_ordinal 
_pdbx_audit_revision_category.data_content_type 
_pdbx_audit_revision_category.category 
1 4 'Structure model' software                     
2 5 'Structure model' chem_comp_atom               
3 5 'Structure model' chem_comp_bond               
4 5 'Structure model' database_2                   
5 5 'Structure model' pdbx_struct_special_symmetry 
6 5 'Structure model' struct_conn                  
7 5 'Structure model' struct_ref_seq_dif           
8 6 'Structure model' pdbx_entry_details           
9 6 'Structure model' pdbx_modification_feature    
# 
loop_
_pdbx_audit_revision_item.ordinal 
_pdbx_audit_revision_item.revision_ordinal 
_pdbx_audit_revision_item.data_content_type 
_pdbx_audit_revision_item.item 
1 4 'Structure model' '_software.name'                      
2 5 'Structure model' '_database_2.pdbx_DOI'                
3 5 'Structure model' '_database_2.pdbx_database_accession' 
4 5 'Structure model' '_struct_conn.pdbx_leaving_atom_flag' 
5 5 'Structure model' '_struct_ref_seq_dif.details'         
# 
_pdbx_database_status.entry_id                        2O4D 
_pdbx_database_status.deposit_site                    RCSB 
_pdbx_database_status.process_site                    RCSB 
_pdbx_database_status.recvd_initial_deposition_date   2006-12-04 
_pdbx_database_status.status_code                     REL 
_pdbx_database_status.status_code_sf                  REL 
_pdbx_database_status.status_code_mr                  ? 
_pdbx_database_status.SG_entry                        ? 
_pdbx_database_status.pdb_format_compatible           Y 
_pdbx_database_status.status_code_cs                  ? 
_pdbx_database_status.methods_development_category    ? 
_pdbx_database_status.status_code_nmr_data            ? 
# 
loop_
_audit_author.name 
_audit_author.pdbx_ordinal 
'McGrath, T.E.'   1  
'Battaile, K.'    2  
'Kisselman, G.'   3  
'Romanov, V.'     4  
'Wu-Brown, J.'    5  
'Virag, C.'       6  
'Ng, I.'          7  
'Kimber, M.'      8  
'Edwards, A.M.'   9  
'Pai, E.F.'       10 
'Chirgadze, N.Y.' 11 
# 
_citation.id                        primary 
_citation.title                     'Crystal Structure of a hypothetical protein from Pseudomonas aeruginosa' 
_citation.journal_abbrev            'To be Published' 
_citation.journal_volume            ? 
_citation.page_first                ? 
_citation.page_last                 ? 
_citation.year                      ? 
_citation.journal_id_ASTM           ? 
_citation.country                   ? 
_citation.journal_id_ISSN           ? 
_citation.journal_id_CSD            0353 
_citation.book_publisher            ? 
_citation.pdbx_database_id_PubMed   ? 
_citation.pdbx_database_id_DOI      ? 
# 
loop_
_citation_author.citation_id 
_citation_author.name 
_citation_author.ordinal 
_citation_author.identifier_ORCID 
primary 'McGrath, T.E.'   1  ? 
primary 'Battaile, K.'    2  ? 
primary 'Kisselman, G.'   3  ? 
primary 'Romanov, V.'     4  ? 
primary 'Wu-Brown, J.'    5  ? 
primary 'Virag, C.'       6  ? 
primary 'Ng, I.'          7  ? 
primary 'Kimber, M.'      8  ? 
primary 'Edwards, A.M.'   9  ? 
primary 'Pai, E.F.'       10 ? 
primary 'Chirgadze, N.Y.' 11 ? 
# 
loop_
_entity.id 
_entity.type 
_entity.src_method 
_entity.pdbx_description 
_entity.formula_weight 
_entity.pdbx_number_of_molecules 
_entity.pdbx_ec 
_entity.pdbx_mutation 
_entity.pdbx_fragment 
_entity.details 
1 polymer man 'Hypothetical protein PA0269' 18626.340 1   ? ? ? ? 
2 water   nat water                         18.015    108 ? ? ? ? 
# 
_entity_poly.entity_id                      1 
_entity_poly.type                           'polypeptide(L)' 
_entity_poly.nstd_linkage                   no 
_entity_poly.nstd_monomer                   yes 
_entity_poly.pdbx_seq_one_letter_code       
;(MSE)GSSHHHHHHSSGLVPRGSHMTTRLEWAKASPDAYAA(MSE)LGLEKALAKAGLERPLIELVYLRTSQINGCAYCV
N(MSE)HANDARKAGETEQRLQALCVWQETPYFTPRERAALAWTEQLARLSQGALPHGLLDELREHFDDKEIAELTLAVS
AINAWNRFGVG(MSE)G(MSE)QPE
;
_entity_poly.pdbx_seq_one_letter_code_can   
;MGSSHHHHHHSSGLVPRGSHMTTRLEWAKASPDAYAAMLGLEKALAKAGLERPLIELVYLRTSQINGCAYCVNMHANDAR
KAGETEQRLQALCVWQETPYFTPRERAALAWTEQLARLSQGALPHGLLDELREHFDDKEIAELTLAVSAINAWNRFGVGM
GMQPE
;
_entity_poly.pdbx_strand_id                 A 
_entity_poly.pdbx_target_identifier         ? 
# 
_pdbx_entity_nonpoly.entity_id   2 
_pdbx_entity_nonpoly.name        water 
_pdbx_entity_nonpoly.comp_id     HOH 
# 
loop_
_entity_poly_seq.entity_id 
_entity_poly_seq.num 
_entity_poly_seq.mon_id 
_entity_poly_seq.hetero 
1 1   MSE n 
1 2   GLY n 
1 3   SER n 
1 4   SER n 
1 5   HIS n 
1 6   HIS n 
1 7   HIS n 
1 8   HIS n 
1 9   HIS n 
1 10  HIS n 
1 11  SER n 
1 12  SER n 
1 13  GLY n 
1 14  LEU n 
1 15  VAL n 
1 16  PRO n 
1 17  ARG n 
1 18  GLY n 
1 19  SER n 
1 20  HIS n 
1 21  MET n 
1 22  THR n 
1 23  THR n 
1 24  ARG n 
1 25  LEU n 
1 26  GLU n 
1 27  TRP n 
1 28  ALA n 
1 29  LYS n 
1 30  ALA n 
1 31  SER n 
1 32  PRO n 
1 33  ASP n 
1 34  ALA n 
1 35  TYR n 
1 36  ALA n 
1 37  ALA n 
1 38  MSE n 
1 39  LEU n 
1 40  GLY n 
1 41  LEU n 
1 42  GLU n 
1 43  LYS n 
1 44  ALA n 
1 45  LEU n 
1 46  ALA n 
1 47  LYS n 
1 48  ALA n 
1 49  GLY n 
1 50  LEU n 
1 51  GLU n 
1 52  ARG n 
1 53  PRO n 
1 54  LEU n 
1 55  ILE n 
1 56  GLU n 
1 57  LEU n 
1 58  VAL n 
1 59  TYR n 
1 60  LEU n 
1 61  ARG n 
1 62  THR n 
1 63  SER n 
1 64  GLN n 
1 65  ILE n 
1 66  ASN n 
1 67  GLY n 
1 68  CYS n 
1 69  ALA n 
1 70  TYR n 
1 71  CYS n 
1 72  VAL n 
1 73  ASN n 
1 74  MSE n 
1 75  HIS n 
1 76  ALA n 
1 77  ASN n 
1 78  ASP n 
1 79  ALA n 
1 80  ARG n 
1 81  LYS n 
1 82  ALA n 
1 83  GLY n 
1 84  GLU n 
1 85  THR n 
1 86  GLU n 
1 87  GLN n 
1 88  ARG n 
1 89  LEU n 
1 90  GLN n 
1 91  ALA n 
1 92  LEU n 
1 93  CYS n 
1 94  VAL n 
1 95  TRP n 
1 96  GLN n 
1 97  GLU n 
1 98  THR n 
1 99  PRO n 
1 100 TYR n 
1 101 PHE n 
1 102 THR n 
1 103 PRO n 
1 104 ARG n 
1 105 GLU n 
1 106 ARG n 
1 107 ALA n 
1 108 ALA n 
1 109 LEU n 
1 110 ALA n 
1 111 TRP n 
1 112 THR n 
1 113 GLU n 
1 114 GLN n 
1 115 LEU n 
1 116 ALA n 
1 117 ARG n 
1 118 LEU n 
1 119 SER n 
1 120 GLN n 
1 121 GLY n 
1 122 ALA n 
1 123 LEU n 
1 124 PRO n 
1 125 HIS n 
1 126 GLY n 
1 127 LEU n 
1 128 LEU n 
1 129 ASP n 
1 130 GLU n 
1 131 LEU n 
1 132 ARG n 
1 133 GLU n 
1 134 HIS n 
1 135 PHE n 
1 136 ASP n 
1 137 ASP n 
1 138 LYS n 
1 139 GLU n 
1 140 ILE n 
1 141 ALA n 
1 142 GLU n 
1 143 LEU n 
1 144 THR n 
1 145 LEU n 
1 146 ALA n 
1 147 VAL n 
1 148 SER n 
1 149 ALA n 
1 150 ILE n 
1 151 ASN n 
1 152 ALA n 
1 153 TRP n 
1 154 ASN n 
1 155 ARG n 
1 156 PHE n 
1 157 GLY n 
1 158 VAL n 
1 159 GLY n 
1 160 MSE n 
1 161 GLY n 
1 162 MSE n 
1 163 GLN n 
1 164 PRO n 
1 165 GLU n 
# 
_entity_src_gen.entity_id                          1 
_entity_src_gen.pdbx_src_id                        1 
_entity_src_gen.pdbx_alt_source_flag               sample 
_entity_src_gen.pdbx_seq_type                      ? 
_entity_src_gen.pdbx_beg_seq_num                   ? 
_entity_src_gen.pdbx_end_seq_num                   ? 
_entity_src_gen.gene_src_common_name               ? 
_entity_src_gen.gene_src_genus                     Pseudomonas 
_entity_src_gen.pdbx_gene_src_gene                 PA0269 
_entity_src_gen.gene_src_species                   ? 
_entity_src_gen.gene_src_strain                    633 
_entity_src_gen.gene_src_tissue                    ? 
_entity_src_gen.gene_src_tissue_fraction           ? 
_entity_src_gen.gene_src_details                   ? 
_entity_src_gen.pdbx_gene_src_fragment             ? 
_entity_src_gen.pdbx_gene_src_scientific_name      'Pseudomonas aeruginosa' 
_entity_src_gen.pdbx_gene_src_ncbi_taxonomy_id     287 
_entity_src_gen.pdbx_gene_src_variant              ? 
_entity_src_gen.pdbx_gene_src_cell_line            ? 
_entity_src_gen.pdbx_gene_src_atcc                 ? 
_entity_src_gen.pdbx_gene_src_organ                ? 
_entity_src_gen.pdbx_gene_src_organelle            ? 
_entity_src_gen.pdbx_gene_src_cell                 ? 
_entity_src_gen.pdbx_gene_src_cellular_location    ? 
_entity_src_gen.host_org_common_name               ? 
_entity_src_gen.pdbx_host_org_scientific_name      'Escherichia coli BL21(DE3)' 
_entity_src_gen.pdbx_host_org_ncbi_taxonomy_id     469008 
_entity_src_gen.host_org_genus                     Escherichia 
_entity_src_gen.pdbx_host_org_gene                 ? 
_entity_src_gen.pdbx_host_org_organ                ? 
_entity_src_gen.host_org_species                   'Escherichia coli' 
_entity_src_gen.pdbx_host_org_tissue               ? 
_entity_src_gen.pdbx_host_org_tissue_fraction      ? 
_entity_src_gen.pdbx_host_org_strain               'BL21(DE3)' 
_entity_src_gen.pdbx_host_org_variant              ? 
_entity_src_gen.pdbx_host_org_cell_line            ? 
_entity_src_gen.pdbx_host_org_atcc                 ? 
_entity_src_gen.pdbx_host_org_culture_collection   ? 
_entity_src_gen.pdbx_host_org_cell                 ? 
_entity_src_gen.pdbx_host_org_organelle            ? 
_entity_src_gen.pdbx_host_org_cellular_location    ? 
_entity_src_gen.pdbx_host_org_vector_type          Plasmid 
_entity_src_gen.pdbx_host_org_vector               ? 
_entity_src_gen.host_org_details                   ? 
_entity_src_gen.expression_system_id               ? 
_entity_src_gen.plasmid_name                       pET15b 
_entity_src_gen.plasmid_details                    ? 
_entity_src_gen.pdbx_description                   ? 
# 
loop_
_chem_comp.id 
_chem_comp.type 
_chem_comp.mon_nstd_flag 
_chem_comp.name 
_chem_comp.pdbx_synonyms 
_chem_comp.formula 
_chem_comp.formula_weight 
ALA 'L-peptide linking' y ALANINE          ? 'C3 H7 N O2'     89.093  
ARG 'L-peptide linking' y ARGININE         ? 'C6 H15 N4 O2 1' 175.209 
ASN 'L-peptide linking' y ASPARAGINE       ? 'C4 H8 N2 O3'    132.118 
ASP 'L-peptide linking' y 'ASPARTIC ACID'  ? 'C4 H7 N O4'     133.103 
CYS 'L-peptide linking' y CYSTEINE         ? 'C3 H7 N O2 S'   121.158 
GLN 'L-peptide linking' y GLUTAMINE        ? 'C5 H10 N2 O3'   146.144 
GLU 'L-peptide linking' y 'GLUTAMIC ACID'  ? 'C5 H9 N O4'     147.129 
GLY 'peptide linking'   y GLYCINE          ? 'C2 H5 N O2'     75.067  
HIS 'L-peptide linking' y HISTIDINE        ? 'C6 H10 N3 O2 1' 156.162 
HOH non-polymer         . WATER            ? 'H2 O'           18.015  
ILE 'L-peptide linking' y ISOLEUCINE       ? 'C6 H13 N O2'    131.173 
LEU 'L-peptide linking' y LEUCINE          ? 'C6 H13 N O2'    131.173 
LYS 'L-peptide linking' y LYSINE           ? 'C6 H15 N2 O2 1' 147.195 
MET 'L-peptide linking' y METHIONINE       ? 'C5 H11 N O2 S'  149.211 
MSE 'L-peptide linking' n SELENOMETHIONINE ? 'C5 H11 N O2 Se' 196.106 
PHE 'L-peptide linking' y PHENYLALANINE    ? 'C9 H11 N O2'    165.189 
PRO 'L-peptide linking' y PROLINE          ? 'C5 H9 N O2'     115.130 
SER 'L-peptide linking' y SERINE           ? 'C3 H7 N O3'     105.093 
THR 'L-peptide linking' y THREONINE        ? 'C4 H9 N O3'     119.119 
TRP 'L-peptide linking' y TRYPTOPHAN       ? 'C11 H12 N2 O2'  204.225 
TYR 'L-peptide linking' y TYROSINE         ? 'C9 H11 N O3'    181.189 
VAL 'L-peptide linking' y VALINE           ? 'C5 H11 N O2'    117.146 
# 
loop_
_pdbx_poly_seq_scheme.asym_id 
_pdbx_poly_seq_scheme.entity_id 
_pdbx_poly_seq_scheme.seq_id 
_pdbx_poly_seq_scheme.mon_id 
_pdbx_poly_seq_scheme.ndb_seq_num 
_pdbx_poly_seq_scheme.pdb_seq_num 
_pdbx_poly_seq_scheme.auth_seq_num 
_pdbx_poly_seq_scheme.pdb_mon_id 
_pdbx_poly_seq_scheme.auth_mon_id 
_pdbx_poly_seq_scheme.pdb_strand_id 
_pdbx_poly_seq_scheme.pdb_ins_code 
_pdbx_poly_seq_scheme.hetero 
A 1 1   MSE 1   -19 ?   ?   ?   A . n 
A 1 2   GLY 2   -18 ?   ?   ?   A . n 
A 1 3   SER 3   -17 ?   ?   ?   A . n 
A 1 4   SER 4   -16 ?   ?   ?   A . n 
A 1 5   HIS 5   -15 ?   ?   ?   A . n 
A 1 6   HIS 6   -14 ?   ?   ?   A . n 
A 1 7   HIS 7   -13 ?   ?   ?   A . n 
A 1 8   HIS 8   -12 ?   ?   ?   A . n 
A 1 9   HIS 9   -11 ?   ?   ?   A . n 
A 1 10  HIS 10  -10 ?   ?   ?   A . n 
A 1 11  SER 11  -9  ?   ?   ?   A . n 
A 1 12  SER 12  -8  ?   ?   ?   A . n 
A 1 13  GLY 13  -7  ?   ?   ?   A . n 
A 1 14  LEU 14  -6  ?   ?   ?   A . n 
A 1 15  VAL 15  -5  ?   ?   ?   A . n 
A 1 16  PRO 16  -4  ?   ?   ?   A . n 
A 1 17  ARG 17  -3  ?   ?   ?   A . n 
A 1 18  GLY 18  -2  ?   ?   ?   A . n 
A 1 19  SER 19  -1  ?   ?   ?   A . n 
A 1 20  HIS 20  0   ?   ?   ?   A . n 
A 1 21  MET 21  1   ?   ?   ?   A . n 
A 1 22  THR 22  2   2   THR THR A . n 
A 1 23  THR 23  3   3   THR THR A . n 
A 1 24  ARG 24  4   4   ARG ARG A . n 
A 1 25  LEU 25  5   5   LEU LEU A . n 
A 1 26  GLU 26  6   6   GLU GLU A . n 
A 1 27  TRP 27  7   7   TRP TRP A . n 
A 1 28  ALA 28  8   8   ALA ALA A . n 
A 1 29  LYS 29  9   9   LYS LYS A . n 
A 1 30  ALA 30  10  10  ALA ALA A . n 
A 1 31  SER 31  11  11  SER SER A . n 
A 1 32  PRO 32  12  12  PRO PRO A . n 
A 1 33  ASP 33  13  13  ASP ASP A . n 
A 1 34  ALA 34  14  14  ALA ALA A . n 
A 1 35  TYR 35  15  15  TYR TYR A . n 
A 1 36  ALA 36  16  16  ALA ALA A . n 
A 1 37  ALA 37  17  17  ALA ALA A . n 
A 1 38  MSE 38  18  18  MSE MSE A . n 
A 1 39  LEU 39  19  19  LEU LEU A . n 
A 1 40  GLY 40  20  20  GLY GLY A . n 
A 1 41  LEU 41  21  21  LEU LEU A . n 
A 1 42  GLU 42  22  22  GLU GLU A . n 
A 1 43  LYS 43  23  23  LYS LYS A . n 
A 1 44  ALA 44  24  24  ALA ALA A . n 
A 1 45  LEU 45  25  25  LEU LEU A . n 
A 1 46  ALA 46  26  26  ALA ALA A . n 
A 1 47  LYS 47  27  27  LYS LYS A . n 
A 1 48  ALA 48  28  28  ALA ALA A . n 
A 1 49  GLY 49  29  29  GLY GLY A . n 
A 1 50  LEU 50  30  30  LEU LEU A . n 
A 1 51  GLU 51  31  31  GLU GLU A . n 
A 1 52  ARG 52  32  32  ARG ARG A . n 
A 1 53  PRO 53  33  33  PRO PRO A . n 
A 1 54  LEU 54  34  34  LEU LEU A . n 
A 1 55  ILE 55  35  35  ILE ILE A . n 
A 1 56  GLU 56  36  36  GLU GLU A . n 
A 1 57  LEU 57  37  37  LEU LEU A . n 
A 1 58  VAL 58  38  38  VAL VAL A . n 
A 1 59  TYR 59  39  39  TYR TYR A . n 
A 1 60  LEU 60  40  40  LEU LEU A . n 
A 1 61  ARG 61  41  41  ARG ARG A . n 
A 1 62  THR 62  42  42  THR THR A . n 
A 1 63  SER 63  43  43  SER SER A . n 
A 1 64  GLN 64  44  44  GLN GLN A . n 
A 1 65  ILE 65  45  45  ILE ILE A . n 
A 1 66  ASN 66  46  46  ASN ASN A . n 
A 1 67  GLY 67  47  47  GLY GLY A . n 
A 1 68  CYS 68  48  48  CYS CYS A . n 
A 1 69  ALA 69  49  49  ALA ALA A . n 
A 1 70  TYR 70  50  50  TYR TYR A . n 
A 1 71  CYS 71  51  51  CYS CYS A . n 
A 1 72  VAL 72  52  52  VAL VAL A . n 
A 1 73  ASN 73  53  53  ASN ASN A . n 
A 1 74  MSE 74  54  54  MSE MSE A . n 
A 1 75  HIS 75  55  55  HIS HIS A . n 
A 1 76  ALA 76  56  56  ALA ALA A . n 
A 1 77  ASN 77  57  57  ASN ASN A . n 
A 1 78  ASP 78  58  58  ASP ASP A . n 
A 1 79  ALA 79  59  59  ALA ALA A . n 
A 1 80  ARG 80  60  60  ARG ARG A . n 
A 1 81  LYS 81  61  61  LYS LYS A . n 
A 1 82  ALA 82  62  62  ALA ALA A . n 
A 1 83  GLY 83  63  63  GLY GLY A . n 
A 1 84  GLU 84  64  64  GLU GLU A . n 
A 1 85  THR 85  65  65  THR THR A . n 
A 1 86  GLU 86  66  66  GLU GLU A . n 
A 1 87  GLN 87  67  67  GLN GLN A . n 
A 1 88  ARG 88  68  68  ARG ARG A . n 
A 1 89  LEU 89  69  69  LEU LEU A . n 
A 1 90  GLN 90  70  70  GLN GLN A . n 
A 1 91  ALA 91  71  71  ALA ALA A . n 
A 1 92  LEU 92  72  72  LEU LEU A . n 
A 1 93  CYS 93  73  73  CYS CYS A . n 
A 1 94  VAL 94  74  74  VAL VAL A . n 
A 1 95  TRP 95  75  75  TRP TRP A . n 
A 1 96  GLN 96  76  76  GLN GLN A . n 
A 1 97  GLU 97  77  77  GLU GLU A . n 
A 1 98  THR 98  78  78  THR THR A . n 
A 1 99  PRO 99  79  79  PRO PRO A . n 
A 1 100 TYR 100 80  80  TYR TYR A . n 
A 1 101 PHE 101 81  81  PHE PHE A . n 
A 1 102 THR 102 82  82  THR THR A . n 
A 1 103 PRO 103 83  83  PRO PRO A . n 
A 1 104 ARG 104 84  84  ARG ARG A . n 
A 1 105 GLU 105 85  85  GLU GLU A . n 
A 1 106 ARG 106 86  86  ARG ARG A . n 
A 1 107 ALA 107 87  87  ALA ALA A . n 
A 1 108 ALA 108 88  88  ALA ALA A . n 
A 1 109 LEU 109 89  89  LEU LEU A . n 
A 1 110 ALA 110 90  90  ALA ALA A . n 
A 1 111 TRP 111 91  91  TRP TRP A . n 
A 1 112 THR 112 92  92  THR THR A . n 
A 1 113 GLU 113 93  93  GLU GLU A . n 
A 1 114 GLN 114 94  94  GLN GLN A . n 
A 1 115 LEU 115 95  95  LEU LEU A . n 
A 1 116 ALA 116 96  96  ALA ALA A . n 
A 1 117 ARG 117 97  97  ARG ARG A . n 
A 1 118 LEU 118 98  98  LEU LEU A . n 
A 1 119 SER 119 99  99  SER SER A . n 
A 1 120 GLN 120 100 100 GLN GLN A . n 
A 1 121 GLY 121 101 101 GLY GLY A . n 
A 1 122 ALA 122 102 102 ALA ALA A . n 
A 1 123 LEU 123 103 103 LEU LEU A . n 
A 1 124 PRO 124 104 104 PRO PRO A . n 
A 1 125 HIS 125 105 105 HIS HIS A . n 
A 1 126 GLY 126 106 106 GLY GLY A . n 
A 1 127 LEU 127 107 107 LEU LEU A . n 
A 1 128 LEU 128 108 108 LEU LEU A . n 
A 1 129 ASP 129 109 109 ASP ASP A . n 
A 1 130 GLU 130 110 110 GLU GLU A . n 
A 1 131 LEU 131 111 111 LEU LEU A . n 
A 1 132 ARG 132 112 112 ARG ARG A . n 
A 1 133 GLU 133 113 113 GLU GLU A . n 
A 1 134 HIS 134 114 114 HIS HIS A . n 
A 1 135 PHE 135 115 115 PHE PHE A . n 
A 1 136 ASP 136 116 116 ASP ASP A . n 
A 1 137 ASP 137 117 117 ASP ASP A . n 
A 1 138 LYS 138 118 118 LYS LYS A . n 
A 1 139 GLU 139 119 119 GLU GLU A . n 
A 1 140 ILE 140 120 120 ILE ILE A . n 
A 1 141 ALA 141 121 121 ALA ALA A . n 
A 1 142 GLU 142 122 122 GLU GLU A . n 
A 1 143 LEU 143 123 123 LEU LEU A . n 
A 1 144 THR 144 124 124 THR THR A . n 
A 1 145 LEU 145 125 125 LEU LEU A . n 
A 1 146 ALA 146 126 126 ALA ALA A . n 
A 1 147 VAL 147 127 127 VAL VAL A . n 
A 1 148 SER 148 128 128 SER SER A . n 
A 1 149 ALA 149 129 129 ALA ALA A . n 
A 1 150 ILE 150 130 130 ILE ILE A . n 
A 1 151 ASN 151 131 131 ASN ASN A . n 
A 1 152 ALA 152 132 132 ALA ALA A . n 
A 1 153 TRP 153 133 133 TRP TRP A . n 
A 1 154 ASN 154 134 134 ASN ASN A . n 
A 1 155 ARG 155 135 135 ARG ARG A . n 
A 1 156 PHE 156 136 136 PHE PHE A . n 
A 1 157 GLY 157 137 137 GLY GLY A . n 
A 1 158 VAL 158 138 138 VAL VAL A . n 
A 1 159 GLY 159 139 139 GLY GLY A . n 
A 1 160 MSE 160 140 140 MSE MSE A . n 
A 1 161 GLY 161 141 141 GLY GLY A . n 
A 1 162 MSE 162 142 142 MSE MSE A . n 
A 1 163 GLN 163 143 143 GLN GLN A . n 
A 1 164 PRO 164 144 144 PRO PRO A . n 
A 1 165 GLU 165 145 145 GLU GLU A . n 
# 
loop_
_pdbx_nonpoly_scheme.asym_id 
_pdbx_nonpoly_scheme.entity_id 
_pdbx_nonpoly_scheme.mon_id 
_pdbx_nonpoly_scheme.ndb_seq_num 
_pdbx_nonpoly_scheme.pdb_seq_num 
_pdbx_nonpoly_scheme.auth_seq_num 
_pdbx_nonpoly_scheme.pdb_mon_id 
_pdbx_nonpoly_scheme.auth_mon_id 
_pdbx_nonpoly_scheme.pdb_strand_id 
_pdbx_nonpoly_scheme.pdb_ins_code 
B 2 HOH 1   146 1   HOH HOH A . 
B 2 HOH 2   147 2   HOH HOH A . 
B 2 HOH 3   148 3   HOH HOH A . 
B 2 HOH 4   149 4   HOH HOH A . 
B 2 HOH 5   150 5   HOH HOH A . 
B 2 HOH 6   151 6   HOH HOH A . 
B 2 HOH 7   152 7   HOH HOH A . 
B 2 HOH 8   153 8   HOH HOH A . 
B 2 HOH 9   154 9   HOH HOH A . 
B 2 HOH 10  155 10  HOH HOH A . 
B 2 HOH 11  156 11  HOH HOH A . 
B 2 HOH 12  157 12  HOH HOH A . 
B 2 HOH 13  158 13  HOH HOH A . 
B 2 HOH 14  159 14  HOH HOH A . 
B 2 HOH 15  160 15  HOH HOH A . 
B 2 HOH 16  161 16  HOH HOH A . 
B 2 HOH 17  162 17  HOH HOH A . 
B 2 HOH 18  163 18  HOH HOH A . 
B 2 HOH 19  164 19  HOH HOH A . 
B 2 HOH 20  165 20  HOH HOH A . 
B 2 HOH 21  166 21  HOH HOH A . 
B 2 HOH 22  167 22  HOH HOH A . 
B 2 HOH 23  168 23  HOH HOH A . 
B 2 HOH 24  169 24  HOH HOH A . 
B 2 HOH 25  170 25  HOH HOH A . 
B 2 HOH 26  171 26  HOH HOH A . 
B 2 HOH 27  172 27  HOH HOH A . 
B 2 HOH 28  173 28  HOH HOH A . 
B 2 HOH 29  174 29  HOH HOH A . 
B 2 HOH 30  175 30  HOH HOH A . 
B 2 HOH 31  176 31  HOH HOH A . 
B 2 HOH 32  177 32  HOH HOH A . 
B 2 HOH 33  178 33  HOH HOH A . 
B 2 HOH 34  179 34  HOH HOH A . 
B 2 HOH 35  180 35  HOH HOH A . 
B 2 HOH 36  181 36  HOH HOH A . 
B 2 HOH 37  182 37  HOH HOH A . 
B 2 HOH 38  183 38  HOH HOH A . 
B 2 HOH 39  184 39  HOH HOH A . 
B 2 HOH 40  185 40  HOH HOH A . 
B 2 HOH 41  186 41  HOH HOH A . 
B 2 HOH 42  187 42  HOH HOH A . 
B 2 HOH 43  188 43  HOH HOH A . 
B 2 HOH 44  189 44  HOH HOH A . 
B 2 HOH 45  190 45  HOH HOH A . 
B 2 HOH 46  191 46  HOH HOH A . 
B 2 HOH 47  192 47  HOH HOH A . 
B 2 HOH 48  193 48  HOH HOH A . 
B 2 HOH 49  194 49  HOH HOH A . 
B 2 HOH 50  195 50  HOH HOH A . 
B 2 HOH 51  196 51  HOH HOH A . 
B 2 HOH 52  197 52  HOH HOH A . 
B 2 HOH 53  198 53  HOH HOH A . 
B 2 HOH 54  199 54  HOH HOH A . 
B 2 HOH 55  200 55  HOH HOH A . 
B 2 HOH 56  201 56  HOH HOH A . 
B 2 HOH 57  202 57  HOH HOH A . 
B 2 HOH 58  203 58  HOH HOH A . 
B 2 HOH 59  204 59  HOH HOH A . 
B 2 HOH 60  205 60  HOH HOH A . 
B 2 HOH 61  206 61  HOH HOH A . 
B 2 HOH 62  207 62  HOH HOH A . 
B 2 HOH 63  208 63  HOH HOH A . 
B 2 HOH 64  209 64  HOH HOH A . 
B 2 HOH 65  210 65  HOH HOH A . 
B 2 HOH 66  211 66  HOH HOH A . 
B 2 HOH 67  212 67  HOH HOH A . 
B 2 HOH 68  213 68  HOH HOH A . 
B 2 HOH 69  214 69  HOH HOH A . 
B 2 HOH 70  215 70  HOH HOH A . 
B 2 HOH 71  216 71  HOH HOH A . 
B 2 HOH 72  217 72  HOH HOH A . 
B 2 HOH 73  218 73  HOH HOH A . 
B 2 HOH 74  219 74  HOH HOH A . 
B 2 HOH 75  220 75  HOH HOH A . 
B 2 HOH 76  221 76  HOH HOH A . 
B 2 HOH 77  222 77  HOH HOH A . 
B 2 HOH 78  223 78  HOH HOH A . 
B 2 HOH 79  224 79  HOH HOH A . 
B 2 HOH 80  225 80  HOH HOH A . 
B 2 HOH 81  226 81  HOH HOH A . 
B 2 HOH 82  227 82  HOH HOH A . 
B 2 HOH 83  228 83  HOH HOH A . 
B 2 HOH 84  229 84  HOH HOH A . 
B 2 HOH 85  230 85  HOH HOH A . 
B 2 HOH 86  231 86  HOH HOH A . 
B 2 HOH 87  232 87  HOH HOH A . 
B 2 HOH 88  233 88  HOH HOH A . 
B 2 HOH 89  234 89  HOH HOH A . 
B 2 HOH 90  235 90  HOH HOH A . 
B 2 HOH 91  236 91  HOH HOH A . 
B 2 HOH 92  237 92  HOH HOH A . 
B 2 HOH 93  238 93  HOH HOH A . 
B 2 HOH 94  239 94  HOH HOH A . 
B 2 HOH 95  240 95  HOH HOH A . 
B 2 HOH 96  241 96  HOH HOH A . 
B 2 HOH 97  242 97  HOH HOH A . 
B 2 HOH 98  243 98  HOH HOH A . 
B 2 HOH 99  244 99  HOH HOH A . 
B 2 HOH 100 245 100 HOH HOH A . 
B 2 HOH 101 246 101 HOH HOH A . 
B 2 HOH 102 247 102 HOH HOH A . 
B 2 HOH 103 248 103 HOH HOH A . 
B 2 HOH 104 249 104 HOH HOH A . 
B 2 HOH 105 250 105 HOH HOH A . 
B 2 HOH 106 251 106 HOH HOH A . 
B 2 HOH 107 252 107 HOH HOH A . 
B 2 HOH 108 253 108 HOH HOH A . 
# 
loop_
_software.name 
_software.version 
_software.date 
_software.type 
_software.contact_author 
_software.contact_author_email 
_software.classification 
_software.location 
_software.language 
_software.citation_id 
_software.pdbx_ordinal 
REFMAC      .     ?                program 'Murshudov, G.N.' ccp4@dl.ac.uk            refinement        
http://www.ccp4.ac.uk/main.html  Fortran_77 ? 1 
PDB_EXTRACT 2.000 'April. 3, 2006' package PDB               sw-help@rcsb.rutgers.edu 'data extraction' 
http://pdb.rutgers.edu/software/ C++        ? 2 
JDirector   .     ?                ?       ?                 ?                        'data collection' ? ?          ? 3 
HKL-2000    .     ?                ?       ?                 ?                        'data reduction'  ? ?          ? 4 
HKL-2000    .     ?                ?       ?                 ?                        'data scaling'    ? ?          ? 5 
SHARP       .     ?                ?       ?                 ?                        phasing           ? ?          ? 6 
# 
_cell.length_a           92.718 
_cell.length_b           92.718 
_cell.length_c           65.303 
_cell.angle_alpha        90.000 
_cell.angle_beta         90.000 
_cell.angle_gamma        120.000 
_cell.entry_id           2O4D 
_cell.pdbx_unique_axis   ? 
_cell.Z_PDB              12 
_cell.length_a_esd       ? 
_cell.length_b_esd       ? 
_cell.length_c_esd       ? 
_cell.angle_alpha_esd    ? 
_cell.angle_beta_esd     ? 
_cell.angle_gamma_esd    ? 
# 
_symmetry.space_group_name_H-M             'P 63 2 2' 
_symmetry.entry_id                         2O4D 
_symmetry.pdbx_full_space_group_name_H-M   ? 
_symmetry.Int_Tables_number                182 
_symmetry.cell_setting                     ? 
_symmetry.space_group_name_Hall            ? 
# 
_exptl.crystals_number   1 
_exptl.entry_id          2O4D 
_exptl.method            'X-RAY DIFFRACTION' 
# 
_exptl_crystal.id                    1 
_exptl_crystal.density_Matthews      2.17 
_exptl_crystal.density_meas          ? 
_exptl_crystal.density_percent_sol   43.43 
_exptl_crystal.description           ? 
_exptl_crystal.F_000                 ? 
_exptl_crystal.preparation           ? 
# 
_exptl_crystal_grow.crystal_id      1 
_exptl_crystal_grow.method          'VAPOR DIFFUSION, SITTING DROP' 
_exptl_crystal_grow.pH              7.6 
_exptl_crystal_grow.temp            298 
_exptl_crystal_grow.temp_details    ? 
_exptl_crystal_grow.pdbx_details    
;0.2M NaCl, 0.1M Tris pH7.6, 0.4M sodium dihydrogen phosphate, 1.6M dipotassium hydrogen phosphate, VAPOR DIFFUSION, SITTING DROP, temperature 298K
;
_exptl_crystal_grow.pdbx_pH_range   . 
# 
_diffrn.id                     1 
_diffrn.ambient_temp           100 
_diffrn.ambient_temp_details   ? 
_diffrn.crystal_id             1 
# 
_diffrn_detector.diffrn_id              1 
_diffrn_detector.detector               CCD 
_diffrn_detector.type                   'ADSC QUANTUM 210' 
_diffrn_detector.pdbx_collection_date   2006-11-12 
_diffrn_detector.details                ? 
# 
_diffrn_radiation.diffrn_id                        1 
_diffrn_radiation.wavelength_id                    1 
_diffrn_radiation.pdbx_diffrn_protocol             'SINGLE WAVELENGTH' 
_diffrn_radiation.monochromator                    'Si 111' 
_diffrn_radiation.pdbx_monochromatic_or_laue_m_l   M 
_diffrn_radiation.pdbx_scattering_type             x-ray 
# 
_diffrn_radiation_wavelength.id           1 
_diffrn_radiation_wavelength.wavelength   0.979337962 
_diffrn_radiation_wavelength.wt           1.0 
# 
_diffrn_source.diffrn_id                   1 
_diffrn_source.source                      SYNCHROTRON 
_diffrn_source.type                        'APS BEAMLINE 17-ID' 
_diffrn_source.pdbx_wavelength             0.979337962 
_diffrn_source.pdbx_wavelength_list        ? 
_diffrn_source.pdbx_synchrotron_site       APS 
_diffrn_source.pdbx_synchrotron_beamline   17-ID 
# 
_reflns.entry_id                     2O4D 
_reflns.observed_criterion_sigma_F   ? 
_reflns.observed_criterion_sigma_I   ? 
_reflns.d_resolution_high            1.85 
_reflns.d_resolution_low             50 
_reflns.number_all                   14576 
_reflns.number_obs                   14543 
_reflns.percent_possible_obs         99.9 
_reflns.pdbx_Rmerge_I_obs            0.09 
_reflns.pdbx_Rsym_value              ? 
_reflns.pdbx_netI_over_sigmaI        28.5 
_reflns.B_iso_Wilson_estimate        ? 
_reflns.pdbx_redundancy              21.5 
_reflns.R_free_details               ? 
_reflns.limit_h_max                  ? 
_reflns.limit_h_min                  ? 
_reflns.limit_k_max                  ? 
_reflns.limit_k_min                  ? 
_reflns.limit_l_max                  ? 
_reflns.limit_l_min                  ? 
_reflns.observed_criterion_F_max     ? 
_reflns.observed_criterion_F_min     ? 
_reflns.pdbx_chi_squared             ? 
_reflns.pdbx_scaling_rejects         ? 
_reflns.pdbx_ordinal                 1 
_reflns.pdbx_diffrn_id               1 
# 
_reflns_shell.d_res_high             1.85 
_reflns_shell.d_res_low              1.92 
_reflns_shell.percent_possible_obs   ? 
_reflns_shell.percent_possible_all   100 
_reflns_shell.Rmerge_I_obs           0.446 
_reflns_shell.meanI_over_sigI_obs    9.7 
_reflns_shell.pdbx_Rsym_value        ? 
_reflns_shell.pdbx_redundancy        20.2 
_reflns_shell.number_unique_all      1421 
_reflns_shell.number_measured_all    ? 
_reflns_shell.number_measured_obs    ? 
_reflns_shell.number_unique_obs      ? 
_reflns_shell.pdbx_chi_squared       ? 
_reflns_shell.pdbx_ordinal           1 
_reflns_shell.pdbx_diffrn_id         1 
# 
_refine.entry_id                                 2O4D 
_refine.ls_d_res_high                            1.850 
_refine.ls_d_res_low                             30.000 
_refine.pdbx_ls_sigma_F                          0.00 
_refine.ls_percent_reflns_obs                    99.690 
_refine.ls_number_reflns_obs                     14543 
_refine.pdbx_ls_cross_valid_method               THROUGHOUT 
_refine.pdbx_R_Free_selection_details            RANDOM 
_refine.details                                  'HYDROGENS HAVE BEEN ADDED IN THE RIDING POSITIONS' 
_refine.ls_R_factor_obs                          0.176 
_refine.ls_R_factor_R_work                       0.175 
_refine.ls_R_factor_R_free                       0.206 
_refine.ls_percent_reflns_R_free                 5.000 
_refine.ls_number_reflns_R_free                  727 
_refine.B_iso_mean                               29.679 
_refine.aniso_B[1][1]                            0.730 
_refine.aniso_B[2][2]                            0.730 
_refine.aniso_B[3][3]                            -1.100 
_refine.aniso_B[1][2]                            0.370 
_refine.aniso_B[1][3]                            0.000 
_refine.aniso_B[2][3]                            0.000 
_refine.correlation_coeff_Fo_to_Fc               0.958 
_refine.correlation_coeff_Fo_to_Fc_free          0.952 
_refine.pdbx_overall_ESU_R                       0.124 
_refine.pdbx_overall_ESU_R_Free                  0.117 
_refine.overall_SU_ML                            0.074 
_refine.overall_SU_B                             4.868 
_refine.solvent_model_details                    MASK 
_refine.pdbx_solvent_vdw_probe_radii             1.400 
_refine.pdbx_solvent_ion_probe_radii             0.800 
_refine.pdbx_solvent_shrinkage_radii             0.800 
_refine.pdbx_stereochemistry_target_values       'MAXIMUM LIKELIHOOD' 
_refine.pdbx_ls_sigma_I                          ? 
_refine.ls_number_reflns_all                     14576 
_refine.ls_R_factor_all                          ? 
_refine.ls_redundancy_reflns_obs                 ? 
_refine.pdbx_data_cutoff_high_absF               ? 
_refine.pdbx_data_cutoff_low_absF                ? 
_refine.ls_number_parameters                     ? 
_refine.ls_number_restraints                     ? 
_refine.ls_R_factor_R_free_error                 ? 
_refine.ls_R_factor_R_free_error_details         ? 
_refine.pdbx_method_to_determine_struct          SAD 
_refine.pdbx_starting_model                      ? 
_refine.pdbx_stereochem_target_val_spec_case     ? 
_refine.solvent_model_param_bsol                 ? 
_refine.solvent_model_param_ksol                 ? 
_refine.occupancy_max                            ? 
_refine.occupancy_min                            ? 
_refine.pdbx_isotropic_thermal_model             ? 
_refine.B_iso_min                                ? 
_refine.B_iso_max                                ? 
_refine.overall_SU_R_Cruickshank_DPI             ? 
_refine.overall_SU_R_free                        ? 
_refine.pdbx_data_cutoff_high_rms_absF           ? 
_refine.ls_wR_factor_R_free                      ? 
_refine.ls_wR_factor_R_work                      ? 
_refine.overall_FOM_free_R_set                   ? 
_refine.overall_FOM_work_R_set                   ? 
_refine.pdbx_refine_id                           'X-RAY DIFFRACTION' 
_refine.pdbx_TLS_residual_ADP_flag               'LIKELY RESIDUAL' 
_refine.pdbx_diffrn_id                           1 
_refine.pdbx_overall_phase_error                 ? 
_refine.pdbx_overall_SU_R_free_Cruickshank_DPI   ? 
_refine.pdbx_overall_SU_R_Blow_DPI               ? 
_refine.pdbx_overall_SU_R_free_Blow_DPI          ? 
# 
_refine_hist.pdbx_refine_id                   'X-RAY DIFFRACTION' 
_refine_hist.cycle_id                         LAST 
_refine_hist.pdbx_number_atoms_protein        1128 
_refine_hist.pdbx_number_atoms_nucleic_acid   0 
_refine_hist.pdbx_number_atoms_ligand         0 
_refine_hist.number_atoms_solvent             108 
_refine_hist.number_atoms_total               1236 
_refine_hist.d_res_high                       1.850 
_refine_hist.d_res_low                        30.000 
# 
loop_
_refine_ls_restr.type 
_refine_ls_restr.number 
_refine_ls_restr.dev_ideal 
_refine_ls_restr.dev_ideal_target 
_refine_ls_restr.weight 
_refine_ls_restr.pdbx_refine_id 
_refine_ls_restr.pdbx_restraint_function 
r_bond_refined_d         1165 0.011  0.022  ? 'X-RAY DIFFRACTION' ? 
r_angle_refined_deg      1583 1.219  1.957  ? 'X-RAY DIFFRACTION' ? 
r_dihedral_angle_1_deg   147  4.778  5.000  ? 'X-RAY DIFFRACTION' ? 
r_dihedral_angle_2_deg   57   29.779 24.035 ? 'X-RAY DIFFRACTION' ? 
r_dihedral_angle_3_deg   198  12.866 15.000 ? 'X-RAY DIFFRACTION' ? 
r_dihedral_angle_4_deg   10   16.346 15.000 ? 'X-RAY DIFFRACTION' ? 
r_chiral_restr           173  0.086  0.200  ? 'X-RAY DIFFRACTION' ? 
r_gen_planes_refined     897  0.006  0.020  ? 'X-RAY DIFFRACTION' ? 
r_nbd_refined            531  0.191  0.200  ? 'X-RAY DIFFRACTION' ? 
r_nbtor_refined          807  0.299  0.200  ? 'X-RAY DIFFRACTION' ? 
r_xyhbond_nbd_refined    71   0.123  0.200  ? 'X-RAY DIFFRACTION' ? 
r_symmetry_vdw_refined   70   0.178  0.200  ? 'X-RAY DIFFRACTION' ? 
r_symmetry_hbond_refined 13   0.123  0.200  ? 'X-RAY DIFFRACTION' ? 
r_mcbond_it              755  0.778  1.500  ? 'X-RAY DIFFRACTION' ? 
r_mcangle_it             1147 1.135  2.000  ? 'X-RAY DIFFRACTION' ? 
r_scbond_it              488  2.022  3.000  ? 'X-RAY DIFFRACTION' ? 
r_scangle_it             434  2.998  4.500  ? 'X-RAY DIFFRACTION' ? 
# 
_refine_ls_shell.d_res_high                       1.852 
_refine_ls_shell.d_res_low                        1.900 
_refine_ls_shell.pdbx_total_number_of_bins_used   20 
_refine_ls_shell.percent_reflns_obs               98.270 
_refine_ls_shell.number_reflns_R_work             966 
_refine_ls_shell.R_factor_all                     ? 
_refine_ls_shell.R_factor_R_work                  0.215 
_refine_ls_shell.R_factor_R_free                  0.273 
_refine_ls_shell.percent_reflns_R_free            ? 
_refine_ls_shell.number_reflns_R_free             58 
_refine_ls_shell.R_factor_R_free_error            ? 
_refine_ls_shell.number_reflns_all                ? 
_refine_ls_shell.number_reflns_obs                1024 
_refine_ls_shell.redundancy_reflns_obs            ? 
_refine_ls_shell.pdbx_refine_id                   'X-RAY DIFFRACTION' 
# 
_struct.entry_id                  2O4D 
_struct.title                     'Crystal Structure of a hypothetical protein from Pseudomonas aeruginosa' 
_struct.pdbx_model_details        ? 
_struct.pdbx_CASP_flag            ? 
_struct.pdbx_model_type_details   ? 
# 
_struct_keywords.entry_id        2O4D 
_struct_keywords.pdbx_keywords   'UNKNOWN FUNCTION' 
_struct_keywords.text            'hypothetical protein, UNKNOWN FUNCTION' 
# 
loop_
_struct_asym.id 
_struct_asym.pdbx_blank_PDB_chainid_flag 
_struct_asym.pdbx_modified 
_struct_asym.entity_id 
_struct_asym.details 
A N N 1 ? 
B N N 2 ? 
# 
_struct_ref.id                         1 
_struct_ref.db_name                    UNP 
_struct_ref.db_code                    Q9I6M1_PSEAE 
_struct_ref.pdbx_db_accession          Q9I6M1 
_struct_ref.entity_id                  1 
_struct_ref.pdbx_seq_one_letter_code   
;MTTRLEWAKASPDAYAAMLGLEKALAKAGLERPLIELVYLRTSQINGCAYCVNMHANDARKAGETEQRLQALCVWQETPY
FTPRERAALAWTEQLARLSQGALPHGLLDELREHFDDKEIAELTLAVSAINAWNRFGVGMGMQPE
;
_struct_ref.pdbx_align_begin           1 
_struct_ref.pdbx_db_isoform            ? 
# 
_struct_ref_seq.align_id                      1 
_struct_ref_seq.ref_id                        1 
_struct_ref_seq.pdbx_PDB_id_code              2O4D 
_struct_ref_seq.pdbx_strand_id                A 
_struct_ref_seq.seq_align_beg                 21 
_struct_ref_seq.pdbx_seq_align_beg_ins_code   ? 
_struct_ref_seq.seq_align_end                 165 
_struct_ref_seq.pdbx_seq_align_end_ins_code   ? 
_struct_ref_seq.pdbx_db_accession             Q9I6M1 
_struct_ref_seq.db_align_beg                  1 
_struct_ref_seq.pdbx_db_align_beg_ins_code    ? 
_struct_ref_seq.db_align_end                  145 
_struct_ref_seq.pdbx_db_align_end_ins_code    ? 
_struct_ref_seq.pdbx_auth_seq_align_beg       1 
_struct_ref_seq.pdbx_auth_seq_align_end       145 
# 
loop_
_struct_ref_seq_dif.align_id 
_struct_ref_seq_dif.pdbx_pdb_id_code 
_struct_ref_seq_dif.mon_id 
_struct_ref_seq_dif.pdbx_pdb_strand_id 
_struct_ref_seq_dif.seq_num 
_struct_ref_seq_dif.pdbx_pdb_ins_code 
_struct_ref_seq_dif.pdbx_seq_db_name 
_struct_ref_seq_dif.pdbx_seq_db_accession_code 
_struct_ref_seq_dif.db_mon_id 
_struct_ref_seq_dif.pdbx_seq_db_seq_num 
_struct_ref_seq_dif.details 
_struct_ref_seq_dif.pdbx_auth_seq_num 
_struct_ref_seq_dif.pdbx_ordinal 
1 2O4D MSE A 1   ? UNP Q9I6M1 ?   ?   'cloning artifact' -19 1  
1 2O4D GLY A 2   ? UNP Q9I6M1 ?   ?   'cloning artifact' -18 2  
1 2O4D SER A 3   ? UNP Q9I6M1 ?   ?   'cloning artifact' -17 3  
1 2O4D SER A 4   ? UNP Q9I6M1 ?   ?   'cloning artifact' -16 4  
1 2O4D HIS A 5   ? UNP Q9I6M1 ?   ?   'cloning artifact' -15 5  
1 2O4D HIS A 6   ? UNP Q9I6M1 ?   ?   'cloning artifact' -14 6  
1 2O4D HIS A 7   ? UNP Q9I6M1 ?   ?   'cloning artifact' -13 7  
1 2O4D HIS A 8   ? UNP Q9I6M1 ?   ?   'cloning artifact' -12 8  
1 2O4D HIS A 9   ? UNP Q9I6M1 ?   ?   'cloning artifact' -11 9  
1 2O4D HIS A 10  ? UNP Q9I6M1 ?   ?   'cloning artifact' -10 10 
1 2O4D SER A 11  ? UNP Q9I6M1 ?   ?   'cloning artifact' -9  11 
1 2O4D SER A 12  ? UNP Q9I6M1 ?   ?   'cloning artifact' -8  12 
1 2O4D GLY A 13  ? UNP Q9I6M1 ?   ?   'cloning artifact' -7  13 
1 2O4D LEU A 14  ? UNP Q9I6M1 ?   ?   'cloning artifact' -6  14 
1 2O4D VAL A 15  ? UNP Q9I6M1 ?   ?   'cloning artifact' -5  15 
1 2O4D PRO A 16  ? UNP Q9I6M1 ?   ?   'cloning artifact' -4  16 
1 2O4D ARG A 17  ? UNP Q9I6M1 ?   ?   'cloning artifact' -3  17 
1 2O4D GLY A 18  ? UNP Q9I6M1 ?   ?   'cloning artifact' -2  18 
1 2O4D SER A 19  ? UNP Q9I6M1 ?   ?   'cloning artifact' -1  19 
1 2O4D HIS A 20  ? UNP Q9I6M1 ?   ?   'cloning artifact' 0   20 
1 2O4D MSE A 38  ? UNP Q9I6M1 MET 18  'modified residue' 18  21 
1 2O4D MSE A 74  ? UNP Q9I6M1 MET 54  'modified residue' 54  22 
1 2O4D MSE A 160 ? UNP Q9I6M1 MET 140 'modified residue' 140 23 
1 2O4D MSE A 162 ? UNP Q9I6M1 MET 142 'modified residue' 142 24 
# 
_pdbx_struct_assembly.id                   1 
_pdbx_struct_assembly.details              author_and_software_defined_assembly 
_pdbx_struct_assembly.method_details       PISA,PQS 
_pdbx_struct_assembly.oligomeric_details   hexameric 
_pdbx_struct_assembly.oligomeric_count     6 
# 
loop_
_pdbx_struct_assembly_prop.biol_id 
_pdbx_struct_assembly_prop.type 
_pdbx_struct_assembly_prop.value 
_pdbx_struct_assembly_prop.details 
1 'ABSA (A^2)' 16610 ? 
1 MORE         -90   ? 
1 'SSA (A^2)'  31570 ? 
# 
_pdbx_struct_assembly_gen.assembly_id       1 
_pdbx_struct_assembly_gen.oper_expression   1,2,3,4,5,6 
_pdbx_struct_assembly_gen.asym_id_list      A,B 
# 
loop_
_pdbx_struct_oper_list.id 
_pdbx_struct_oper_list.type 
_pdbx_struct_oper_list.name 
_pdbx_struct_oper_list.symmetry_operation 
_pdbx_struct_oper_list.matrix[1][1] 
_pdbx_struct_oper_list.matrix[1][2] 
_pdbx_struct_oper_list.matrix[1][3] 
_pdbx_struct_oper_list.vector[1] 
_pdbx_struct_oper_list.matrix[2][1] 
_pdbx_struct_oper_list.matrix[2][2] 
_pdbx_struct_oper_list.matrix[2][3] 
_pdbx_struct_oper_list.vector[2] 
_pdbx_struct_oper_list.matrix[3][1] 
_pdbx_struct_oper_list.matrix[3][2] 
_pdbx_struct_oper_list.matrix[3][3] 
_pdbx_struct_oper_list.vector[3] 
1 'identity operation'         1_555  x,y,z            1.0000000000  0.0000000000  0.0000000000  0.0000000000  0.0000000000  1.0000000000  0.0000000000  0.0000000000  0.0000000000  0.0000000000  1.0000000000  0.0000000000  
2 'crystal symmetry operation' 2_665  -y+1,x-y+1,z     0.4752032204  -0.8723481852 0.1148500892  18.9407835220 -0.1722789978 -0.2202516541 -0.9601089292 34.0620564143 0.8628452041  0.4364605968  -0.2549515664 -1.3911043104 
3 'crystal symmetry operation' 3_565  -x+y,-x+1,z      0.4752032204  -0.1722789978 0.8628452041  -1.9322367030 -0.8723481852 -0.2202516541 0.4364605968  24.6323446160 0.1148500892  -0.9601089292 -0.2549515664 30.1732696073 
4 'crystal symmetry operation' 10_665 -y+1,-x+1,-z+1/2 -0.9771528896 -0.1209265104 -0.1747827491 21.4988864999 -0.1209265104 -0.3599531549 0.9251002677  15.0716936312 -0.1747827491 0.9251002677  0.3371060445  -7.6173414729 
5 'crystal symmetry operation' 11_555 -x+y,y,-z+1/2    -0.5943235588 0.8027660309  0.0484376616  -0.8850194341 0.8027660309  0.5885401147  0.0958500553  -0.7664048644 0.0484376616  0.0958500553  -0.9942165558 20.1140041478 
6 'crystal symmetry operation' 12_565 x,x-y+1,-z+1/2   -0.3789299924 0.3627876626  -0.8513502057 15.1345066877 0.3627876626  -0.7880836516 -0.4973019907 34.3521619077 -0.8513502057 -0.4973019907 0.1670136440  25.6793603363 
# 
_struct_biol.id   1 
# 
loop_
_struct_conf.conf_type_id 
_struct_conf.id 
_struct_conf.pdbx_PDB_helix_id 
_struct_conf.beg_label_comp_id 
_struct_conf.beg_label_asym_id 
_struct_conf.beg_label_seq_id 
_struct_conf.pdbx_beg_PDB_ins_code 
_struct_conf.end_label_comp_id 
_struct_conf.end_label_asym_id 
_struct_conf.end_label_seq_id 
_struct_conf.pdbx_end_PDB_ins_code 
_struct_conf.beg_auth_comp_id 
_struct_conf.beg_auth_asym_id 
_struct_conf.beg_auth_seq_id 
_struct_conf.end_auth_comp_id 
_struct_conf.end_auth_asym_id 
_struct_conf.end_auth_seq_id 
_struct_conf.pdbx_PDB_helix_class 
_struct_conf.details 
_struct_conf.pdbx_PDB_helix_length 
HELX_P HELX_P1  1  GLU A 26  ? SER A 31  ? GLU A 6   SER A 11  1 ? 6  
HELX_P HELX_P2  2  SER A 31  ? ALA A 48  ? SER A 11  ALA A 28  1 ? 18 
HELX_P HELX_P3  3  GLU A 51  ? GLY A 67  ? GLU A 31  GLY A 47  1 ? 17 
HELX_P HELX_P4  4  CYS A 68  ? ALA A 82  ? CYS A 48  ALA A 62  1 ? 15 
HELX_P HELX_P5  5  THR A 85  ? LEU A 92  ? THR A 65  LEU A 72  1 ? 8  
HELX_P HELX_P6  6  CYS A 93  ? THR A 98  ? CYS A 73  THR A 78  5 ? 6  
HELX_P HELX_P7  7  THR A 102 ? ARG A 117 ? THR A 82  ARG A 97  1 ? 16 
HELX_P HELX_P8  8  LEU A 118 ? GLY A 121 ? LEU A 98  GLY A 101 5 ? 4  
HELX_P HELX_P9  9  GLY A 126 ? ARG A 132 ? GLY A 106 ARG A 112 1 ? 7  
HELX_P HELX_P10 10 ASP A 136 ? MSE A 160 ? ASP A 116 MSE A 140 1 ? 25 
# 
_struct_conf_type.id          HELX_P 
_struct_conf_type.criteria    ? 
_struct_conf_type.reference   ? 
# 
loop_
_struct_conn.id 
_struct_conn.conn_type_id 
_struct_conn.pdbx_leaving_atom_flag 
_struct_conn.pdbx_PDB_id 
_struct_conn.ptnr1_label_asym_id 
_struct_conn.ptnr1_label_comp_id 
_struct_conn.ptnr1_label_seq_id 
_struct_conn.ptnr1_label_atom_id 
_struct_conn.pdbx_ptnr1_label_alt_id 
_struct_conn.pdbx_ptnr1_PDB_ins_code 
_struct_conn.pdbx_ptnr1_standard_comp_id 
_struct_conn.ptnr1_symmetry 
_struct_conn.ptnr2_label_asym_id 
_struct_conn.ptnr2_label_comp_id 
_struct_conn.ptnr2_label_seq_id 
_struct_conn.ptnr2_label_atom_id 
_struct_conn.pdbx_ptnr2_label_alt_id 
_struct_conn.pdbx_ptnr2_PDB_ins_code 
_struct_conn.ptnr1_auth_asym_id 
_struct_conn.ptnr1_auth_comp_id 
_struct_conn.ptnr1_auth_seq_id 
_struct_conn.ptnr2_auth_asym_id 
_struct_conn.ptnr2_auth_comp_id 
_struct_conn.ptnr2_auth_seq_id 
_struct_conn.ptnr2_symmetry 
_struct_conn.pdbx_ptnr3_label_atom_id 
_struct_conn.pdbx_ptnr3_label_seq_id 
_struct_conn.pdbx_ptnr3_label_comp_id 
_struct_conn.pdbx_ptnr3_label_asym_id 
_struct_conn.pdbx_ptnr3_label_alt_id 
_struct_conn.pdbx_ptnr3_PDB_ins_code 
_struct_conn.details 
_struct_conn.pdbx_dist_value 
_struct_conn.pdbx_value_order 
_struct_conn.pdbx_role 
covale1 covale both ? A ALA 37  C ? ? ? 1_555 A MSE 38  N ? ? A ALA 17  A MSE 18  1_555 ? ? ? ? ? ? ? 1.334 ? ? 
covale2 covale both ? A MSE 38  C ? ? ? 1_555 A LEU 39  N ? ? A MSE 18  A LEU 19  1_555 ? ? ? ? ? ? ? 1.330 ? ? 
covale3 covale both ? A ASN 73  C ? ? ? 1_555 A MSE 74  N ? ? A ASN 53  A MSE 54  1_555 ? ? ? ? ? ? ? 1.334 ? ? 
covale4 covale both ? A MSE 74  C ? ? ? 1_555 A HIS 75  N ? ? A MSE 54  A HIS 55  1_555 ? ? ? ? ? ? ? 1.328 ? ? 
covale5 covale both ? A GLY 159 C ? ? ? 1_555 A MSE 160 N ? ? A GLY 139 A MSE 140 1_555 ? ? ? ? ? ? ? 1.331 ? ? 
covale6 covale both ? A MSE 160 C ? ? ? 1_555 A GLY 161 N ? ? A MSE 140 A GLY 141 1_555 ? ? ? ? ? ? ? 1.335 ? ? 
covale7 covale both ? A GLY 161 C ? ? ? 1_555 A MSE 162 N ? ? A GLY 141 A MSE 142 1_555 ? ? ? ? ? ? ? 1.327 ? ? 
covale8 covale both ? A MSE 162 C ? ? ? 1_555 A GLN 163 N ? ? A MSE 142 A GLN 143 1_555 ? ? ? ? ? ? ? 1.329 ? ? 
# 
_struct_conn_type.id          covale 
_struct_conn_type.criteria    ? 
_struct_conn_type.reference   ? 
# 
loop_
_pdbx_modification_feature.ordinal 
_pdbx_modification_feature.label_comp_id 
_pdbx_modification_feature.label_asym_id 
_pdbx_modification_feature.label_seq_id 
_pdbx_modification_feature.label_alt_id 
_pdbx_modification_feature.modified_residue_label_comp_id 
_pdbx_modification_feature.modified_residue_label_asym_id 
_pdbx_modification_feature.modified_residue_label_seq_id 
_pdbx_modification_feature.modified_residue_label_alt_id 
_pdbx_modification_feature.auth_comp_id 
_pdbx_modification_feature.auth_asym_id 
_pdbx_modification_feature.auth_seq_id 
_pdbx_modification_feature.PDB_ins_code 
_pdbx_modification_feature.symmetry 
_pdbx_modification_feature.modified_residue_auth_comp_id 
_pdbx_modification_feature.modified_residue_auth_asym_id 
_pdbx_modification_feature.modified_residue_auth_seq_id 
_pdbx_modification_feature.modified_residue_PDB_ins_code 
_pdbx_modification_feature.modified_residue_symmetry 
_pdbx_modification_feature.comp_id_linking_atom 
_pdbx_modification_feature.modified_residue_id_linking_atom 
_pdbx_modification_feature.modified_residue_id 
_pdbx_modification_feature.ref_pcm_id 
_pdbx_modification_feature.ref_comp_id 
_pdbx_modification_feature.type 
_pdbx_modification_feature.category 
1 MSE A 38  ? . . . . MSE A 18  ? 1_555 . . . . . . . MET 1 MSE Selenomethionine 'Named protein modification' 
2 MSE A 74  ? . . . . MSE A 54  ? 1_555 . . . . . . . MET 1 MSE Selenomethionine 'Named protein modification' 
3 MSE A 160 ? . . . . MSE A 140 ? 1_555 . . . . . . . MET 1 MSE Selenomethionine 'Named protein modification' 
4 MSE A 162 ? . . . . MSE A 142 ? 1_555 . . . . . . . MET 1 MSE Selenomethionine 'Named protein modification' 
# 
_pdbx_entry_details.entry_id                   2O4D 
_pdbx_entry_details.compound_details           ? 
_pdbx_entry_details.source_details             ? 
_pdbx_entry_details.nonpolymer_details         ? 
_pdbx_entry_details.sequence_details           ? 
_pdbx_entry_details.has_ligand_of_interest     ? 
_pdbx_entry_details.has_protein_modification   Y 
# 
loop_
_pdbx_struct_mod_residue.id 
_pdbx_struct_mod_residue.label_asym_id 
_pdbx_struct_mod_residue.label_comp_id 
_pdbx_struct_mod_residue.label_seq_id 
_pdbx_struct_mod_residue.auth_asym_id 
_pdbx_struct_mod_residue.auth_comp_id 
_pdbx_struct_mod_residue.auth_seq_id 
_pdbx_struct_mod_residue.PDB_ins_code 
_pdbx_struct_mod_residue.parent_comp_id 
_pdbx_struct_mod_residue.details 
1 A MSE 38  A MSE 18  ? MET SELENOMETHIONINE 
2 A MSE 74  A MSE 54  ? MET SELENOMETHIONINE 
3 A MSE 160 A MSE 140 ? MET SELENOMETHIONINE 
4 A MSE 162 A MSE 142 ? MET SELENOMETHIONINE 
# 
loop_
_pdbx_struct_special_symmetry.id 
_pdbx_struct_special_symmetry.PDB_model_num 
_pdbx_struct_special_symmetry.auth_asym_id 
_pdbx_struct_special_symmetry.auth_comp_id 
_pdbx_struct_special_symmetry.auth_seq_id 
_pdbx_struct_special_symmetry.PDB_ins_code 
_pdbx_struct_special_symmetry.label_asym_id 
_pdbx_struct_special_symmetry.label_comp_id 
_pdbx_struct_special_symmetry.label_seq_id 
1 1 A HOH 148 ? B HOH . 
2 1 A HOH 155 ? B HOH . 
3 1 A HOH 157 ? B HOH . 
4 1 A HOH 163 ? B HOH . 
5 1 A HOH 172 ? B HOH . 
# 
_pdbx_refine_tls.id               1 
_pdbx_refine_tls.details          ? 
_pdbx_refine_tls.method           refined 
_pdbx_refine_tls.origin_x         0.0278 
_pdbx_refine_tls.origin_y         0.0586 
_pdbx_refine_tls.origin_z         -0.4508 
_pdbx_refine_tls.T[1][1]          -0.1366 
_pdbx_refine_tls.T[2][2]          -0.1549 
_pdbx_refine_tls.T[3][3]          -0.1820 
_pdbx_refine_tls.T[1][2]          0.0045 
_pdbx_refine_tls.T[1][3]          -0.0234 
_pdbx_refine_tls.T[2][3]          -0.0230 
_pdbx_refine_tls.L[1][1]          1.7401 
_pdbx_refine_tls.L[2][2]          1.1553 
_pdbx_refine_tls.L[3][3]          4.6642 
_pdbx_refine_tls.L[1][2]          0.7290 
_pdbx_refine_tls.L[1][3]          0.2024 
_pdbx_refine_tls.L[2][3]          -1.0485 
_pdbx_refine_tls.S[1][1]          0.0695 
_pdbx_refine_tls.S[2][2]          -0.0615 
_pdbx_refine_tls.S[3][3]          -0.0080 
_pdbx_refine_tls.S[1][2]          0.0087 
_pdbx_refine_tls.S[1][3]          -0.1438 
_pdbx_refine_tls.S[2][3]          0.0096 
_pdbx_refine_tls.S[2][1]          -0.0356 
_pdbx_refine_tls.S[3][1]          0.3084 
_pdbx_refine_tls.S[3][2]          0.0004 
_pdbx_refine_tls.pdbx_refine_id   'X-RAY DIFFRACTION' 
# 
_pdbx_refine_tls_group.id                  1 
_pdbx_refine_tls_group.refine_tls_id       1 
_pdbx_refine_tls_group.beg_label_asym_id   A 
_pdbx_refine_tls_group.beg_label_seq_id    22 
_pdbx_refine_tls_group.end_label_asym_id   A 
_pdbx_refine_tls_group.end_label_seq_id    165 
_pdbx_refine_tls_group.selection           ALL 
_pdbx_refine_tls_group.beg_auth_asym_id    A 
_pdbx_refine_tls_group.beg_auth_seq_id     2 
_pdbx_refine_tls_group.end_auth_asym_id    A 
_pdbx_refine_tls_group.end_auth_seq_id     145 
_pdbx_refine_tls_group.pdbx_refine_id      'X-RAY DIFFRACTION' 
_pdbx_refine_tls_group.selection_details   ? 
# 
loop_
_pdbx_unobs_or_zero_occ_residues.id 
_pdbx_unobs_or_zero_occ_residues.PDB_model_num 
_pdbx_unobs_or_zero_occ_residues.polymer_flag 
_pdbx_unobs_or_zero_occ_residues.occupancy_flag 
_pdbx_unobs_or_zero_occ_residues.auth_asym_id 
_pdbx_unobs_or_zero_occ_residues.auth_comp_id 
_pdbx_unobs_or_zero_occ_residues.auth_seq_id 
_pdbx_unobs_or_zero_occ_residues.PDB_ins_code 
_pdbx_unobs_or_zero_occ_residues.label_asym_id 
_pdbx_unobs_or_zero_occ_residues.label_comp_id 
_pdbx_unobs_or_zero_occ_residues.label_seq_id 
1  1 Y 1 A MSE -19 ? A MSE 1  
2  1 Y 1 A GLY -18 ? A GLY 2  
3  1 Y 1 A SER -17 ? A SER 3  
4  1 Y 1 A SER -16 ? A SER 4  
5  1 Y 1 A HIS -15 ? A HIS 5  
6  1 Y 1 A HIS -14 ? A HIS 6  
7  1 Y 1 A HIS -13 ? A HIS 7  
8  1 Y 1 A HIS -12 ? A HIS 8  
9  1 Y 1 A HIS -11 ? A HIS 9  
10 1 Y 1 A HIS -10 ? A HIS 10 
11 1 Y 1 A SER -9  ? A SER 11 
12 1 Y 1 A SER -8  ? A SER 12 
13 1 Y 1 A GLY -7  ? A GLY 13 
14 1 Y 1 A LEU -6  ? A LEU 14 
15 1 Y 1 A VAL -5  ? A VAL 15 
16 1 Y 1 A PRO -4  ? A PRO 16 
17 1 Y 1 A ARG -3  ? A ARG 17 
18 1 Y 1 A GLY -2  ? A GLY 18 
19 1 Y 1 A SER -1  ? A SER 19 
20 1 Y 1 A HIS 0   ? A HIS 20 
21 1 Y 1 A MET 1   ? A MET 21 
# 
loop_
_chem_comp_atom.comp_id 
_chem_comp_atom.atom_id 
_chem_comp_atom.type_symbol 
_chem_comp_atom.pdbx_aromatic_flag 
_chem_comp_atom.pdbx_stereo_config 
_chem_comp_atom.pdbx_ordinal 
ALA N    N  N N 1   
ALA CA   C  N S 2   
ALA C    C  N N 3   
ALA O    O  N N 4   
ALA CB   C  N N 5   
ALA OXT  O  N N 6   
ALA H    H  N N 7   
ALA H2   H  N N 8   
ALA HA   H  N N 9   
ALA HB1  H  N N 10  
ALA HB2  H  N N 11  
ALA HB3  H  N N 12  
ALA HXT  H  N N 13  
ARG N    N  N N 14  
ARG CA   C  N S 15  
ARG C    C  N N 16  
ARG O    O  N N 17  
ARG CB   C  N N 18  
ARG CG   C  N N 19  
ARG CD   C  N N 20  
ARG NE   N  N N 21  
ARG CZ   C  N N 22  
ARG NH1  N  N N 23  
ARG NH2  N  N N 24  
ARG OXT  O  N N 25  
ARG H    H  N N 26  
ARG H2   H  N N 27  
ARG HA   H  N N 28  
ARG HB2  H  N N 29  
ARG HB3  H  N N 30  
ARG HG2  H  N N 31  
ARG HG3  H  N N 32  
ARG HD2  H  N N 33  
ARG HD3  H  N N 34  
ARG HE   H  N N 35  
ARG HH11 H  N N 36  
ARG HH12 H  N N 37  
ARG HH21 H  N N 38  
ARG HH22 H  N N 39  
ARG HXT  H  N N 40  
ASN N    N  N N 41  
ASN CA   C  N S 42  
ASN C    C  N N 43  
ASN O    O  N N 44  
ASN CB   C  N N 45  
ASN CG   C  N N 46  
ASN OD1  O  N N 47  
ASN ND2  N  N N 48  
ASN OXT  O  N N 49  
ASN H    H  N N 50  
ASN H2   H  N N 51  
ASN HA   H  N N 52  
ASN HB2  H  N N 53  
ASN HB3  H  N N 54  
ASN HD21 H  N N 55  
ASN HD22 H  N N 56  
ASN HXT  H  N N 57  
ASP N    N  N N 58  
ASP CA   C  N S 59  
ASP C    C  N N 60  
ASP O    O  N N 61  
ASP CB   C  N N 62  
ASP CG   C  N N 63  
ASP OD1  O  N N 64  
ASP OD2  O  N N 65  
ASP OXT  O  N N 66  
ASP H    H  N N 67  
ASP H2   H  N N 68  
ASP HA   H  N N 69  
ASP HB2  H  N N 70  
ASP HB3  H  N N 71  
ASP HD2  H  N N 72  
ASP HXT  H  N N 73  
CYS N    N  N N 74  
CYS CA   C  N R 75  
CYS C    C  N N 76  
CYS O    O  N N 77  
CYS CB   C  N N 78  
CYS SG   S  N N 79  
CYS OXT  O  N N 80  
CYS H    H  N N 81  
CYS H2   H  N N 82  
CYS HA   H  N N 83  
CYS HB2  H  N N 84  
CYS HB3  H  N N 85  
CYS HG   H  N N 86  
CYS HXT  H  N N 87  
GLN N    N  N N 88  
GLN CA   C  N S 89  
GLN C    C  N N 90  
GLN O    O  N N 91  
GLN CB   C  N N 92  
GLN CG   C  N N 93  
GLN CD   C  N N 94  
GLN OE1  O  N N 95  
GLN NE2  N  N N 96  
GLN OXT  O  N N 97  
GLN H    H  N N 98  
GLN H2   H  N N 99  
GLN HA   H  N N 100 
GLN HB2  H  N N 101 
GLN HB3  H  N N 102 
GLN HG2  H  N N 103 
GLN HG3  H  N N 104 
GLN HE21 H  N N 105 
GLN HE22 H  N N 106 
GLN HXT  H  N N 107 
GLU N    N  N N 108 
GLU CA   C  N S 109 
GLU C    C  N N 110 
GLU O    O  N N 111 
GLU CB   C  N N 112 
GLU CG   C  N N 113 
GLU CD   C  N N 114 
GLU OE1  O  N N 115 
GLU OE2  O  N N 116 
GLU OXT  O  N N 117 
GLU H    H  N N 118 
GLU H2   H  N N 119 
GLU HA   H  N N 120 
GLU HB2  H  N N 121 
GLU HB3  H  N N 122 
GLU HG2  H  N N 123 
GLU HG3  H  N N 124 
GLU HE2  H  N N 125 
GLU HXT  H  N N 126 
GLY N    N  N N 127 
GLY CA   C  N N 128 
GLY C    C  N N 129 
GLY O    O  N N 130 
GLY OXT  O  N N 131 
GLY H    H  N N 132 
GLY H2   H  N N 133 
GLY HA2  H  N N 134 
GLY HA3  H  N N 135 
GLY HXT  H  N N 136 
HIS N    N  N N 137 
HIS CA   C  N S 138 
HIS C    C  N N 139 
HIS O    O  N N 140 
HIS CB   C  N N 141 
HIS CG   C  Y N 142 
HIS ND1  N  Y N 143 
HIS CD2  C  Y N 144 
HIS CE1  C  Y N 145 
HIS NE2  N  Y N 146 
HIS OXT  O  N N 147 
HIS H    H  N N 148 
HIS H2   H  N N 149 
HIS HA   H  N N 150 
HIS HB2  H  N N 151 
HIS HB3  H  N N 152 
HIS HD1  H  N N 153 
HIS HD2  H  N N 154 
HIS HE1  H  N N 155 
HIS HE2  H  N N 156 
HIS HXT  H  N N 157 
HOH O    O  N N 158 
HOH H1   H  N N 159 
HOH H2   H  N N 160 
ILE N    N  N N 161 
ILE CA   C  N S 162 
ILE C    C  N N 163 
ILE O    O  N N 164 
ILE CB   C  N S 165 
ILE CG1  C  N N 166 
ILE CG2  C  N N 167 
ILE CD1  C  N N 168 
ILE OXT  O  N N 169 
ILE H    H  N N 170 
ILE H2   H  N N 171 
ILE HA   H  N N 172 
ILE HB   H  N N 173 
ILE HG12 H  N N 174 
ILE HG13 H  N N 175 
ILE HG21 H  N N 176 
ILE HG22 H  N N 177 
ILE HG23 H  N N 178 
ILE HD11 H  N N 179 
ILE HD12 H  N N 180 
ILE HD13 H  N N 181 
ILE HXT  H  N N 182 
LEU N    N  N N 183 
LEU CA   C  N S 184 
LEU C    C  N N 185 
LEU O    O  N N 186 
LEU CB   C  N N 187 
LEU CG   C  N N 188 
LEU CD1  C  N N 189 
LEU CD2  C  N N 190 
LEU OXT  O  N N 191 
LEU H    H  N N 192 
LEU H2   H  N N 193 
LEU HA   H  N N 194 
LEU HB2  H  N N 195 
LEU HB3  H  N N 196 
LEU HG   H  N N 197 
LEU HD11 H  N N 198 
LEU HD12 H  N N 199 
LEU HD13 H  N N 200 
LEU HD21 H  N N 201 
LEU HD22 H  N N 202 
LEU HD23 H  N N 203 
LEU HXT  H  N N 204 
LYS N    N  N N 205 
LYS CA   C  N S 206 
LYS C    C  N N 207 
LYS O    O  N N 208 
LYS CB   C  N N 209 
LYS CG   C  N N 210 
LYS CD   C  N N 211 
LYS CE   C  N N 212 
LYS NZ   N  N N 213 
LYS OXT  O  N N 214 
LYS H    H  N N 215 
LYS H2   H  N N 216 
LYS HA   H  N N 217 
LYS HB2  H  N N 218 
LYS HB3  H  N N 219 
LYS HG2  H  N N 220 
LYS HG3  H  N N 221 
LYS HD2  H  N N 222 
LYS HD3  H  N N 223 
LYS HE2  H  N N 224 
LYS HE3  H  N N 225 
LYS HZ1  H  N N 226 
LYS HZ2  H  N N 227 
LYS HZ3  H  N N 228 
LYS HXT  H  N N 229 
MET N    N  N N 230 
MET CA   C  N S 231 
MET C    C  N N 232 
MET O    O  N N 233 
MET CB   C  N N 234 
MET CG   C  N N 235 
MET SD   S  N N 236 
MET CE   C  N N 237 
MET OXT  O  N N 238 
MET H    H  N N 239 
MET H2   H  N N 240 
MET HA   H  N N 241 
MET HB2  H  N N 242 
MET HB3  H  N N 243 
MET HG2  H  N N 244 
MET HG3  H  N N 245 
MET HE1  H  N N 246 
MET HE2  H  N N 247 
MET HE3  H  N N 248 
MET HXT  H  N N 249 
MSE N    N  N N 250 
MSE CA   C  N S 251 
MSE C    C  N N 252 
MSE O    O  N N 253 
MSE OXT  O  N N 254 
MSE CB   C  N N 255 
MSE CG   C  N N 256 
MSE SE   SE N N 257 
MSE CE   C  N N 258 
MSE H    H  N N 259 
MSE H2   H  N N 260 
MSE HA   H  N N 261 
MSE HXT  H  N N 262 
MSE HB2  H  N N 263 
MSE HB3  H  N N 264 
MSE HG2  H  N N 265 
MSE HG3  H  N N 266 
MSE HE1  H  N N 267 
MSE HE2  H  N N 268 
MSE HE3  H  N N 269 
PHE N    N  N N 270 
PHE CA   C  N S 271 
PHE C    C  N N 272 
PHE O    O  N N 273 
PHE CB   C  N N 274 
PHE CG   C  Y N 275 
PHE CD1  C  Y N 276 
PHE CD2  C  Y N 277 
PHE CE1  C  Y N 278 
PHE CE2  C  Y N 279 
PHE CZ   C  Y N 280 
PHE OXT  O  N N 281 
PHE H    H  N N 282 
PHE H2   H  N N 283 
PHE HA   H  N N 284 
PHE HB2  H  N N 285 
PHE HB3  H  N N 286 
PHE HD1  H  N N 287 
PHE HD2  H  N N 288 
PHE HE1  H  N N 289 
PHE HE2  H  N N 290 
PHE HZ   H  N N 291 
PHE HXT  H  N N 292 
PRO N    N  N N 293 
PRO CA   C  N S 294 
PRO C    C  N N 295 
PRO O    O  N N 296 
PRO CB   C  N N 297 
PRO CG   C  N N 298 
PRO CD   C  N N 299 
PRO OXT  O  N N 300 
PRO H    H  N N 301 
PRO HA   H  N N 302 
PRO HB2  H  N N 303 
PRO HB3  H  N N 304 
PRO HG2  H  N N 305 
PRO HG3  H  N N 306 
PRO HD2  H  N N 307 
PRO HD3  H  N N 308 
PRO HXT  H  N N 309 
SER N    N  N N 310 
SER CA   C  N S 311 
SER C    C  N N 312 
SER O    O  N N 313 
SER CB   C  N N 314 
SER OG   O  N N 315 
SER OXT  O  N N 316 
SER H    H  N N 317 
SER H2   H  N N 318 
SER HA   H  N N 319 
SER HB2  H  N N 320 
SER HB3  H  N N 321 
SER HG   H  N N 322 
SER HXT  H  N N 323 
THR N    N  N N 324 
THR CA   C  N S 325 
THR C    C  N N 326 
THR O    O  N N 327 
THR CB   C  N R 328 
THR OG1  O  N N 329 
THR CG2  C  N N 330 
THR OXT  O  N N 331 
THR H    H  N N 332 
THR H2   H  N N 333 
THR HA   H  N N 334 
THR HB   H  N N 335 
THR HG1  H  N N 336 
THR HG21 H  N N 337 
THR HG22 H  N N 338 
THR HG23 H  N N 339 
THR HXT  H  N N 340 
TRP N    N  N N 341 
TRP CA   C  N S 342 
TRP C    C  N N 343 
TRP O    O  N N 344 
TRP CB   C  N N 345 
TRP CG   C  Y N 346 
TRP CD1  C  Y N 347 
TRP CD2  C  Y N 348 
TRP NE1  N  Y N 349 
TRP CE2  C  Y N 350 
TRP CE3  C  Y N 351 
TRP CZ2  C  Y N 352 
TRP CZ3  C  Y N 353 
TRP CH2  C  Y N 354 
TRP OXT  O  N N 355 
TRP H    H  N N 356 
TRP H2   H  N N 357 
TRP HA   H  N N 358 
TRP HB2  H  N N 359 
TRP HB3  H  N N 360 
TRP HD1  H  N N 361 
TRP HE1  H  N N 362 
TRP HE3  H  N N 363 
TRP HZ2  H  N N 364 
TRP HZ3  H  N N 365 
TRP HH2  H  N N 366 
TRP HXT  H  N N 367 
TYR N    N  N N 368 
TYR CA   C  N S 369 
TYR C    C  N N 370 
TYR O    O  N N 371 
TYR CB   C  N N 372 
TYR CG   C  Y N 373 
TYR CD1  C  Y N 374 
TYR CD2  C  Y N 375 
TYR CE1  C  Y N 376 
TYR CE2  C  Y N 377 
TYR CZ   C  Y N 378 
TYR OH   O  N N 379 
TYR OXT  O  N N 380 
TYR H    H  N N 381 
TYR H2   H  N N 382 
TYR HA   H  N N 383 
TYR HB2  H  N N 384 
TYR HB3  H  N N 385 
TYR HD1  H  N N 386 
TYR HD2  H  N N 387 
TYR HE1  H  N N 388 
TYR HE2  H  N N 389 
TYR HH   H  N N 390 
TYR HXT  H  N N 391 
VAL N    N  N N 392 
VAL CA   C  N S 393 
VAL C    C  N N 394 
VAL O    O  N N 395 
VAL CB   C  N N 396 
VAL CG1  C  N N 397 
VAL CG2  C  N N 398 
VAL OXT  O  N N 399 
VAL H    H  N N 400 
VAL H2   H  N N 401 
VAL HA   H  N N 402 
VAL HB   H  N N 403 
VAL HG11 H  N N 404 
VAL HG12 H  N N 405 
VAL HG13 H  N N 406 
VAL HG21 H  N N 407 
VAL HG22 H  N N 408 
VAL HG23 H  N N 409 
VAL HXT  H  N N 410 
# 
loop_
_chem_comp_bond.comp_id 
_chem_comp_bond.atom_id_1 
_chem_comp_bond.atom_id_2 
_chem_comp_bond.value_order 
_chem_comp_bond.pdbx_aromatic_flag 
_chem_comp_bond.pdbx_stereo_config 
_chem_comp_bond.pdbx_ordinal 
ALA N   CA   sing N N 1   
ALA N   H    sing N N 2   
ALA N   H2   sing N N 3   
ALA CA  C    sing N N 4   
ALA CA  CB   sing N N 5   
ALA CA  HA   sing N N 6   
ALA C   O    doub N N 7   
ALA C   OXT  sing N N 8   
ALA CB  HB1  sing N N 9   
ALA CB  HB2  sing N N 10  
ALA CB  HB3  sing N N 11  
ALA OXT HXT  sing N N 12  
ARG N   CA   sing N N 13  
ARG N   H    sing N N 14  
ARG N   H2   sing N N 15  
ARG CA  C    sing N N 16  
ARG CA  CB   sing N N 17  
ARG CA  HA   sing N N 18  
ARG C   O    doub N N 19  
ARG C   OXT  sing N N 20  
ARG CB  CG   sing N N 21  
ARG CB  HB2  sing N N 22  
ARG CB  HB3  sing N N 23  
ARG CG  CD   sing N N 24  
ARG CG  HG2  sing N N 25  
ARG CG  HG3  sing N N 26  
ARG CD  NE   sing N N 27  
ARG CD  HD2  sing N N 28  
ARG CD  HD3  sing N N 29  
ARG NE  CZ   sing N N 30  
ARG NE  HE   sing N N 31  
ARG CZ  NH1  sing N N 32  
ARG CZ  NH2  doub N N 33  
ARG NH1 HH11 sing N N 34  
ARG NH1 HH12 sing N N 35  
ARG NH2 HH21 sing N N 36  
ARG NH2 HH22 sing N N 37  
ARG OXT HXT  sing N N 38  
ASN N   CA   sing N N 39  
ASN N   H    sing N N 40  
ASN N   H2   sing N N 41  
ASN CA  C    sing N N 42  
ASN CA  CB   sing N N 43  
ASN CA  HA   sing N N 44  
ASN C   O    doub N N 45  
ASN C   OXT  sing N N 46  
ASN CB  CG   sing N N 47  
ASN CB  HB2  sing N N 48  
ASN CB  HB3  sing N N 49  
ASN CG  OD1  doub N N 50  
ASN CG  ND2  sing N N 51  
ASN ND2 HD21 sing N N 52  
ASN ND2 HD22 sing N N 53  
ASN OXT HXT  sing N N 54  
ASP N   CA   sing N N 55  
ASP N   H    sing N N 56  
ASP N   H2   sing N N 57  
ASP CA  C    sing N N 58  
ASP CA  CB   sing N N 59  
ASP CA  HA   sing N N 60  
ASP C   O    doub N N 61  
ASP C   OXT  sing N N 62  
ASP CB  CG   sing N N 63  
ASP CB  HB2  sing N N 64  
ASP CB  HB3  sing N N 65  
ASP CG  OD1  doub N N 66  
ASP CG  OD2  sing N N 67  
ASP OD2 HD2  sing N N 68  
ASP OXT HXT  sing N N 69  
CYS N   CA   sing N N 70  
CYS N   H    sing N N 71  
CYS N   H2   sing N N 72  
CYS CA  C    sing N N 73  
CYS CA  CB   sing N N 74  
CYS CA  HA   sing N N 75  
CYS C   O    doub N N 76  
CYS C   OXT  sing N N 77  
CYS CB  SG   sing N N 78  
CYS CB  HB2  sing N N 79  
CYS CB  HB3  sing N N 80  
CYS SG  HG   sing N N 81  
CYS OXT HXT  sing N N 82  
GLN N   CA   sing N N 83  
GLN N   H    sing N N 84  
GLN N   H2   sing N N 85  
GLN CA  C    sing N N 86  
GLN CA  CB   sing N N 87  
GLN CA  HA   sing N N 88  
GLN C   O    doub N N 89  
GLN C   OXT  sing N N 90  
GLN CB  CG   sing N N 91  
GLN CB  HB2  sing N N 92  
GLN CB  HB3  sing N N 93  
GLN CG  CD   sing N N 94  
GLN CG  HG2  sing N N 95  
GLN CG  HG3  sing N N 96  
GLN CD  OE1  doub N N 97  
GLN CD  NE2  sing N N 98  
GLN NE2 HE21 sing N N 99  
GLN NE2 HE22 sing N N 100 
GLN OXT HXT  sing N N 101 
GLU N   CA   sing N N 102 
GLU N   H    sing N N 103 
GLU N   H2   sing N N 104 
GLU CA  C    sing N N 105 
GLU CA  CB   sing N N 106 
GLU CA  HA   sing N N 107 
GLU C   O    doub N N 108 
GLU C   OXT  sing N N 109 
GLU CB  CG   sing N N 110 
GLU CB  HB2  sing N N 111 
GLU CB  HB3  sing N N 112 
GLU CG  CD   sing N N 113 
GLU CG  HG2  sing N N 114 
GLU CG  HG3  sing N N 115 
GLU CD  OE1  doub N N 116 
GLU CD  OE2  sing N N 117 
GLU OE2 HE2  sing N N 118 
GLU OXT HXT  sing N N 119 
GLY N   CA   sing N N 120 
GLY N   H    sing N N 121 
GLY N   H2   sing N N 122 
GLY CA  C    sing N N 123 
GLY CA  HA2  sing N N 124 
GLY CA  HA3  sing N N 125 
GLY C   O    doub N N 126 
GLY C   OXT  sing N N 127 
GLY OXT HXT  sing N N 128 
HIS N   CA   sing N N 129 
HIS N   H    sing N N 130 
HIS N   H2   sing N N 131 
HIS CA  C    sing N N 132 
HIS CA  CB   sing N N 133 
HIS CA  HA   sing N N 134 
HIS C   O    doub N N 135 
HIS C   OXT  sing N N 136 
HIS CB  CG   sing N N 137 
HIS CB  HB2  sing N N 138 
HIS CB  HB3  sing N N 139 
HIS CG  ND1  sing Y N 140 
HIS CG  CD2  doub Y N 141 
HIS ND1 CE1  doub Y N 142 
HIS ND1 HD1  sing N N 143 
HIS CD2 NE2  sing Y N 144 
HIS CD2 HD2  sing N N 145 
HIS CE1 NE2  sing Y N 146 
HIS CE1 HE1  sing N N 147 
HIS NE2 HE2  sing N N 148 
HIS OXT HXT  sing N N 149 
HOH O   H1   sing N N 150 
HOH O   H2   sing N N 151 
ILE N   CA   sing N N 152 
ILE N   H    sing N N 153 
ILE N   H2   sing N N 154 
ILE CA  C    sing N N 155 
ILE CA  CB   sing N N 156 
ILE CA  HA   sing N N 157 
ILE C   O    doub N N 158 
ILE C   OXT  sing N N 159 
ILE CB  CG1  sing N N 160 
ILE CB  CG2  sing N N 161 
ILE CB  HB   sing N N 162 
ILE CG1 CD1  sing N N 163 
ILE CG1 HG12 sing N N 164 
ILE CG1 HG13 sing N N 165 
ILE CG2 HG21 sing N N 166 
ILE CG2 HG22 sing N N 167 
ILE CG2 HG23 sing N N 168 
ILE CD1 HD11 sing N N 169 
ILE CD1 HD12 sing N N 170 
ILE CD1 HD13 sing N N 171 
ILE OXT HXT  sing N N 172 
LEU N   CA   sing N N 173 
LEU N   H    sing N N 174 
LEU N   H2   sing N N 175 
LEU CA  C    sing N N 176 
LEU CA  CB   sing N N 177 
LEU CA  HA   sing N N 178 
LEU C   O    doub N N 179 
LEU C   OXT  sing N N 180 
LEU CB  CG   sing N N 181 
LEU CB  HB2  sing N N 182 
LEU CB  HB3  sing N N 183 
LEU CG  CD1  sing N N 184 
LEU CG  CD2  sing N N 185 
LEU CG  HG   sing N N 186 
LEU CD1 HD11 sing N N 187 
LEU CD1 HD12 sing N N 188 
LEU CD1 HD13 sing N N 189 
LEU CD2 HD21 sing N N 190 
LEU CD2 HD22 sing N N 191 
LEU CD2 HD23 sing N N 192 
LEU OXT HXT  sing N N 193 
LYS N   CA   sing N N 194 
LYS N   H    sing N N 195 
LYS N   H2   sing N N 196 
LYS CA  C    sing N N 197 
LYS CA  CB   sing N N 198 
LYS CA  HA   sing N N 199 
LYS C   O    doub N N 200 
LYS C   OXT  sing N N 201 
LYS CB  CG   sing N N 202 
LYS CB  HB2  sing N N 203 
LYS CB  HB3  sing N N 204 
LYS CG  CD   sing N N 205 
LYS CG  HG2  sing N N 206 
LYS CG  HG3  sing N N 207 
LYS CD  CE   sing N N 208 
LYS CD  HD2  sing N N 209 
LYS CD  HD3  sing N N 210 
LYS CE  NZ   sing N N 211 
LYS CE  HE2  sing N N 212 
LYS CE  HE3  sing N N 213 
LYS NZ  HZ1  sing N N 214 
LYS NZ  HZ2  sing N N 215 
LYS NZ  HZ3  sing N N 216 
LYS OXT HXT  sing N N 217 
MET N   CA   sing N N 218 
MET N   H    sing N N 219 
MET N   H2   sing N N 220 
MET CA  C    sing N N 221 
MET CA  CB   sing N N 222 
MET CA  HA   sing N N 223 
MET C   O    doub N N 224 
MET C   OXT  sing N N 225 
MET CB  CG   sing N N 226 
MET CB  HB2  sing N N 227 
MET CB  HB3  sing N N 228 
MET CG  SD   sing N N 229 
MET CG  HG2  sing N N 230 
MET CG  HG3  sing N N 231 
MET SD  CE   sing N N 232 
MET CE  HE1  sing N N 233 
MET CE  HE2  sing N N 234 
MET CE  HE3  sing N N 235 
MET OXT HXT  sing N N 236 
MSE N   CA   sing N N 237 
MSE N   H    sing N N 238 
MSE N   H2   sing N N 239 
MSE CA  C    sing N N 240 
MSE CA  CB   sing N N 241 
MSE CA  HA   sing N N 242 
MSE C   O    doub N N 243 
MSE C   OXT  sing N N 244 
MSE OXT HXT  sing N N 245 
MSE CB  CG   sing N N 246 
MSE CB  HB2  sing N N 247 
MSE CB  HB3  sing N N 248 
MSE CG  SE   sing N N 249 
MSE CG  HG2  sing N N 250 
MSE CG  HG3  sing N N 251 
MSE SE  CE   sing N N 252 
MSE CE  HE1  sing N N 253 
MSE CE  HE2  sing N N 254 
MSE CE  HE3  sing N N 255 
PHE N   CA   sing N N 256 
PHE N   H    sing N N 257 
PHE N   H2   sing N N 258 
PHE CA  C    sing N N 259 
PHE CA  CB   sing N N 260 
PHE CA  HA   sing N N 261 
PHE C   O    doub N N 262 
PHE C   OXT  sing N N 263 
PHE CB  CG   sing N N 264 
PHE CB  HB2  sing N N 265 
PHE CB  HB3  sing N N 266 
PHE CG  CD1  doub Y N 267 
PHE CG  CD2  sing Y N 268 
PHE CD1 CE1  sing Y N 269 
PHE CD1 HD1  sing N N 270 
PHE CD2 CE2  doub Y N 271 
PHE CD2 HD2  sing N N 272 
PHE CE1 CZ   doub Y N 273 
PHE CE1 HE1  sing N N 274 
PHE CE2 CZ   sing Y N 275 
PHE CE2 HE2  sing N N 276 
PHE CZ  HZ   sing N N 277 
PHE OXT HXT  sing N N 278 
PRO N   CA   sing N N 279 
PRO N   CD   sing N N 280 
PRO N   H    sing N N 281 
PRO CA  C    sing N N 282 
PRO CA  CB   sing N N 283 
PRO CA  HA   sing N N 284 
PRO C   O    doub N N 285 
PRO C   OXT  sing N N 286 
PRO CB  CG   sing N N 287 
PRO CB  HB2  sing N N 288 
PRO CB  HB3  sing N N 289 
PRO CG  CD   sing N N 290 
PRO CG  HG2  sing N N 291 
PRO CG  HG3  sing N N 292 
PRO CD  HD2  sing N N 293 
PRO CD  HD3  sing N N 294 
PRO OXT HXT  sing N N 295 
SER N   CA   sing N N 296 
SER N   H    sing N N 297 
SER N   H2   sing N N 298 
SER CA  C    sing N N 299 
SER CA  CB   sing N N 300 
SER CA  HA   sing N N 301 
SER C   O    doub N N 302 
SER C   OXT  sing N N 303 
SER CB  OG   sing N N 304 
SER CB  HB2  sing N N 305 
SER CB  HB3  sing N N 306 
SER OG  HG   sing N N 307 
SER OXT HXT  sing N N 308 
THR N   CA   sing N N 309 
THR N   H    sing N N 310 
THR N   H2   sing N N 311 
THR CA  C    sing N N 312 
THR CA  CB   sing N N 313 
THR CA  HA   sing N N 314 
THR C   O    doub N N 315 
THR C   OXT  sing N N 316 
THR CB  OG1  sing N N 317 
THR CB  CG2  sing N N 318 
THR CB  HB   sing N N 319 
THR OG1 HG1  sing N N 320 
THR CG2 HG21 sing N N 321 
THR CG2 HG22 sing N N 322 
THR CG2 HG23 sing N N 323 
THR OXT HXT  sing N N 324 
TRP N   CA   sing N N 325 
TRP N   H    sing N N 326 
TRP N   H2   sing N N 327 
TRP CA  C    sing N N 328 
TRP CA  CB   sing N N 329 
TRP CA  HA   sing N N 330 
TRP C   O    doub N N 331 
TRP C   OXT  sing N N 332 
TRP CB  CG   sing N N 333 
TRP CB  HB2  sing N N 334 
TRP CB  HB3  sing N N 335 
TRP CG  CD1  doub Y N 336 
TRP CG  CD2  sing Y N 337 
TRP CD1 NE1  sing Y N 338 
TRP CD1 HD1  sing N N 339 
TRP CD2 CE2  doub Y N 340 
TRP CD2 CE3  sing Y N 341 
TRP NE1 CE2  sing Y N 342 
TRP NE1 HE1  sing N N 343 
TRP CE2 CZ2  sing Y N 344 
TRP CE3 CZ3  doub Y N 345 
TRP CE3 HE3  sing N N 346 
TRP CZ2 CH2  doub Y N 347 
TRP CZ2 HZ2  sing N N 348 
TRP CZ3 CH2  sing Y N 349 
TRP CZ3 HZ3  sing N N 350 
TRP CH2 HH2  sing N N 351 
TRP OXT HXT  sing N N 352 
TYR N   CA   sing N N 353 
TYR N   H    sing N N 354 
TYR N   H2   sing N N 355 
TYR CA  C    sing N N 356 
TYR CA  CB   sing N N 357 
TYR CA  HA   sing N N 358 
TYR C   O    doub N N 359 
TYR C   OXT  sing N N 360 
TYR CB  CG   sing N N 361 
TYR CB  HB2  sing N N 362 
TYR CB  HB3  sing N N 363 
TYR CG  CD1  doub Y N 364 
TYR CG  CD2  sing Y N 365 
TYR CD1 CE1  sing Y N 366 
TYR CD1 HD1  sing N N 367 
TYR CD2 CE2  doub Y N 368 
TYR CD2 HD2  sing N N 369 
TYR CE1 CZ   doub Y N 370 
TYR CE1 HE1  sing N N 371 
TYR CE2 CZ   sing Y N 372 
TYR CE2 HE2  sing N N 373 
TYR CZ  OH   sing N N 374 
TYR OH  HH   sing N N 375 
TYR OXT HXT  sing N N 376 
VAL N   CA   sing N N 377 
VAL N   H    sing N N 378 
VAL N   H2   sing N N 379 
VAL CA  C    sing N N 380 
VAL CA  CB   sing N N 381 
VAL CA  HA   sing N N 382 
VAL C   O    doub N N 383 
VAL C   OXT  sing N N 384 
VAL CB  CG1  sing N N 385 
VAL CB  CG2  sing N N 386 
VAL CB  HB   sing N N 387 
VAL CG1 HG11 sing N N 388 
VAL CG1 HG12 sing N N 389 
VAL CG1 HG13 sing N N 390 
VAL CG2 HG21 sing N N 391 
VAL CG2 HG22 sing N N 392 
VAL CG2 HG23 sing N N 393 
VAL OXT HXT  sing N N 394 
# 
_atom_sites.entry_id                    2O4D 
_atom_sites.fract_transf_matrix[1][1]   0.00693989 
_atom_sites.fract_transf_matrix[1][2]   0.00405400 
_atom_sites.fract_transf_matrix[1][3]   -0.00951288 
_atom_sites.fract_transf_matrix[2][1]   0.00560898 
_atom_sites.fract_transf_matrix[2][2]   0.01109923 
_atom_sites.fract_transf_matrix[2][3]   0.00066971 
_atom_sites.fract_transf_matrix[3][1]   0.01234702 
_atom_sites.fract_transf_matrix[3][2]   -0.00661300 
_atom_sites.fract_transf_matrix[3][3]   0.00618929 
_atom_sites.fract_transf_vector[1]      0.305942 
_atom_sites.fract_transf_vector[2]      0.411292 
_atom_sites.fract_transf_vector[3]      0.190680 
# 
loop_
_atom_type.symbol 
C  
N  
O  
S  
SE 
# 
loop_
_atom_site.group_PDB 
_atom_site.id 
_atom_site.type_symbol 
_atom_site.label_atom_id 
_atom_site.label_alt_id 
_atom_site.label_comp_id 
_atom_site.label_asym_id 
_atom_site.label_entity_id 
_atom_site.label_seq_id 
_atom_site.pdbx_PDB_ins_code 
_atom_site.Cartn_x 
_atom_site.Cartn_y 
_atom_site.Cartn_z 
_atom_site.occupancy 
_atom_site.B_iso_or_equiv 
_atom_site.pdbx_formal_charge 
_atom_site.auth_seq_id 
_atom_site.auth_comp_id 
_atom_site.auth_asym_id 
_atom_site.auth_atom_id 
_atom_site.pdbx_PDB_model_num 
ATOM   1    N  N   . THR A 1 22  ? 19.698  -10.445 5.137   1.00 40.29 ? 2   THR A N   1 
ATOM   2    C  CA  . THR A 1 22  ? 18.351  -10.294 4.504   1.00 40.39 ? 2   THR A CA  1 
ATOM   3    C  C   . THR A 1 22  ? 17.222  -10.238 5.543   1.00 40.16 ? 2   THR A C   1 
ATOM   4    O  O   . THR A 1 22  ? 16.140  -9.717  5.263   1.00 40.30 ? 2   THR A O   1 
ATOM   5    C  CB  . THR A 1 22  ? 18.082  -11.406 3.455   1.00 40.46 ? 2   THR A CB  1 
ATOM   6    O  OG1 . THR A 1 22  ? 16.908  -11.089 2.701   1.00 40.91 ? 2   THR A OG1 1 
ATOM   7    C  CG2 . THR A 1 22  ? 17.926  -12.787 4.122   1.00 41.07 ? 2   THR A CG2 1 
ATOM   8    N  N   . THR A 1 23  ? 17.474  -10.803 6.725   1.00 39.98 ? 3   THR A N   1 
ATOM   9    C  CA  . THR A 1 23  ? 16.576  -10.670 7.876   1.00 39.73 ? 3   THR A CA  1 
ATOM   10   C  C   . THR A 1 23  ? 17.344  -10.862 9.189   1.00 39.13 ? 3   THR A C   1 
ATOM   11   O  O   . THR A 1 23  ? 18.296  -11.644 9.252   1.00 39.10 ? 3   THR A O   1 
ATOM   12   C  CB  . THR A 1 23  ? 15.341  -11.629 7.799   1.00 39.89 ? 3   THR A CB  1 
ATOM   13   O  OG1 . THR A 1 23  ? 14.366  -11.234 8.773   1.00 40.92 ? 3   THR A OG1 1 
ATOM   14   C  CG2 . THR A 1 23  ? 15.732  -13.091 8.031   1.00 40.30 ? 3   THR A CG2 1 
ATOM   15   N  N   . ARG A 1 24  ? 16.934  -10.135 10.228  1.00 38.43 ? 4   ARG A N   1 
ATOM   16   C  CA  . ARG A 1 24  ? 17.563  -10.268 11.551  1.00 38.11 ? 4   ARG A CA  1 
ATOM   17   C  C   . ARG A 1 24  ? 16.757  -11.199 12.455  1.00 36.78 ? 4   ARG A C   1 
ATOM   18   O  O   . ARG A 1 24  ? 17.291  -11.753 13.422  1.00 36.47 ? 4   ARG A O   1 
ATOM   19   C  CB  . ARG A 1 24  ? 17.766  -8.895  12.208  1.00 38.24 ? 4   ARG A CB  1 
ATOM   20   C  CG  . ARG A 1 24  ? 18.701  -7.959  11.432  1.00 39.46 ? 4   ARG A CG  1 
ATOM   21   C  CD  . ARG A 1 24  ? 18.647  -6.522  11.944  1.00 39.71 ? 4   ARG A CD  1 
ATOM   22   N  NE  . ARG A 1 24  ? 19.377  -6.353  13.205  1.00 43.79 ? 4   ARG A NE  1 
ATOM   23   C  CZ  . ARG A 1 24  ? 19.233  -5.315  14.030  1.00 44.71 ? 4   ARG A CZ  1 
ATOM   24   N  NH1 . ARG A 1 24  ? 18.381  -4.338  13.739  1.00 45.12 ? 4   ARG A NH1 1 
ATOM   25   N  NH2 . ARG A 1 24  ? 19.940  -5.251  15.150  1.00 44.07 ? 4   ARG A NH2 1 
ATOM   26   N  N   . LEU A 1 25  ? 15.476  -11.371 12.131  1.00 35.50 ? 5   LEU A N   1 
ATOM   27   C  CA  . LEU A 1 25  ? 14.588  -12.264 12.883  1.00 34.52 ? 5   LEU A CA  1 
ATOM   28   C  C   . LEU A 1 25  ? 13.581  -12.964 11.954  1.00 33.90 ? 5   LEU A C   1 
ATOM   29   O  O   . LEU A 1 25  ? 12.814  -12.304 11.245  1.00 33.46 ? 5   LEU A O   1 
ATOM   30   C  CB  . LEU A 1 25  ? 13.859  -11.481 13.986  1.00 34.51 ? 5   LEU A CB  1 
ATOM   31   C  CG  . LEU A 1 25  ? 13.273  -12.201 15.208  1.00 34.16 ? 5   LEU A CG  1 
ATOM   32   C  CD1 . LEU A 1 25  ? 13.097  -11.213 16.361  1.00 34.43 ? 5   LEU A CD1 1 
ATOM   33   C  CD2 . LEU A 1 25  ? 11.957  -12.908 14.902  1.00 32.81 ? 5   LEU A CD2 1 
ATOM   34   N  N   . GLU A 1 26  ? 13.591  -14.298 11.970  1.00 33.03 ? 6   GLU A N   1 
ATOM   35   C  CA  . GLU A 1 26  ? 12.657  -15.096 11.167  1.00 32.47 ? 6   GLU A CA  1 
ATOM   36   C  C   . GLU A 1 26  ? 11.308  -15.172 11.874  1.00 31.29 ? 6   GLU A C   1 
ATOM   37   O  O   . GLU A 1 26  ? 11.001  -16.152 12.558  1.00 30.88 ? 6   GLU A O   1 
ATOM   38   C  CB  . GLU A 1 26  ? 13.203  -16.510 10.924  1.00 32.64 ? 6   GLU A CB  1 
ATOM   39   C  CG  . GLU A 1 26  ? 14.510  -16.576 10.159  1.00 33.47 ? 6   GLU A CG  1 
ATOM   40   C  CD  . GLU A 1 26  ? 14.842  -17.997 9.726   1.00 33.92 ? 6   GLU A CD  1 
ATOM   41   O  OE1 . GLU A 1 26  ? 14.339  -18.435 8.663   1.00 37.05 ? 6   GLU A OE1 1 
ATOM   42   O  OE2 . GLU A 1 26  ? 15.602  -18.674 10.447  1.00 35.25 ? 6   GLU A OE2 1 
ATOM   43   N  N   . TRP A 1 27  ? 10.508  -14.124 11.703  1.00 30.22 ? 7   TRP A N   1 
ATOM   44   C  CA  . TRP A 1 27  ? 9.307   -13.930 12.504  1.00 29.68 ? 7   TRP A CA  1 
ATOM   45   C  C   . TRP A 1 27  ? 8.161   -14.897 12.205  1.00 29.98 ? 7   TRP A C   1 
ATOM   46   O  O   . TRP A 1 27  ? 7.393   -15.240 13.100  1.00 29.91 ? 7   TRP A O   1 
ATOM   47   C  CB  . TRP A 1 27  ? 8.836   -12.476 12.413  1.00 28.57 ? 7   TRP A CB  1 
ATOM   48   C  CG  . TRP A 1 27  ? 8.306   -12.030 11.085  1.00 27.12 ? 7   TRP A CG  1 
ATOM   49   C  CD1 . TRP A 1 27  ? 8.998   -11.399 10.090  1.00 25.77 ? 7   TRP A CD1 1 
ATOM   50   C  CD2 . TRP A 1 27  ? 6.950   -12.125 10.632  1.00 26.28 ? 7   TRP A CD2 1 
ATOM   51   N  NE1 . TRP A 1 27  ? 8.156   -11.105 9.039   1.00 26.12 ? 7   TRP A NE1 1 
ATOM   52   C  CE2 . TRP A 1 27  ? 6.894   -11.540 9.348   1.00 25.63 ? 7   TRP A CE2 1 
ATOM   53   C  CE3 . TRP A 1 27  ? 5.776   -12.654 11.185  1.00 26.25 ? 7   TRP A CE3 1 
ATOM   54   C  CZ2 . TRP A 1 27  ? 5.710   -11.469 8.605   1.00 27.28 ? 7   TRP A CZ2 1 
ATOM   55   C  CZ3 . TRP A 1 27  ? 4.593   -12.572 10.444  1.00 26.05 ? 7   TRP A CZ3 1 
ATOM   56   C  CH2 . TRP A 1 27  ? 4.575   -11.996 9.173   1.00 26.97 ? 7   TRP A CH2 1 
ATOM   57   N  N   . ALA A 1 28  ? 8.039   -15.309 10.944  1.00 30.46 ? 8   ALA A N   1 
ATOM   58   C  CA  . ALA A 1 28  ? 7.023   -16.283 10.538  1.00 30.49 ? 8   ALA A CA  1 
ATOM   59   C  C   . ALA A 1 28  ? 7.241   -17.665 11.147  1.00 30.46 ? 8   ALA A C   1 
ATOM   60   O  O   . ALA A 1 28  ? 6.278   -18.389 11.403  1.00 30.90 ? 8   ALA A O   1 
ATOM   61   C  CB  . ALA A 1 28  ? 6.935   -16.354 9.006   1.00 30.73 ? 8   ALA A CB  1 
ATOM   62   N  N   . LYS A 1 29  ? 8.504   -18.026 11.390  1.00 30.06 ? 9   LYS A N   1 
ATOM   63   C  CA  . LYS A 1 29  ? 8.849   -19.269 12.072  1.00 29.77 ? 9   LYS A CA  1 
ATOM   64   C  C   . LYS A 1 29  ? 8.624   -19.148 13.578  1.00 29.09 ? 9   LYS A C   1 
ATOM   65   O  O   . LYS A 1 29  ? 8.184   -20.102 14.220  1.00 28.82 ? 9   LYS A O   1 
ATOM   66   C  CB  . LYS A 1 29  ? 10.316  -19.656 11.812  1.00 30.13 ? 9   LYS A CB  1 
ATOM   67   C  CG  . LYS A 1 29  ? 10.745  -19.620 10.350  1.00 31.41 ? 9   LYS A CG  1 
ATOM   68   C  CD  . LYS A 1 29  ? 10.662  -20.990 9.691   1.00 34.02 ? 9   LYS A CD  1 
ATOM   69   C  CE  . LYS A 1 29  ? 10.827  -20.866 8.172   1.00 34.71 ? 9   LYS A CE  1 
ATOM   70   N  NZ  . LYS A 1 29  ? 11.050  -22.208 7.552   1.00 35.02 ? 9   LYS A NZ  1 
ATOM   71   N  N   . ALA A 1 30  ? 8.939   -17.974 14.130  1.00 28.36 ? 10  ALA A N   1 
ATOM   72   C  CA  . ALA A 1 30  ? 8.766   -17.703 15.561  1.00 27.61 ? 10  ALA A CA  1 
ATOM   73   C  C   . ALA A 1 30  ? 7.285   -17.726 15.962  1.00 27.00 ? 10  ALA A C   1 
ATOM   74   O  O   . ALA A 1 30  ? 6.920   -18.355 16.955  1.00 27.29 ? 10  ALA A O   1 
ATOM   75   C  CB  . ALA A 1 30  ? 9.410   -16.369 15.924  1.00 27.39 ? 10  ALA A CB  1 
ATOM   76   N  N   . SER A 1 31  ? 6.447   -17.045 15.175  1.00 26.96 ? 11  SER A N   1 
ATOM   77   C  CA  . SER A 1 31  ? 5.003   -17.018 15.398  1.00 26.11 ? 11  SER A CA  1 
ATOM   78   C  C   . SER A 1 31  ? 4.261   -17.368 14.113  1.00 25.78 ? 11  SER A C   1 
ATOM   79   O  O   . SER A 1 31  ? 3.935   -16.479 13.331  1.00 25.61 ? 11  SER A O   1 
ATOM   80   C  CB  . SER A 1 31  ? 4.554   -15.631 15.877  1.00 26.29 ? 11  SER A CB  1 
ATOM   81   O  OG  . SER A 1 31  ? 3.155   -15.599 16.101  1.00 25.22 ? 11  SER A OG  1 
ATOM   82   N  N   . PRO A 1 32  ? 4.005   -18.671 13.884  1.00 25.93 ? 12  PRO A N   1 
ATOM   83   C  CA  . PRO A 1 32  ? 3.180   -19.088 12.749  1.00 25.61 ? 12  PRO A CA  1 
ATOM   84   C  C   . PRO A 1 32  ? 1.773   -18.483 12.781  1.00 25.50 ? 12  PRO A C   1 
ATOM   85   O  O   . PRO A 1 32  ? 1.223   -18.199 11.724  1.00 25.34 ? 12  PRO A O   1 
ATOM   86   C  CB  . PRO A 1 32  ? 3.119   -20.611 12.897  1.00 25.62 ? 12  PRO A CB  1 
ATOM   87   C  CG  . PRO A 1 32  ? 4.311   -20.967 13.719  1.00 26.13 ? 12  PRO A CG  1 
ATOM   88   C  CD  . PRO A 1 32  ? 4.499   -19.821 14.658  1.00 25.51 ? 12  PRO A CD  1 
ATOM   89   N  N   . ASP A 1 33  ? 1.200   -18.295 13.974  1.00 25.72 ? 13  ASP A N   1 
ATOM   90   C  CA  . ASP A 1 33  ? -0.120  -17.653 14.111  1.00 25.95 ? 13  ASP A CA  1 
ATOM   91   C  C   . ASP A 1 33  ? -0.125  -16.223 13.554  1.00 25.55 ? 13  ASP A C   1 
ATOM   92   O  O   . ASP A 1 33  ? -1.065  -15.824 12.863  1.00 25.40 ? 13  ASP A O   1 
ATOM   93   C  CB  . ASP A 1 33  ? -0.590  -17.626 15.575  1.00 25.98 ? 13  ASP A CB  1 
ATOM   94   C  CG  . ASP A 1 33  ? -0.976  -18.998 16.115  1.00 27.59 ? 13  ASP A CG  1 
ATOM   95   O  OD1 . ASP A 1 33  ? -1.148  -19.961 15.332  1.00 28.10 ? 13  ASP A OD1 1 
ATOM   96   O  OD2 . ASP A 1 33  ? -1.123  -19.107 17.353  1.00 28.03 ? 13  ASP A OD2 1 
ATOM   97   N  N   . ALA A 1 34  ? 0.921   -15.451 13.848  1.00 25.23 ? 14  ALA A N   1 
ATOM   98   C  CA  . ALA A 1 34  ? 1.017   -14.092 13.306  1.00 24.78 ? 14  ALA A CA  1 
ATOM   99   C  C   . ALA A 1 34  ? 1.091   -14.131 11.788  1.00 24.89 ? 14  ALA A C   1 
ATOM   100  O  O   . ALA A 1 34  ? 0.449   -13.325 11.105  1.00 24.54 ? 14  ALA A O   1 
ATOM   101  C  CB  . ALA A 1 34  ? 2.224   -13.361 13.875  1.00 24.53 ? 14  ALA A CB  1 
ATOM   102  N  N   . TYR A 1 35  ? 1.864   -15.077 11.259  1.00 25.24 ? 15  TYR A N   1 
ATOM   103  C  CA  . TYR A 1 35  ? 2.024   -15.169 9.807   1.00 25.79 ? 15  TYR A CA  1 
ATOM   104  C  C   . TYR A 1 35  ? 0.694   -15.539 9.136   1.00 25.06 ? 15  TYR A C   1 
ATOM   105  O  O   . TYR A 1 35  ? 0.312   -14.912 8.157   1.00 24.97 ? 15  TYR A O   1 
ATOM   106  C  CB  . TYR A 1 35  ? 3.154   -16.143 9.416   1.00 26.90 ? 15  TYR A CB  1 
ATOM   107  C  CG  . TYR A 1 35  ? 3.436   -16.164 7.926   1.00 28.39 ? 15  TYR A CG  1 
ATOM   108  C  CD1 . TYR A 1 35  ? 3.827   -15.006 7.257   1.00 29.90 ? 15  TYR A CD1 1 
ATOM   109  C  CD2 . TYR A 1 35  ? 3.311   -17.345 7.189   1.00 30.75 ? 15  TYR A CD2 1 
ATOM   110  C  CE1 . TYR A 1 35  ? 4.076   -15.012 5.880   1.00 31.98 ? 15  TYR A CE1 1 
ATOM   111  C  CE2 . TYR A 1 35  ? 3.566   -17.363 5.814   1.00 31.72 ? 15  TYR A CE2 1 
ATOM   112  C  CZ  . TYR A 1 35  ? 3.951   -16.201 5.173   1.00 31.25 ? 15  TYR A CZ  1 
ATOM   113  O  OH  . TYR A 1 35  ? 4.200   -16.206 3.812   1.00 32.49 ? 15  TYR A OH  1 
ATOM   114  N  N   . ALA A 1 36  ? 0.000   -16.535 9.684   1.00 24.93 ? 16  ALA A N   1 
ATOM   115  C  CA  . ALA A 1 36  ? -1.326  -16.940 9.195   1.00 24.97 ? 16  ALA A CA  1 
ATOM   116  C  C   . ALA A 1 36  ? -2.325  -15.773 9.218   1.00 25.29 ? 16  ALA A C   1 
ATOM   117  O  O   . ALA A 1 36  ? -3.106  -15.601 8.283   1.00 25.02 ? 16  ALA A O   1 
ATOM   118  C  CB  . ALA A 1 36  ? -1.856  -18.110 9.999   1.00 25.05 ? 16  ALA A CB  1 
ATOM   119  N  N   . ALA A 1 37  ? -2.290  -14.978 10.285  1.00 25.29 ? 17  ALA A N   1 
ATOM   120  C  CA  . ALA A 1 37  ? -3.191  -13.834 10.430  1.00 25.73 ? 17  ALA A CA  1 
ATOM   121  C  C   . ALA A 1 37  ? -2.927  -12.784 9.364   1.00 25.92 ? 17  ALA A C   1 
ATOM   122  O  O   . ALA A 1 37  ? -3.872  -12.216 8.799   1.00 25.88 ? 17  ALA A O   1 
ATOM   123  C  CB  . ALA A 1 37  ? -3.080  -13.226 11.836  1.00 25.89 ? 17  ALA A CB  1 
HETATM 124  N  N   . MSE A 1 38  ? -1.647  -12.530 9.087   1.00 25.95 ? 18  MSE A N   1 
HETATM 125  C  CA  . MSE A 1 38  ? -1.246  -11.565 8.070   1.00 26.37 ? 18  MSE A CA  1 
HETATM 126  C  C   . MSE A 1 38  ? -1.648  -12.055 6.670   1.00 26.55 ? 18  MSE A C   1 
HETATM 127  O  O   . MSE A 1 38  ? -2.132  -11.275 5.851   1.00 26.62 ? 18  MSE A O   1 
HETATM 128  C  CB  . MSE A 1 38  ? 0.260   -11.292 8.133   1.00 26.61 ? 18  MSE A CB  1 
HETATM 129  C  CG  . MSE A 1 38  ? 0.732   -10.466 9.341   1.00 28.15 ? 18  MSE A CG  1 
HETATM 130  SE SE  . MSE A 1 38  ? -0.056  -8.675  9.319   0.60 33.86 ? 18  MSE A SE  1 
HETATM 131  C  CE  . MSE A 1 38  ? 0.352   -8.160  7.488   1.00 34.45 ? 18  MSE A CE  1 
ATOM   132  N  N   . LEU A 1 39  ? -1.471  -13.347 6.410   1.00 26.79 ? 19  LEU A N   1 
ATOM   133  C  CA  . LEU A 1 39  ? -1.932  -13.935 5.151   1.00 26.89 ? 19  LEU A CA  1 
ATOM   134  C  C   . LEU A 1 39  ? -3.452  -13.806 4.963   1.00 27.08 ? 19  LEU A C   1 
ATOM   135  O  O   . LEU A 1 39  ? -3.925  -13.707 3.830   1.00 27.18 ? 19  LEU A O   1 
ATOM   136  C  CB  . LEU A 1 39  ? -1.488  -15.396 5.015   1.00 27.16 ? 19  LEU A CB  1 
ATOM   137  C  CG  . LEU A 1 39  ? 0.008   -15.629 4.765   1.00 27.77 ? 19  LEU A CG  1 
ATOM   138  C  CD1 . LEU A 1 39  ? 0.312   -17.112 4.696   1.00 27.21 ? 19  LEU A CD1 1 
ATOM   139  C  CD2 . LEU A 1 39  ? 0.513   -14.892 3.506   1.00 29.53 ? 19  LEU A CD2 1 
ATOM   140  N  N   . GLY A 1 40  ? -4.205  -13.811 6.068   1.00 27.02 ? 20  GLY A N   1 
ATOM   141  C  CA  . GLY A 1 40  ? -5.662  -13.584 6.029   1.00 26.66 ? 20  GLY A CA  1 
ATOM   142  C  C   . GLY A 1 40  ? -6.067  -12.216 5.480   1.00 26.65 ? 20  GLY A C   1 
ATOM   143  O  O   . GLY A 1 40  ? -7.102  -12.090 4.818   1.00 26.09 ? 20  GLY A O   1 
ATOM   144  N  N   . LEU A 1 41  ? -5.258  -11.193 5.754   1.00 26.33 ? 21  LEU A N   1 
ATOM   145  C  CA  . LEU A 1 41  ? -5.436  -9.885  5.120   1.00 27.25 ? 21  LEU A CA  1 
ATOM   146  C  C   . LEU A 1 41  ? -5.298  -10.021 3.606   1.00 27.29 ? 21  LEU A C   1 
ATOM   147  O  O   . LEU A 1 41  ? -6.130  -9.505  2.852   1.00 27.58 ? 21  LEU A O   1 
ATOM   148  C  CB  . LEU A 1 41  ? -4.435  -8.845  5.655   1.00 26.89 ? 21  LEU A CB  1 
ATOM   149  C  CG  . LEU A 1 41  ? -4.382  -8.595  7.174   1.00 28.57 ? 21  LEU A CG  1 
ATOM   150  C  CD1 . LEU A 1 41  ? -3.444  -7.444  7.466   1.00 27.67 ? 21  LEU A CD1 1 
ATOM   151  C  CD2 . LEU A 1 41  ? -5.747  -8.303  7.747   1.00 28.91 ? 21  LEU A CD2 1 
ATOM   152  N  N   . GLU A 1 42  ? -4.267  -10.734 3.163   1.00 27.36 ? 22  GLU A N   1 
ATOM   153  C  CA  . GLU A 1 42  ? -4.050  -10.921 1.720   1.00 28.11 ? 22  GLU A CA  1 
ATOM   154  C  C   . GLU A 1 42  ? -5.161  -11.741 1.056   1.00 27.83 ? 22  GLU A C   1 
ATOM   155  O  O   . GLU A 1 42  ? -5.546  -11.444 -0.071  1.00 27.83 ? 22  GLU A O   1 
ATOM   156  C  CB  . GLU A 1 42  ? -2.667  -11.516 1.442   1.00 28.06 ? 22  GLU A CB  1 
ATOM   157  C  CG  . GLU A 1 42  ? -1.525  -10.627 1.966   1.00 29.58 ? 22  GLU A CG  1 
ATOM   158  C  CD  . GLU A 1 42  ? -1.441  -9.284  1.249   1.00 31.98 ? 22  GLU A CD  1 
ATOM   159  O  OE1 . GLU A 1 42  ? -1.748  -9.239  0.039   1.00 33.80 ? 22  GLU A OE1 1 
ATOM   160  O  OE2 . GLU A 1 42  ? -1.084  -8.267  1.895   1.00 31.67 ? 22  GLU A OE2 1 
ATOM   161  N  N   . LYS A 1 43  ? -5.671  -12.754 1.761   1.00 27.63 ? 23  LYS A N   1 
ATOM   162  C  CA  . LYS A 1 43  ? -6.778  -13.576 1.255   1.00 27.97 ? 23  LYS A CA  1 
ATOM   163  C  C   . LYS A 1 43  ? -8.028  -12.722 0.998   1.00 27.38 ? 23  LYS A C   1 
ATOM   164  O  O   . LYS A 1 43  ? -8.652  -12.840 -0.052  1.00 27.59 ? 23  LYS A O   1 
ATOM   165  C  CB  . LYS A 1 43  ? -7.064  -14.742 2.210   1.00 27.54 ? 23  LYS A CB  1 
ATOM   166  C  CG  . LYS A 1 43  ? -8.268  -15.582 1.838   1.00 28.93 ? 23  LYS A CG  1 
ATOM   167  C  CD  . LYS A 1 43  ? -8.363  -16.837 2.701   1.00 29.41 ? 23  LYS A CD  1 
ATOM   168  C  CE  . LYS A 1 43  ? -9.732  -17.489 2.575   1.00 33.07 ? 23  LYS A CE  1 
ATOM   169  N  NZ  . LYS A 1 43  ? -10.086 -17.773 1.143   1.00 35.73 ? 23  LYS A NZ  1 
ATOM   170  N  N   . ALA A 1 44  ? -8.359  -11.842 1.948   1.00 27.08 ? 24  ALA A N   1 
ATOM   171  C  CA  . ALA A 1 44  ? -9.481  -10.901 1.822   1.00 26.95 ? 24  ALA A CA  1 
ATOM   172  C  C   . ALA A 1 44  ? -9.324  -9.953  0.632   1.00 27.28 ? 24  ALA A C   1 
ATOM   173  O  O   . ALA A 1 44  ? -10.281 -9.715  -0.124  1.00 26.85 ? 24  ALA A O   1 
ATOM   174  C  CB  . ALA A 1 44  ? -9.642  -10.097 3.117   1.00 26.87 ? 24  ALA A CB  1 
ATOM   175  N  N   . LEU A 1 45  ? -8.113  -9.419  0.473   1.00 27.15 ? 25  LEU A N   1 
ATOM   176  C  CA  . LEU A 1 45  ? -7.801  -8.513  -0.628  1.00 28.01 ? 25  LEU A CA  1 
ATOM   177  C  C   . LEU A 1 45  ? -7.873  -9.203  -1.979  1.00 28.46 ? 25  LEU A C   1 
ATOM   178  O  O   . LEU A 1 45  ? -8.359  -8.617  -2.961  1.00 28.38 ? 25  LEU A O   1 
ATOM   179  C  CB  . LEU A 1 45  ? -6.415  -7.877  -0.424  1.00 28.09 ? 25  LEU A CB  1 
ATOM   180  C  CG  . LEU A 1 45  ? -6.374  -6.734  0.585   1.00 29.84 ? 25  LEU A CG  1 
ATOM   181  C  CD1 . LEU A 1 45  ? -4.929  -6.368  0.984   1.00 32.01 ? 25  LEU A CD1 1 
ATOM   182  C  CD2 . LEU A 1 45  ? -7.120  -5.503  0.067   1.00 31.49 ? 25  LEU A CD2 1 
ATOM   183  N  N   . ALA A 1 46  ? -7.383  -10.441 -2.031  1.00 28.07 ? 26  ALA A N   1 
ATOM   184  C  CA  . ALA A 1 46  ? -7.485  -11.253 -3.234  1.00 28.41 ? 26  ALA A CA  1 
ATOM   185  C  C   . ALA A 1 46  ? -8.943  -11.422 -3.666  1.00 28.93 ? 26  ALA A C   1 
ATOM   186  O  O   . ALA A 1 46  ? -9.226  -11.517 -4.864  1.00 28.43 ? 26  ALA A O   1 
ATOM   187  C  CB  . ALA A 1 46  ? -6.843  -12.613 -3.015  1.00 28.73 ? 26  ALA A CB  1 
ATOM   188  N  N   . LYS A 1 47  ? -9.861  -11.453 -2.697  1.00 28.73 ? 27  LYS A N   1 
ATOM   189  C  CA  . LYS A 1 47  ? -11.297 -11.632 -2.993  1.00 29.31 ? 27  LYS A CA  1 
ATOM   190  C  C   . LYS A 1 47  ? -12.037 -10.312 -3.276  1.00 28.84 ? 27  LYS A C   1 
ATOM   191  O  O   . LYS A 1 47  ? -13.165 -10.323 -3.774  1.00 28.65 ? 27  LYS A O   1 
ATOM   192  C  CB  . LYS A 1 47  ? -11.989 -12.393 -1.856  1.00 29.29 ? 27  LYS A CB  1 
ATOM   193  C  CG  . LYS A 1 47  ? -11.438 -13.804 -1.627  1.00 30.94 ? 27  LYS A CG  1 
ATOM   194  C  CD  . LYS A 1 47  ? -12.359 -14.650 -0.765  1.00 33.63 ? 27  LYS A CD  1 
ATOM   195  C  CE  . LYS A 1 47  ? -12.320 -14.245 0.697   1.00 34.60 ? 27  LYS A CE  1 
ATOM   196  N  NZ  . LYS A 1 47  ? -13.009 -15.248 1.576   1.00 37.19 ? 27  LYS A NZ  1 
ATOM   197  N  N   . ALA A 1 48  ? -11.389 -9.196  -2.974  1.00 28.85 ? 28  ALA A N   1 
ATOM   198  C  CA  . ALA A 1 48  ? -11.971 -7.864  -3.130  1.00 28.82 ? 28  ALA A CA  1 
ATOM   199  C  C   . ALA A 1 48  ? -12.174 -7.505  -4.600  1.00 29.11 ? 28  ALA A C   1 
ATOM   200  O  O   . ALA A 1 48  ? -11.418 -7.951  -5.468  1.00 29.09 ? 28  ALA A O   1 
ATOM   201  C  CB  . ALA A 1 48  ? -11.081 -6.817  -2.440  1.00 29.07 ? 28  ALA A CB  1 
ATOM   202  N  N   . GLY A 1 49  ? -13.205 -6.712  -4.885  1.00 29.11 ? 29  GLY A N   1 
ATOM   203  C  CA  . GLY A 1 49  ? -13.410 -6.188  -6.240  1.00 28.54 ? 29  GLY A CA  1 
ATOM   204  C  C   . GLY A 1 49  ? -12.341 -5.180  -6.650  1.00 28.53 ? 29  GLY A C   1 
ATOM   205  O  O   . GLY A 1 49  ? -12.071 -5.000  -7.851  1.00 28.33 ? 29  GLY A O   1 
ATOM   206  N  N   . LEU A 1 50  ? -11.714 -4.521  -5.668  1.00 28.41 ? 30  LEU A N   1 
ATOM   207  C  CA  . LEU A 1 50  ? -10.673 -3.514  -5.938  1.00 28.66 ? 30  LEU A CA  1 
ATOM   208  C  C   . LEU A 1 50  ? -9.583  -4.062  -6.888  1.00 28.82 ? 30  LEU A C   1 
ATOM   209  O  O   . LEU A 1 50  ? -9.057  -5.165  -6.666  1.00 29.13 ? 30  LEU A O   1 
ATOM   210  C  CB  . LEU A 1 50  ? -10.076 -2.989  -4.611  1.00 28.55 ? 30  LEU A CB  1 
ATOM   211  C  CG  . LEU A 1 50  ? -9.283  -1.681  -4.614  1.00 30.04 ? 30  LEU A CG  1 
ATOM   212  C  CD1 . LEU A 1 50  ? -10.146 -0.497  -5.047  1.00 30.36 ? 30  LEU A CD1 1 
ATOM   213  C  CD2 . LEU A 1 50  ? -8.697  -1.430  -3.220  1.00 29.06 ? 30  LEU A CD2 1 
ATOM   214  N  N   . GLU A 1 51  ? -9.304  -3.331  -7.975  1.00 28.21 ? 31  GLU A N   1 
ATOM   215  C  CA  . GLU A 1 51  ? -8.418  -3.824  -9.035  1.00 28.09 ? 31  GLU A CA  1 
ATOM   216  C  C   . GLU A 1 51  ? -6.977  -3.990  -8.544  1.00 27.93 ? 31  GLU A C   1 
ATOM   217  O  O   . GLU A 1 51  ? -6.473  -3.165  -7.785  1.00 26.68 ? 31  GLU A O   1 
ATOM   218  C  CB  . GLU A 1 51  ? -8.461  -2.913  -10.277 1.00 28.75 ? 31  GLU A CB  1 
ATOM   219  C  CG  . GLU A 1 51  ? -8.092  -1.446  -10.038 1.00 28.98 ? 31  GLU A CG  1 
ATOM   220  C  CD  . GLU A 1 51  ? -9.286  -0.541  -9.653  1.00 29.80 ? 31  GLU A CD  1 
ATOM   221  O  OE1 . GLU A 1 51  ? -10.317 -1.036  -9.119  1.00 27.72 ? 31  GLU A OE1 1 
ATOM   222  O  OE2 . GLU A 1 51  ? -9.175  0.689   -9.903  1.00 29.43 ? 31  GLU A OE2 1 
ATOM   223  N  N   . ARG A 1 52  ? -6.319  -5.056  -8.990  1.00 27.97 ? 32  ARG A N   1 
ATOM   224  C  CA  . ARG A 1 52  ? -4.971  -5.391  -8.483  1.00 27.67 ? 32  ARG A CA  1 
ATOM   225  C  C   . ARG A 1 52  ? -3.885  -4.329  -8.776  1.00 26.54 ? 32  ARG A C   1 
ATOM   226  O  O   . ARG A 1 52  ? -3.059  -4.042  -7.906  1.00 25.52 ? 32  ARG A O   1 
ATOM   227  C  CB  . ARG A 1 52  ? -4.584  -6.803  -8.977  1.00 28.84 ? 32  ARG A CB  1 
ATOM   228  C  CG  . ARG A 1 52  ? -3.141  -7.300  -8.715  1.00 30.17 ? 32  ARG A CG  1 
ATOM   229  C  CD  . ARG A 1 52  ? -2.697  -7.255  -7.254  1.00 37.37 ? 32  ARG A CD  1 
ATOM   230  N  NE  . ARG A 1 52  ? -3.586  -7.932  -6.303  1.00 40.54 ? 32  ARG A NE  1 
ATOM   231  C  CZ  . ARG A 1 52  ? -3.260  -8.163  -5.029  1.00 42.00 ? 32  ARG A CZ  1 
ATOM   232  N  NH1 . ARG A 1 52  ? -2.060  -7.802  -4.577  1.00 41.68 ? 32  ARG A NH1 1 
ATOM   233  N  NH2 . ARG A 1 52  ? -4.118  -8.764  -4.207  1.00 41.81 ? 32  ARG A NH2 1 
ATOM   234  N  N   . PRO A 1 53  ? -3.868  -3.727  -9.987  1.00 26.06 ? 33  PRO A N   1 
ATOM   235  C  CA  . PRO A 1 53  ? -2.812  -2.725  -10.192 1.00 26.07 ? 33  PRO A CA  1 
ATOM   236  C  C   . PRO A 1 53  ? -2.902  -1.542  -9.234  1.00 26.75 ? 33  PRO A C   1 
ATOM   237  O  O   . PRO A 1 53  ? -1.876  -0.995  -8.831  1.00 26.73 ? 33  PRO A O   1 
ATOM   238  C  CB  . PRO A 1 53  ? -3.014  -2.278  -11.652 1.00 26.17 ? 33  PRO A CB  1 
ATOM   239  C  CG  . PRO A 1 53  ? -3.774  -3.376  -12.285 1.00 26.17 ? 33  PRO A CG  1 
ATOM   240  C  CD  . PRO A 1 53  ? -4.657  -3.943  -11.220 1.00 26.02 ? 33  PRO A CD  1 
ATOM   241  N  N   . LEU A 1 54  ? -4.117  -1.168  -8.843  1.00 26.77 ? 34  LEU A N   1 
ATOM   242  C  CA  . LEU A 1 54  ? -4.263  -0.091  -7.879  1.00 27.83 ? 34  LEU A CA  1 
ATOM   243  C  C   . LEU A 1 54  ? -3.716  -0.510  -6.509  1.00 27.03 ? 34  LEU A C   1 
ATOM   244  O  O   . LEU A 1 54  ? -3.032  0.277   -5.840  1.00 27.16 ? 34  LEU A O   1 
ATOM   245  C  CB  . LEU A 1 54  ? -5.717  0.369   -7.794  1.00 27.06 ? 34  LEU A CB  1 
ATOM   246  C  CG  . LEU A 1 54  ? -6.033  1.517   -6.803  1.00 30.12 ? 34  LEU A CG  1 
ATOM   247  C  CD1 . LEU A 1 54  ? -5.063  2.692   -6.911  1.00 32.78 ? 34  LEU A CD1 1 
ATOM   248  C  CD2 . LEU A 1 54  ? -7.465  1.968   -7.022  1.00 31.01 ? 34  LEU A CD2 1 
ATOM   249  N  N   . ILE A 1 55  ? -4.022  -1.741  -6.105  1.00 26.80 ? 35  ILE A N   1 
ATOM   250  C  CA  . ILE A 1 55  ? -3.503  -2.274  -4.839  1.00 27.15 ? 35  ILE A CA  1 
ATOM   251  C  C   . ILE A 1 55  ? -1.973  -2.253  -4.861  1.00 26.72 ? 35  ILE A C   1 
ATOM   252  O  O   . ILE A 1 55  ? -1.350  -1.851  -3.880  1.00 26.60 ? 35  ILE A O   1 
ATOM   253  C  CB  . ILE A 1 55  ? -4.048  -3.692  -4.535  1.00 26.89 ? 35  ILE A CB  1 
ATOM   254  C  CG1 . ILE A 1 55  ? -5.565  -3.624  -4.329  1.00 27.74 ? 35  ILE A CG1 1 
ATOM   255  C  CG2 . ILE A 1 55  ? -3.334  -4.304  -3.289  1.00 28.10 ? 35  ILE A CG2 1 
ATOM   256  C  CD1 . ILE A 1 55  ? -6.268  -4.984  -4.275  1.00 28.86 ? 35  ILE A CD1 1 
ATOM   257  N  N   . GLU A 1 56  ? -1.369  -2.632  -5.983  1.00 26.50 ? 36  GLU A N   1 
ATOM   258  C  CA  . GLU A 1 56  ? 0.097   -2.629  -6.068  1.00 27.73 ? 36  GLU A CA  1 
ATOM   259  C  C   . GLU A 1 56  ? 0.710   -1.240  -5.924  1.00 27.60 ? 36  GLU A C   1 
ATOM   260  O  O   . GLU A 1 56  ? 1.731   -1.078  -5.232  1.00 27.57 ? 36  GLU A O   1 
ATOM   261  C  CB  . GLU A 1 56  ? 0.607   -3.366  -7.316  1.00 28.30 ? 36  GLU A CB  1 
ATOM   262  C  CG  . GLU A 1 56  ? 0.263   -4.878  -7.367  1.00 31.63 ? 36  GLU A CG  1 
ATOM   263  C  CD  . GLU A 1 56  ? 0.843   -5.682  -6.177  1.00 38.44 ? 36  GLU A CD  1 
ATOM   264  O  OE1 . GLU A 1 56  ? 1.820   -5.211  -5.534  1.00 40.06 ? 36  GLU A OE1 1 
ATOM   265  O  OE2 . GLU A 1 56  ? 0.315   -6.787  -5.889  1.00 40.02 ? 36  GLU A OE2 1 
ATOM   266  N  N   . LEU A 1 57  ? 0.093   -0.238  -6.546  1.00 27.44 ? 37  LEU A N   1 
ATOM   267  C  CA  . LEU A 1 57  ? 0.500   1.157   -6.336  1.00 27.77 ? 37  LEU A CA  1 
ATOM   268  C  C   . LEU A 1 57  ? 0.426   1.580   -4.880  1.00 27.36 ? 37  LEU A C   1 
ATOM   269  O  O   . LEU A 1 57  ? 1.367   2.200   -4.370  1.00 26.19 ? 37  LEU A O   1 
ATOM   270  C  CB  . LEU A 1 57  ? -0.337  2.142   -7.169  1.00 28.54 ? 37  LEU A CB  1 
ATOM   271  C  CG  . LEU A 1 57  ? -0.232  2.020   -8.689  1.00 30.99 ? 37  LEU A CG  1 
ATOM   272  C  CD1 . LEU A 1 57  ? -1.090  3.131   -9.302  1.00 32.94 ? 37  LEU A CD1 1 
ATOM   273  C  CD2 . LEU A 1 57  ? 1.222   2.104   -9.158  1.00 31.30 ? 37  LEU A CD2 1 
ATOM   274  N  N   . VAL A 1 58  ? -0.695  1.253   -4.220  1.00 26.41 ? 38  VAL A N   1 
ATOM   275  C  CA  . VAL A 1 58  ? -0.876  1.540   -2.798  1.00 26.48 ? 38  VAL A CA  1 
ATOM   276  C  C   . VAL A 1 58  ? 0.242   0.874   -1.991  1.00 26.03 ? 38  VAL A C   1 
ATOM   277  O  O   . VAL A 1 58  ? 0.865   1.512   -1.140  1.00 25.49 ? 38  VAL A O   1 
ATOM   278  C  CB  . VAL A 1 58  ? -2.283  1.079   -2.295  1.00 26.65 ? 38  VAL A CB  1 
ATOM   279  C  CG1 . VAL A 1 58  ? -2.353  1.136   -0.756  1.00 27.90 ? 38  VAL A CG1 1 
ATOM   280  C  CG2 . VAL A 1 58  ? -3.360  1.973   -2.918  1.00 27.80 ? 38  VAL A CG2 1 
ATOM   281  N  N   . TYR A 1 59  ? 0.503   -0.398  -2.283  1.00 24.77 ? 39  TYR A N   1 
ATOM   282  C  CA  . TYR A 1 59  ? 1.563   -1.125  -1.591  1.00 24.90 ? 39  TYR A CA  1 
ATOM   283  C  C   . TYR A 1 59  ? 2.945   -0.521  -1.840  1.00 24.81 ? 39  TYR A C   1 
ATOM   284  O  O   . TYR A 1 59  ? 3.717   -0.324  -0.904  1.00 23.47 ? 39  TYR A O   1 
ATOM   285  C  CB  . TYR A 1 59  ? 1.549   -2.572  -2.018  1.00 25.94 ? 39  TYR A CB  1 
ATOM   286  C  CG  . TYR A 1 59  ? 0.637   -3.433  -1.183  1.00 26.11 ? 39  TYR A CG  1 
ATOM   287  C  CD1 . TYR A 1 59  ? -0.674  -3.027  -0.869  1.00 27.28 ? 39  TYR A CD1 1 
ATOM   288  C  CD2 . TYR A 1 59  ? 1.083   -4.670  -0.705  1.00 29.43 ? 39  TYR A CD2 1 
ATOM   289  C  CE1 . TYR A 1 59  ? -1.510  -3.843  -0.107  1.00 27.48 ? 39  TYR A CE1 1 
ATOM   290  C  CE2 . TYR A 1 59  ? 0.257   -5.491  0.060   1.00 30.93 ? 39  TYR A CE2 1 
ATOM   291  C  CZ  . TYR A 1 59  ? -1.035  -5.072  0.354   1.00 30.25 ? 39  TYR A CZ  1 
ATOM   292  O  OH  . TYR A 1 59  ? -1.826  -5.905  1.124   1.00 29.34 ? 39  TYR A OH  1 
ATOM   293  N  N   . LEU A 1 60  ? 3.257   -0.245  -3.102  1.00 24.01 ? 40  LEU A N   1 
ATOM   294  C  CA  . LEU A 1 60  ? 4.563   0.307   -3.424  1.00 24.22 ? 40  LEU A CA  1 
ATOM   295  C  C   . LEU A 1 60  ? 4.748   1.690   -2.812  1.00 23.78 ? 40  LEU A C   1 
ATOM   296  O  O   . LEU A 1 60  ? 5.779   1.966   -2.193  1.00 23.51 ? 40  LEU A O   1 
ATOM   297  C  CB  . LEU A 1 60  ? 4.791   0.357   -4.944  1.00 24.52 ? 40  LEU A CB  1 
ATOM   298  C  CG  . LEU A 1 60  ? 6.156   0.906   -5.389  1.00 24.21 ? 40  LEU A CG  1 
ATOM   299  C  CD1 . LEU A 1 60  ? 7.353   0.170   -4.759  1.00 24.93 ? 40  LEU A CD1 1 
ATOM   300  C  CD2 . LEU A 1 60  ? 6.254   0.837   -6.910  1.00 24.43 ? 40  LEU A CD2 1 
ATOM   301  N  N   . ARG A 1 61  ? 3.761   2.570   -2.974  1.00 23.84 ? 41  ARG A N   1 
ATOM   302  C  CA  . ARG A 1 61  ? 3.898   3.914   -2.422  1.00 23.74 ? 41  ARG A CA  1 
ATOM   303  C  C   . ARG A 1 61  ? 4.039   3.895   -0.888  1.00 23.90 ? 41  ARG A C   1 
ATOM   304  O  O   . ARG A 1 61  ? 4.863   4.628   -0.325  1.00 23.43 ? 41  ARG A O   1 
ATOM   305  C  CB  . ARG A 1 61  ? 2.731   4.833   -2.874  1.00 24.02 ? 41  ARG A CB  1 
ATOM   306  C  CG  . ARG A 1 61  ? 2.879   6.275   -2.366  1.00 25.43 ? 41  ARG A CG  1 
ATOM   307  C  CD  . ARG A 1 61  ? 4.021   7.015   -3.085  1.00 27.89 ? 41  ARG A CD  1 
ATOM   308  N  NE  . ARG A 1 61  ? 4.342   8.279   -2.410  1.00 27.75 ? 41  ARG A NE  1 
ATOM   309  C  CZ  . ARG A 1 61  ? 5.544   8.641   -1.961  1.00 27.92 ? 41  ARG A CZ  1 
ATOM   310  N  NH1 . ARG A 1 61  ? 6.610   7.855   -2.095  1.00 28.67 ? 41  ARG A NH1 1 
ATOM   311  N  NH2 . ARG A 1 61  ? 5.682   9.809   -1.345  1.00 29.07 ? 41  ARG A NH2 1 
ATOM   312  N  N   . THR A 1 62  ? 3.232   3.080   -0.216  1.00 24.00 ? 42  THR A N   1 
ATOM   313  C  CA  . THR A 1 62  ? 3.310   2.999   1.252   1.00 24.88 ? 42  THR A CA  1 
ATOM   314  C  C   . THR A 1 62  ? 4.692   2.522   1.679   1.00 24.33 ? 42  THR A C   1 
ATOM   315  O  O   . THR A 1 62  ? 5.274   3.054   2.635   1.00 24.79 ? 42  THR A O   1 
ATOM   316  C  CB  . THR A 1 62  ? 2.223   2.096   1.854   1.00 25.61 ? 42  THR A CB  1 
ATOM   317  O  OG1 . THR A 1 62  ? 0.925   2.604   1.488   1.00 25.20 ? 42  THR A OG1 1 
ATOM   318  C  CG2 . THR A 1 62  ? 2.325   2.051   3.401   1.00 24.46 ? 42  THR A CG2 1 
ATOM   319  N  N   . SER A 1 63  ? 5.212   1.538   0.957   1.00 23.92 ? 43  SER A N   1 
ATOM   320  C  CA  . SER A 1 63  ? 6.502   0.936   1.302   1.00 24.60 ? 43  SER A CA  1 
ATOM   321  C  C   . SER A 1 63  ? 7.642   1.929   1.115   1.00 24.17 ? 43  SER A C   1 
ATOM   322  O  O   . SER A 1 63  ? 8.591   1.925   1.879   1.00 24.10 ? 43  SER A O   1 
ATOM   323  C  CB  . SER A 1 63  ? 6.738   -0.335  0.480   1.00 24.28 ? 43  SER A CB  1 
ATOM   324  O  OG  . SER A 1 63  ? 5.697   -1.278  0.741   1.00 24.72 ? 43  SER A OG  1 
ATOM   325  N  N   . GLN A 1 64  ? 7.545   2.756   0.074   1.00 23.55 ? 44  GLN A N   1 
ATOM   326  C  CA  . GLN A 1 64  ? 8.474   3.865   -0.133  1.00 23.54 ? 44  GLN A CA  1 
ATOM   327  C  C   . GLN A 1 64  ? 8.443   4.846   1.050   1.00 23.49 ? 44  GLN A C   1 
ATOM   328  O  O   . GLN A 1 64  ? 9.498   5.239   1.566   1.00 23.85 ? 44  GLN A O   1 
ATOM   329  C  CB  . GLN A 1 64  ? 8.105   4.638   -1.399  1.00 23.54 ? 44  GLN A CB  1 
ATOM   330  C  CG  . GLN A 1 64  ? 8.333   3.886   -2.704  1.00 24.56 ? 44  GLN A CG  1 
ATOM   331  C  CD  . GLN A 1 64  ? 7.838   4.661   -3.918  1.00 23.78 ? 44  GLN A CD  1 
ATOM   332  O  OE1 . GLN A 1 64  ? 7.033   5.571   -3.804  1.00 25.92 ? 44  GLN A OE1 1 
ATOM   333  N  NE2 . GLN A 1 64  ? 8.305   4.270   -5.091  1.00 23.33 ? 44  GLN A NE2 1 
ATOM   334  N  N   . ILE A 1 65  ? 7.236   5.264   1.442   1.00 24.22 ? 45  ILE A N   1 
ATOM   335  C  CA  . ILE A 1 65  ? 7.074   6.255   2.527   1.00 24.53 ? 45  ILE A CA  1 
ATOM   336  C  C   . ILE A 1 65  ? 7.636   5.721   3.854   1.00 24.46 ? 45  ILE A C   1 
ATOM   337  O  O   . ILE A 1 65  ? 8.345   6.430   4.586   1.00 23.95 ? 45  ILE A O   1 
ATOM   338  C  CB  . ILE A 1 65  ? 5.598   6.686   2.684   1.00 24.07 ? 45  ILE A CB  1 
ATOM   339  C  CG1 . ILE A 1 65  ? 5.181   7.568   1.493   1.00 24.63 ? 45  ILE A CG1 1 
ATOM   340  C  CG2 . ILE A 1 65  ? 5.395   7.446   4.024   1.00 26.44 ? 45  ILE A CG2 1 
ATOM   341  C  CD1 . ILE A 1 65  ? 3.656   7.743   1.387   1.00 27.17 ? 45  ILE A CD1 1 
ATOM   342  N  N   . ASN A 1 66  ? 7.347   4.458   4.124   1.00 24.76 ? 46  ASN A N   1 
ATOM   343  C  CA  . ASN A 1 66  ? 7.795   3.791   5.343   1.00 24.42 ? 46  ASN A CA  1 
ATOM   344  C  C   . ASN A 1 66  ? 9.234   3.289   5.312   1.00 24.88 ? 46  ASN A C   1 
ATOM   345  O  O   . ASN A 1 66  ? 9.737   2.807   6.331   1.00 25.02 ? 46  ASN A O   1 
ATOM   346  C  CB  . ASN A 1 66  ? 6.846   2.646   5.675   1.00 24.12 ? 46  ASN A CB  1 
ATOM   347  C  CG  . ASN A 1 66  ? 5.520   3.146   6.238   1.00 25.06 ? 46  ASN A CG  1 
ATOM   348  O  OD1 . ASN A 1 66  ? 5.459   4.224   6.842   1.00 27.95 ? 46  ASN A OD1 1 
ATOM   349  N  ND2 . ASN A 1 66  ? 4.475   2.367   6.068   1.00 24.05 ? 46  ASN A ND2 1 
ATOM   350  N  N   . GLY A 1 67  ? 9.882   3.408   4.153   1.00 24.79 ? 47  GLY A N   1 
ATOM   351  C  CA  . GLY A 1 67  ? 11.272  3.010   3.999   1.00 25.42 ? 47  GLY A CA  1 
ATOM   352  C  C   . GLY A 1 67  ? 11.469  1.515   4.161   1.00 25.62 ? 47  GLY A C   1 
ATOM   353  O  O   . GLY A 1 67  ? 12.466  1.075   4.762   1.00 26.83 ? 47  GLY A O   1 
ATOM   354  N  N   . CYS A 1 68  ? 10.520  0.721   3.667   1.00 25.71 ? 48  CYS A N   1 
ATOM   355  C  CA  . CYS A 1 68  ? 10.679  -0.734  3.746   1.00 25.23 ? 48  CYS A CA  1 
ATOM   356  C  C   . CYS A 1 68  ? 11.223  -1.267  2.410   1.00 24.54 ? 48  CYS A C   1 
ATOM   357  O  O   . CYS A 1 68  ? 10.472  -1.489  1.463   1.00 23.47 ? 48  CYS A O   1 
ATOM   358  C  CB  . CYS A 1 68  ? 9.388   -1.442  4.149   1.00 25.35 ? 48  CYS A CB  1 
ATOM   359  S  SG  . CYS A 1 68  ? 9.611   -3.247  4.208   1.00 29.37 ? 48  CYS A SG  1 
ATOM   360  N  N   . ALA A 1 69  ? 12.540  -1.453  2.352   1.00 24.36 ? 49  ALA A N   1 
ATOM   361  C  CA  . ALA A 1 69  ? 13.203  -1.832  1.094   1.00 24.23 ? 49  ALA A CA  1 
ATOM   362  C  C   . ALA A 1 69  ? 12.743  -3.215  0.594   1.00 24.26 ? 49  ALA A C   1 
ATOM   363  O  O   . ALA A 1 69  ? 12.599  -3.448  -0.608  1.00 23.23 ? 49  ALA A O   1 
ATOM   364  C  CB  . ALA A 1 69  ? 14.699  -1.796  1.291   1.00 24.81 ? 49  ALA A CB  1 
ATOM   365  N  N   . TYR A 1 70  ? 12.511  -4.132  1.528   1.00 24.22 ? 50  TYR A N   1 
ATOM   366  C  CA  . TYR A 1 70  ? 12.023  -5.454  1.155   1.00 25.01 ? 50  TYR A CA  1 
ATOM   367  C  C   . TYR A 1 70  ? 10.690  -5.342  0.387   1.00 24.21 ? 50  TYR A C   1 
ATOM   368  O  O   . TYR A 1 70  ? 10.542  -5.880  -0.719  1.00 23.15 ? 50  TYR A O   1 
ATOM   369  C  CB  . TYR A 1 70  ? 11.877  -6.324  2.408   1.00 26.70 ? 50  TYR A CB  1 
ATOM   370  C  CG  . TYR A 1 70  ? 11.326  -7.689  2.114   1.00 29.42 ? 50  TYR A CG  1 
ATOM   371  C  CD1 . TYR A 1 70  ? 12.168  -8.742  1.801   1.00 32.25 ? 50  TYR A CD1 1 
ATOM   372  C  CD2 . TYR A 1 70  ? 9.947   -7.919  2.135   1.00 32.54 ? 50  TYR A CD2 1 
ATOM   373  C  CE1 . TYR A 1 70  ? 11.656  -10.012 1.528   1.00 34.96 ? 50  TYR A CE1 1 
ATOM   374  C  CE2 . TYR A 1 70  ? 9.422   -9.173  1.858   1.00 33.86 ? 50  TYR A CE2 1 
ATOM   375  C  CZ  . TYR A 1 70  ? 10.276  -10.212 1.558   1.00 33.87 ? 50  TYR A CZ  1 
ATOM   376  O  OH  . TYR A 1 70  ? 9.760   -11.464 1.285   1.00 34.86 ? 50  TYR A OH  1 
ATOM   377  N  N   . CYS A 1 71  ? 9.731   -4.622  0.968   1.00 24.14 ? 51  CYS A N   1 
ATOM   378  C  CA  . CYS A 1 71  ? 8.417   -4.449  0.338   1.00 25.01 ? 51  CYS A CA  1 
ATOM   379  C  C   . CYS A 1 71  ? 8.448   -3.618  -0.963  1.00 24.97 ? 51  CYS A C   1 
ATOM   380  O  O   . CYS A 1 71  ? 7.725   -3.924  -1.918  1.00 25.07 ? 51  CYS A O   1 
ATOM   381  C  CB  . CYS A 1 71  ? 7.412   -3.866  1.331   1.00 25.52 ? 51  CYS A CB  1 
ATOM   382  S  SG  . CYS A 1 71  ? 7.088   -4.959  2.763   1.00 31.10 ? 51  CYS A SG  1 
ATOM   383  N  N   . VAL A 1 72  ? 9.300   -2.591  -1.008  1.00 25.21 ? 52  VAL A N   1 
ATOM   384  C  CA  . VAL A 1 72  ? 9.485   -1.801  -2.250  1.00 25.32 ? 52  VAL A CA  1 
ATOM   385  C  C   . VAL A 1 72  ? 9.905   -2.706  -3.404  1.00 25.99 ? 52  VAL A C   1 
ATOM   386  O  O   . VAL A 1 72  ? 9.384   -2.616  -4.534  1.00 26.72 ? 52  VAL A O   1 
ATOM   387  C  CB  . VAL A 1 72  ? 10.527  -0.662  -2.059  1.00 25.18 ? 52  VAL A CB  1 
ATOM   388  C  CG1 . VAL A 1 72  ? 11.013  -0.116  -3.422  1.00 25.12 ? 52  VAL A CG1 1 
ATOM   389  C  CG2 . VAL A 1 72  ? 9.954   0.437   -1.198  1.00 23.96 ? 52  VAL A CG2 1 
ATOM   390  N  N   . ASN A 1 73  ? 10.877  -3.562  -3.132  1.00 26.43 ? 53  ASN A N   1 
ATOM   391  C  CA  . ASN A 1 73  ? 11.395  -4.482  -4.126  1.00 27.53 ? 53  ASN A CA  1 
ATOM   392  C  C   . ASN A 1 73  ? 10.330  -5.468  -4.592  1.00 27.82 ? 53  ASN A C   1 
ATOM   393  O  O   . ASN A 1 73  ? 10.099  -5.614  -5.795  1.00 26.82 ? 53  ASN A O   1 
ATOM   394  C  CB  . ASN A 1 73  ? 12.594  -5.233  -3.556  1.00 27.50 ? 53  ASN A CB  1 
ATOM   395  C  CG  . ASN A 1 73  ? 13.658  -5.438  -4.568  1.00 30.77 ? 53  ASN A CG  1 
ATOM   396  O  OD1 . ASN A 1 73  ? 14.006  -4.514  -5.306  1.00 32.20 ? 53  ASN A OD1 1 
ATOM   397  N  ND2 . ASN A 1 73  ? 14.193  -6.659  -4.634  1.00 33.78 ? 53  ASN A ND2 1 
HETATM 398  N  N   . MSE A 1 74  ? 9.658   -6.096  -3.626  1.00 28.03 ? 54  MSE A N   1 
HETATM 399  C  CA  . MSE A 1 74  ? 8.619   -7.068  -3.907  1.00 30.96 ? 54  MSE A CA  1 
HETATM 400  C  C   . MSE A 1 74  ? 7.466   -6.479  -4.725  1.00 28.52 ? 54  MSE A C   1 
HETATM 401  O  O   . MSE A 1 74  ? 7.011   -7.088  -5.691  1.00 27.38 ? 54  MSE A O   1 
HETATM 402  C  CB  . MSE A 1 74  ? 8.074   -7.659  -2.610  1.00 31.02 ? 54  MSE A CB  1 
HETATM 403  C  CG  . MSE A 1 74  ? 6.865   -8.530  -2.850  1.00 34.19 ? 54  MSE A CG  1 
HETATM 404  SE SE  . MSE A 1 74  ? 6.318   -9.547  -1.316  0.50 40.19 ? 54  MSE A SE  1 
HETATM 405  C  CE  . MSE A 1 74  ? 5.247   -10.902 -2.245  1.00 37.95 ? 54  MSE A CE  1 
ATOM   406  N  N   . HIS A 1 75  ? 7.009   -5.293  -4.341  1.00 27.81 ? 55  HIS A N   1 
ATOM   407  C  CA  . HIS A 1 75  ? 5.830   -4.704  -4.999  1.00 27.87 ? 55  HIS A CA  1 
ATOM   408  C  C   . HIS A 1 75  ? 6.120   -3.960  -6.291  1.00 28.00 ? 55  HIS A C   1 
ATOM   409  O  O   . HIS A 1 75  ? 5.249   -3.879  -7.157  1.00 27.91 ? 55  HIS A O   1 
ATOM   410  C  CB  . HIS A 1 75  ? 4.923   -3.980  -3.987  1.00 28.10 ? 55  HIS A CB  1 
ATOM   411  C  CG  . HIS A 1 75  ? 4.420   -4.918  -2.942  1.00 29.49 ? 55  HIS A CG  1 
ATOM   412  N  ND1 . HIS A 1 75  ? 3.516   -5.922  -3.233  1.00 31.49 ? 55  HIS A ND1 1 
ATOM   413  C  CD2 . HIS A 1 75  ? 4.787   -5.102  -1.653  1.00 31.08 ? 55  HIS A CD2 1 
ATOM   414  C  CE1 . HIS A 1 75  ? 3.323   -6.660  -2.153  1.00 31.28 ? 55  HIS A CE1 1 
ATOM   415  N  NE2 . HIS A 1 75  ? 4.080   -6.184  -1.180  1.00 32.37 ? 55  HIS A NE2 1 
ATOM   416  N  N   . ALA A 1 76  ? 7.356   -3.473  -6.466  1.00 26.99 ? 56  ALA A N   1 
ATOM   417  C  CA  . ALA A 1 76  ? 7.743   -2.952  -7.772  1.00 27.40 ? 56  ALA A CA  1 
ATOM   418  C  C   . ALA A 1 76  ? 7.772   -4.128  -8.755  1.00 27.86 ? 56  ALA A C   1 
ATOM   419  O  O   . ALA A 1 76  ? 7.311   -4.030  -9.896  1.00 27.47 ? 56  ALA A O   1 
ATOM   420  C  CB  . ALA A 1 76  ? 9.089   -2.228  -7.707  1.00 27.42 ? 56  ALA A CB  1 
ATOM   421  N  N   . ASN A 1 77  ? 8.297   -5.259  -8.288  1.00 28.55 ? 57  ASN A N   1 
ATOM   422  C  CA  . ASN A 1 77  ? 8.307   -6.487  -9.085  1.00 30.37 ? 57  ASN A CA  1 
ATOM   423  C  C   . ASN A 1 77  ? 6.887   -7.021  -9.360  1.00 30.94 ? 57  ASN A C   1 
ATOM   424  O  O   . ASN A 1 77  ? 6.570   -7.355  -10.502 1.00 31.87 ? 57  ASN A O   1 
ATOM   425  C  CB  . ASN A 1 77  ? 9.225   -7.541  -8.430  1.00 30.31 ? 57  ASN A CB  1 
ATOM   426  C  CG  . ASN A 1 77  ? 10.724  -7.164  -8.515  1.00 32.57 ? 57  ASN A CG  1 
ATOM   427  O  OD1 . ASN A 1 77  ? 11.131  -6.337  -9.340  1.00 35.98 ? 57  ASN A OD1 1 
ATOM   428  N  ND2 . ASN A 1 77  ? 11.550  -7.801  -7.679  1.00 32.98 ? 57  ASN A ND2 1 
ATOM   429  N  N   . ASP A 1 78  ? 6.036   -7.055  -8.332  1.00 32.18 ? 58  ASP A N   1 
ATOM   430  C  CA  . ASP A 1 78  ? 4.623   -7.474  -8.455  1.00 33.32 ? 58  ASP A CA  1 
ATOM   431  C  C   . ASP A 1 78  ? 3.774   -6.515  -9.308  1.00 33.76 ? 58  ASP A C   1 
ATOM   432  O  O   . ASP A 1 78  ? 2.833   -6.947  -9.995  1.00 33.94 ? 58  ASP A O   1 
ATOM   433  C  CB  . ASP A 1 78  ? 3.961   -7.597  -7.087  1.00 33.99 ? 58  ASP A CB  1 
ATOM   434  C  CG  . ASP A 1 78  ? 4.383   -8.850  -6.324  1.00 35.61 ? 58  ASP A CG  1 
ATOM   435  O  OD1 . ASP A 1 78  ? 5.067   -9.721  -6.901  1.00 36.44 ? 58  ASP A OD1 1 
ATOM   436  O  OD2 . ASP A 1 78  ? 4.003   -8.947  -5.138  1.00 39.44 ? 58  ASP A OD2 1 
ATOM   437  N  N   . ALA A 1 79  ? 4.095   -5.225  -9.255  1.00 33.50 ? 59  ALA A N   1 
ATOM   438  C  CA  . ALA A 1 79  ? 3.422   -4.242  -10.108 1.00 33.61 ? 59  ALA A CA  1 
ATOM   439  C  C   . ALA A 1 79  ? 3.701   -4.514  -11.582 1.00 33.91 ? 59  ALA A C   1 
ATOM   440  O  O   . ALA A 1 79  ? 2.770   -4.499  -12.399 1.00 34.37 ? 59  ALA A O   1 
ATOM   441  C  CB  . ALA A 1 79  ? 3.796   -2.820  -9.715  1.00 32.83 ? 59  ALA A CB  1 
ATOM   442  N  N   . ARG A 1 80  ? 4.959   -4.802  -11.931 1.00 34.40 ? 60  ARG A N   1 
ATOM   443  C  CA  . ARG A 1 80  ? 5.289   -5.264  -13.286 1.00 35.65 ? 60  ARG A CA  1 
ATOM   444  C  C   . ARG A 1 80  ? 4.493   -6.534  -13.674 1.00 35.95 ? 60  ARG A C   1 
ATOM   445  O  O   . ARG A 1 80  ? 4.016   -6.661  -14.810 1.00 35.62 ? 60  ARG A O   1 
ATOM   446  C  CB  . ARG A 1 80  ? 6.794   -5.535  -13.448 1.00 35.71 ? 60  ARG A CB  1 
ATOM   447  C  CG  . ARG A 1 80  ? 7.678   -4.315  -13.297 1.00 35.04 ? 60  ARG A CG  1 
ATOM   448  C  CD  . ARG A 1 80  ? 9.154   -4.563  -13.711 1.00 36.26 ? 60  ARG A CD  1 
ATOM   449  N  NE  . ARG A 1 80  ? 9.939   -3.346  -13.457 1.00 36.16 ? 60  ARG A NE  1 
ATOM   450  C  CZ  . ARG A 1 80  ? 10.568  -3.065  -12.314 1.00 34.81 ? 60  ARG A CZ  1 
ATOM   451  N  NH1 . ARG A 1 80  ? 10.577  -3.939  -11.311 1.00 32.44 ? 60  ARG A NH1 1 
ATOM   452  N  NH2 . ARG A 1 80  ? 11.200  -1.902  -12.179 1.00 30.87 ? 60  ARG A NH2 1 
ATOM   453  N  N   . LYS A 1 81  ? 4.336   -7.457  -12.724 1.00 36.27 ? 61  LYS A N   1 
ATOM   454  C  CA  . LYS A 1 81  ? 3.544   -8.672  -12.970 1.00 36.62 ? 61  LYS A CA  1 
ATOM   455  C  C   . LYS A 1 81  ? 2.084   -8.324  -13.265 1.00 36.21 ? 61  LYS A C   1 
ATOM   456  O  O   . LYS A 1 81  ? 1.408   -9.039  -14.012 1.00 36.97 ? 61  LYS A O   1 
ATOM   457  C  CB  . LYS A 1 81  ? 3.604   -9.639  -11.782 1.00 36.58 ? 61  LYS A CB  1 
ATOM   458  C  CG  . LYS A 1 81  ? 4.966   -10.290 -11.543 1.00 38.64 ? 61  LYS A CG  1 
ATOM   459  C  CD  . LYS A 1 81  ? 4.826   -11.651 -10.851 1.00 42.03 ? 61  LYS A CD  1 
ATOM   460  C  CE  . LYS A 1 81  ? 4.128   -11.550 -9.483  1.00 43.81 ? 61  LYS A CE  1 
ATOM   461  N  NZ  . LYS A 1 81  ? 3.824   -12.908 -8.932  1.00 44.77 ? 61  LYS A NZ  1 
ATOM   462  N  N   . ALA A 1 82  ? 1.607   -7.242  -12.659 1.00 35.39 ? 62  ALA A N   1 
ATOM   463  C  CA  . ALA A 1 82  ? 0.258   -6.739  -12.899 1.00 34.95 ? 62  ALA A CA  1 
ATOM   464  C  C   . ALA A 1 82  ? 0.167   -5.801  -14.131 1.00 34.70 ? 62  ALA A C   1 
ATOM   465  O  O   . ALA A 1 82  ? -0.854  -5.131  -14.306 1.00 35.18 ? 62  ALA A O   1 
ATOM   466  C  CB  . ALA A 1 82  ? -0.291  -6.048  -11.632 1.00 34.97 ? 62  ALA A CB  1 
ATOM   467  N  N   . GLY A 1 83  ? 1.221   -5.765  -14.962 1.00 33.45 ? 63  GLY A N   1 
ATOM   468  C  CA  . GLY A 1 83  ? 1.272   -4.933  -16.192 1.00 32.34 ? 63  GLY A CA  1 
ATOM   469  C  C   . GLY A 1 83  ? 1.883   -3.512  -16.160 1.00 31.36 ? 63  GLY A C   1 
ATOM   470  O  O   . GLY A 1 83  ? 1.923   -2.825  -17.195 1.00 30.96 ? 63  GLY A O   1 
ATOM   471  N  N   . GLU A 1 84  ? 2.391   -3.064  -15.008 1.00 30.33 ? 64  GLU A N   1 
ATOM   472  C  CA  . GLU A 1 84  ? 2.844   -1.657  -14.883 1.00 30.06 ? 64  GLU A CA  1 
ATOM   473  C  C   . GLU A 1 84  ? 4.037   -1.276  -15.739 1.00 29.04 ? 64  GLU A C   1 
ATOM   474  O  O   . GLU A 1 84  ? 4.901   -2.120  -16.013 1.00 29.79 ? 64  GLU A O   1 
ATOM   475  C  CB  . GLU A 1 84  ? 3.147   -1.273  -13.437 1.00 29.98 ? 64  GLU A CB  1 
ATOM   476  C  CG  . GLU A 1 84  ? 1.975   -0.809  -12.665 1.00 33.12 ? 64  GLU A CG  1 
ATOM   477  C  CD  . GLU A 1 84  ? 1.101   0.236   -13.375 1.00 35.27 ? 64  GLU A CD  1 
ATOM   478  O  OE1 . GLU A 1 84  ? 1.581   0.971   -14.280 1.00 33.06 ? 64  GLU A OE1 1 
ATOM   479  O  OE2 . GLU A 1 84  ? -0.084  0.297   -13.000 1.00 36.17 ? 64  GLU A OE2 1 
ATOM   480  N  N   . THR A 1 85  ? 4.083   -0.007  -16.152 1.00 27.44 ? 65  THR A N   1 
ATOM   481  C  CA  . THR A 1 85  ? 5.175   0.524   -16.990 1.00 26.85 ? 65  THR A CA  1 
ATOM   482  C  C   . THR A 1 85  ? 6.287   1.151   -16.160 1.00 25.63 ? 65  THR A C   1 
ATOM   483  O  O   . THR A 1 85  ? 6.059   1.561   -15.025 1.00 24.05 ? 65  THR A O   1 
ATOM   484  C  CB  . THR A 1 85  ? 4.682   1.629   -17.947 1.00 26.61 ? 65  THR A CB  1 
ATOM   485  O  OG1 . THR A 1 85  ? 4.119   2.690   -17.178 1.00 27.44 ? 65  THR A OG1 1 
ATOM   486  C  CG2 . THR A 1 85  ? 3.639   1.099   -18.961 1.00 28.73 ? 65  THR A CG2 1 
ATOM   487  N  N   . GLU A 1 86  ? 7.490   1.261   -16.736 1.00 25.74 ? 66  GLU A N   1 
ATOM   488  C  CA  . GLU A 1 86  ? 8.581   1.908   -15.991 1.00 25.96 ? 66  GLU A CA  1 
ATOM   489  C  C   . GLU A 1 86  ? 8.269   3.376   -15.704 1.00 25.63 ? 66  GLU A C   1 
ATOM   490  O  O   . GLU A 1 86  ? 8.634   3.896   -14.663 1.00 24.68 ? 66  GLU A O   1 
ATOM   491  C  CB  . GLU A 1 86  ? 9.936   1.762   -16.695 1.00 26.19 ? 66  GLU A CB  1 
ATOM   492  C  CG  . GLU A 1 86  ? 10.391  0.318   -16.888 1.00 28.29 ? 66  GLU A CG  1 
ATOM   493  C  CD  . GLU A 1 86  ? 10.382  -0.537  -15.610 1.00 30.82 ? 66  GLU A CD  1 
ATOM   494  O  OE1 . GLU A 1 86  ? 10.575  -0.021  -14.473 1.00 28.35 ? 66  GLU A OE1 1 
ATOM   495  O  OE2 . GLU A 1 86  ? 10.203  -1.768  -15.758 1.00 32.30 ? 66  GLU A OE2 1 
ATOM   496  N  N   . GLN A 1 87  ? 7.572   4.021   -16.635 1.00 26.18 ? 67  GLN A N   1 
ATOM   497  C  CA  . GLN A 1 87  ? 7.147   5.404   -16.486 1.00 26.64 ? 67  GLN A CA  1 
ATOM   498  C  C   . GLN A 1 87  ? 6.333   5.625   -15.219 1.00 26.09 ? 67  GLN A C   1 
ATOM   499  O  O   . GLN A 1 87  ? 6.602   6.529   -14.432 1.00 25.36 ? 67  GLN A O   1 
ATOM   500  C  CB  . GLN A 1 87  ? 6.335   5.817   -17.727 1.00 28.07 ? 67  GLN A CB  1 
ATOM   501  C  CG  . GLN A 1 87  ? 5.743   7.193   -17.619 1.00 31.49 ? 67  GLN A CG  1 
ATOM   502  C  CD  . GLN A 1 87  ? 6.819   8.234   -17.595 1.00 35.70 ? 67  GLN A CD  1 
ATOM   503  O  OE1 . GLN A 1 87  ? 7.230   8.692   -16.519 1.00 40.34 ? 67  GLN A OE1 1 
ATOM   504  N  NE2 . GLN A 1 87  ? 7.315   8.596   -18.766 1.00 36.71 ? 67  GLN A NE2 1 
ATOM   505  N  N   . ARG A 1 88  ? 5.330   4.782   -15.012 1.00 25.29 ? 68  ARG A N   1 
ATOM   506  C  CA  . ARG A 1 88  ? 4.549   4.875   -13.793 1.00 25.02 ? 68  ARG A CA  1 
ATOM   507  C  C   . ARG A 1 88  ? 5.327   4.484   -12.546 1.00 23.92 ? 68  ARG A C   1 
ATOM   508  O  O   . ARG A 1 88  ? 5.245   5.165   -11.520 1.00 22.84 ? 68  ARG A O   1 
ATOM   509  C  CB  . ARG A 1 88  ? 3.252   4.102   -13.945 1.00 25.37 ? 68  ARG A CB  1 
ATOM   510  C  CG  . ARG A 1 88  ? 2.234   4.991   -14.662 1.00 28.20 ? 68  ARG A CG  1 
ATOM   511  C  CD  . ARG A 1 88  ? 1.072   4.269   -15.215 1.00 27.00 ? 68  ARG A CD  1 
ATOM   512  N  NE  . ARG A 1 88  ? 0.374   3.388   -14.287 1.00 25.73 ? 68  ARG A NE  1 
ATOM   513  C  CZ  . ARG A 1 88  ? -0.686  3.717   -13.560 1.00 26.23 ? 68  ARG A CZ  1 
ATOM   514  N  NH1 . ARG A 1 88  ? -1.183  4.958   -13.584 1.00 25.24 ? 68  ARG A NH1 1 
ATOM   515  N  NH2 . ARG A 1 88  ? -1.267  2.786   -12.815 1.00 27.49 ? 68  ARG A NH2 1 
ATOM   516  N  N   . LEU A 1 89  ? 6.128   3.432   -12.633 1.00 22.98 ? 69  LEU A N   1 
ATOM   517  C  CA  . LEU A 1 89  ? 6.848   2.992   -11.428 1.00 23.16 ? 69  LEU A CA  1 
ATOM   518  C  C   . LEU A 1 89  ? 7.856   4.041   -10.960 1.00 23.05 ? 69  LEU A C   1 
ATOM   519  O  O   . LEU A 1 89  ? 8.040   4.213   -9.756  1.00 22.99 ? 69  LEU A O   1 
ATOM   520  C  CB  . LEU A 1 89  ? 7.562   1.640   -11.651 1.00 24.10 ? 69  LEU A CB  1 
ATOM   521  C  CG  . LEU A 1 89  ? 6.590   0.461   -11.822 1.00 25.85 ? 69  LEU A CG  1 
ATOM   522  C  CD1 . LEU A 1 89  ? 7.353   -0.808  -12.163 1.00 29.78 ? 69  LEU A CD1 1 
ATOM   523  C  CD2 . LEU A 1 89  ? 5.756   0.251   -10.586 1.00 30.03 ? 69  LEU A CD2 1 
ATOM   524  N  N   . GLN A 1 90  ? 8.521   4.716   -11.901 1.00 22.83 ? 70  GLN A N   1 
ATOM   525  C  CA  . GLN A 1 90  ? 9.525   5.741   -11.513 1.00 23.08 ? 70  GLN A CA  1 
ATOM   526  C  C   . GLN A 1 90  ? 8.896   7.076   -11.045 1.00 22.93 ? 70  GLN A C   1 
ATOM   527  O  O   . GLN A 1 90  ? 9.537   7.844   -10.299 1.00 22.83 ? 70  GLN A O   1 
ATOM   528  C  CB  . GLN A 1 90  ? 10.541  5.985   -12.623 1.00 22.71 ? 70  GLN A CB  1 
ATOM   529  C  CG  . GLN A 1 90  ? 9.990   6.761   -13.828 1.00 23.87 ? 70  GLN A CG  1 
ATOM   530  C  CD  . GLN A 1 90  ? 10.913  6.736   -15.031 1.00 23.26 ? 70  GLN A CD  1 
ATOM   531  O  OE1 . GLN A 1 90  ? 11.729  5.827   -15.197 1.00 23.94 ? 70  GLN A OE1 1 
ATOM   532  N  NE2 . GLN A 1 90  ? 10.772  7.728   -15.897 1.00 22.50 ? 70  GLN A NE2 1 
ATOM   533  N  N   . ALA A 1 91  ? 7.666   7.324   -11.493 1.00 22.77 ? 71  ALA A N   1 
ATOM   534  C  CA  . ALA A 1 91  ? 6.925   8.570   -11.191 1.00 24.18 ? 71  ALA A CA  1 
ATOM   535  C  C   . ALA A 1 91  ? 6.069   8.466   -9.942  1.00 24.68 ? 71  ALA A C   1 
ATOM   536  O  O   . ALA A 1 91  ? 5.574   9.481   -9.422  1.00 24.44 ? 71  ALA A O   1 
ATOM   537  C  CB  . ALA A 1 91  ? 6.051   8.959   -12.386 1.00 24.41 ? 71  ALA A CB  1 
ATOM   538  N  N   . LEU A 1 92  ? 5.886   7.248   -9.438  1.00 24.37 ? 72  LEU A N   1 
ATOM   539  C  CA  . LEU A 1 92  ? 4.978   7.063   -8.307  1.00 24.97 ? 72  LEU A CA  1 
ATOM   540  C  C   . LEU A 1 92  ? 5.377   7.877   -7.079  1.00 24.89 ? 72  LEU A C   1 
ATOM   541  O  O   . LEU A 1 92  ? 4.510   8.402   -6.392  1.00 25.60 ? 72  LEU A O   1 
ATOM   542  C  CB  . LEU A 1 92  ? 4.829   5.572   -7.967  1.00 24.81 ? 72  LEU A CB  1 
ATOM   543  C  CG  . LEU A 1 92  ? 3.926   5.231   -6.785  1.00 26.63 ? 72  LEU A CG  1 
ATOM   544  C  CD1 . LEU A 1 92  ? 2.458   5.658   -7.057  1.00 26.48 ? 72  LEU A CD1 1 
ATOM   545  C  CD2 . LEU A 1 92  ? 4.054   3.716   -6.505  1.00 26.06 ? 72  LEU A CD2 1 
ATOM   546  N  N   . CYS A 1 93  ? 6.678   7.988   -6.799  1.00 24.62 ? 73  CYS A N   1 
ATOM   547  C  CA  . CYS A 1 93  ? 7.131   8.680   -5.584  1.00 25.29 ? 73  CYS A CA  1 
ATOM   548  C  C   . CYS A 1 93  ? 6.880   10.194  -5.656  1.00 25.09 ? 73  CYS A C   1 
ATOM   549  O  O   . CYS A 1 93  ? 6.961   10.886  -4.638  1.00 26.22 ? 73  CYS A O   1 
ATOM   550  C  CB  . CYS A 1 93  ? 8.619   8.423   -5.310  1.00 25.45 ? 73  CYS A CB  1 
ATOM   551  S  SG  . CYS A 1 93  ? 9.740   9.032   -6.589  1.00 29.77 ? 73  CYS A SG  1 
ATOM   552  N  N   . VAL A 1 94  ? 6.567   10.681  -6.848  1.00 24.08 ? 74  VAL A N   1 
ATOM   553  C  CA  . VAL A 1 94  ? 6.303   12.101  -7.094  1.00 23.71 ? 74  VAL A CA  1 
ATOM   554  C  C   . VAL A 1 94  ? 4.973   12.263  -7.863  1.00 23.20 ? 74  VAL A C   1 
ATOM   555  O  O   . VAL A 1 94  ? 4.821   13.196  -8.659  1.00 24.34 ? 74  VAL A O   1 
ATOM   556  C  CB  . VAL A 1 94  ? 7.470   12.803  -7.864  1.00 23.15 ? 74  VAL A CB  1 
ATOM   557  C  CG1 . VAL A 1 94  ? 8.717   12.923  -6.999  1.00 23.55 ? 74  VAL A CG1 1 
ATOM   558  C  CG2 . VAL A 1 94  ? 7.774   12.123  -9.246  1.00 25.17 ? 74  VAL A CG2 1 
ATOM   559  N  N   . TRP A 1 95  ? 4.031   11.347  -7.614  1.00 22.62 ? 75  TRP A N   1 
ATOM   560  C  CA  . TRP A 1 95  ? 2.815   11.183  -8.441  1.00 23.00 ? 75  TRP A CA  1 
ATOM   561  C  C   . TRP A 1 95  ? 1.986   12.479  -8.570  1.00 23.43 ? 75  TRP A C   1 
ATOM   562  O  O   . TRP A 1 95  ? 1.376   12.736  -9.618  1.00 23.39 ? 75  TRP A O   1 
ATOM   563  C  CB  . TRP A 1 95  ? 1.936   10.054  -7.871  1.00 23.59 ? 75  TRP A CB  1 
ATOM   564  C  CG  . TRP A 1 95  ? 1.425   10.301  -6.488  1.00 24.77 ? 75  TRP A CG  1 
ATOM   565  C  CD1 . TRP A 1 95  ? 2.020   9.936   -5.312  1.00 24.88 ? 75  TRP A CD1 1 
ATOM   566  C  CD2 . TRP A 1 95  ? 0.198   10.963  -6.127  1.00 24.87 ? 75  TRP A CD2 1 
ATOM   567  N  NE1 . TRP A 1 95  ? 1.249   10.335  -4.241  1.00 26.63 ? 75  TRP A NE1 1 
ATOM   568  C  CE2 . TRP A 1 95  ? 0.121   10.957  -4.712  1.00 25.15 ? 75  TRP A CE2 1 
ATOM   569  C  CE3 . TRP A 1 95  ? -0.839  11.544  -6.859  1.00 26.13 ? 75  TRP A CE3 1 
ATOM   570  C  CZ2 . TRP A 1 95  ? -0.958  11.529  -4.009  1.00 25.38 ? 75  TRP A CZ2 1 
ATOM   571  C  CZ3 . TRP A 1 95  ? -1.921  12.118  -6.164  1.00 25.57 ? 75  TRP A CZ3 1 
ATOM   572  C  CH2 . TRP A 1 95  ? -1.967  12.100  -4.757  1.00 25.17 ? 75  TRP A CH2 1 
ATOM   573  N  N   . GLN A 1 96  ? 1.984   13.285  -7.508  1.00 23.58 ? 76  GLN A N   1 
ATOM   574  C  CA  . GLN A 1 96  ? 1.162   14.518  -7.457  1.00 24.95 ? 76  GLN A CA  1 
ATOM   575  C  C   . GLN A 1 96  ? 1.366   15.458  -8.623  1.00 25.91 ? 76  GLN A C   1 
ATOM   576  O  O   . GLN A 1 96  ? 0.399   16.055  -9.126  1.00 26.06 ? 76  GLN A O   1 
ATOM   577  C  CB  . GLN A 1 96  ? 1.389   15.266  -6.138  1.00 24.10 ? 76  GLN A CB  1 
ATOM   578  C  CG  . GLN A 1 96  ? 0.906   14.507  -4.920  1.00 26.66 ? 76  GLN A CG  1 
ATOM   579  C  CD  . GLN A 1 96  ? 2.002   13.685  -4.212  1.00 29.83 ? 76  GLN A CD  1 
ATOM   580  O  OE1 . GLN A 1 96  ? 2.983   13.229  -4.838  1.00 29.74 ? 76  GLN A OE1 1 
ATOM   581  N  NE2 . GLN A 1 96  ? 1.828   13.481  -2.899  1.00 31.09 ? 76  GLN A NE2 1 
ATOM   582  N  N   . GLU A 1 97  ? 2.618   15.587  -9.068  1.00 25.96 ? 77  GLU A N   1 
ATOM   583  C  CA  . GLU A 1 97  ? 2.945   16.521  -10.119 1.00 27.71 ? 77  GLU A CA  1 
ATOM   584  C  C   . GLU A 1 97  ? 3.171   15.863  -11.486 1.00 26.75 ? 77  GLU A C   1 
ATOM   585  O  O   . GLU A 1 97  ? 3.948   16.343  -12.305 1.00 26.02 ? 77  GLU A O   1 
ATOM   586  C  CB  . GLU A 1 97  ? 4.122   17.401  -9.686  1.00 28.98 ? 77  GLU A CB  1 
ATOM   587  C  CG  . GLU A 1 97  ? 3.695   18.528  -8.672  1.00 34.07 ? 77  GLU A CG  1 
ATOM   588  C  CD  . GLU A 1 97  ? 2.462   19.331  -9.137  1.00 39.73 ? 77  GLU A CD  1 
ATOM   589  O  OE1 . GLU A 1 97  ? 2.412   19.778  -10.309 1.00 43.53 ? 77  GLU A OE1 1 
ATOM   590  O  OE2 . GLU A 1 97  ? 1.526   19.520  -8.325  1.00 42.88 ? 77  GLU A OE2 1 
ATOM   591  N  N   . THR A 1 98  ? 2.463   14.766  -11.723 1.00 26.07 ? 78  THR A N   1 
ATOM   592  C  CA  . THR A 1 98  ? 2.524   14.084  -13.013 1.00 25.96 ? 78  THR A CA  1 
ATOM   593  C  C   . THR A 1 98  ? 1.119   13.892  -13.589 1.00 26.28 ? 78  THR A C   1 
ATOM   594  O  O   . THR A 1 98  ? 0.142   13.928  -12.840 1.00 27.05 ? 78  THR A O   1 
ATOM   595  C  CB  . THR A 1 98  ? 3.129   12.681  -12.873 1.00 25.70 ? 78  THR A CB  1 
ATOM   596  O  OG1 . THR A 1 98  ? 2.178   11.829  -12.252 1.00 26.14 ? 78  THR A OG1 1 
ATOM   597  C  CG2 . THR A 1 98  ? 4.429   12.686  -12.038 1.00 25.00 ? 78  THR A CG2 1 
ATOM   598  N  N   . PRO A 1 99  ? 1.023   13.645  -14.900 1.00 25.89 ? 79  PRO A N   1 
ATOM   599  C  CA  . PRO A 1 99  ? -0.268  13.331  -15.509 1.00 26.38 ? 79  PRO A CA  1 
ATOM   600  C  C   . PRO A 1 99  ? -0.575  11.835  -15.665 1.00 26.09 ? 79  PRO A C   1 
ATOM   601  O  O   . PRO A 1 99  ? -1.545  11.480  -16.346 1.00 26.20 ? 79  PRO A O   1 
ATOM   602  C  CB  . PRO A 1 99  ? -0.132  13.966  -16.887 1.00 26.34 ? 79  PRO A CB  1 
ATOM   603  C  CG  . PRO A 1 99  ? 1.320   13.713  -17.240 1.00 27.13 ? 79  PRO A CG  1 
ATOM   604  C  CD  . PRO A 1 99  ? 2.088   13.764  -15.925 1.00 26.36 ? 79  PRO A CD  1 
ATOM   605  N  N   . TYR A 1 100 ? 0.230   10.973  -15.042 1.00 26.24 ? 80  TYR A N   1 
ATOM   606  C  CA  . TYR A 1 100 ? 0.165   9.529   -15.321 1.00 26.50 ? 80  TYR A CA  1 
ATOM   607  C  C   . TYR A 1 100 ? -0.879  8.747   -14.540 1.00 26.27 ? 80  TYR A C   1 
ATOM   608  O  O   . TYR A 1 100 ? -1.134  7.592   -14.864 1.00 27.25 ? 80  TYR A O   1 
ATOM   609  C  CB  . TYR A 1 100 ? 1.526   8.872   -15.055 1.00 26.02 ? 80  TYR A CB  1 
ATOM   610  C  CG  . TYR A 1 100 ? 2.649   9.563   -15.731 1.00 27.10 ? 80  TYR A CG  1 
ATOM   611  C  CD1 . TYR A 1 100 ? 2.594   9.851   -17.096 1.00 27.39 ? 80  TYR A CD1 1 
ATOM   612  C  CD2 . TYR A 1 100 ? 3.786   9.930   -15.018 1.00 26.78 ? 80  TYR A CD2 1 
ATOM   613  C  CE1 . TYR A 1 100 ? 3.647   10.504  -17.731 1.00 29.36 ? 80  TYR A CE1 1 
ATOM   614  C  CE2 . TYR A 1 100 ? 4.834   10.571  -15.639 1.00 28.14 ? 80  TYR A CE2 1 
ATOM   615  C  CZ  . TYR A 1 100 ? 4.756   10.861  -16.984 1.00 28.44 ? 80  TYR A CZ  1 
ATOM   616  O  OH  . TYR A 1 100 ? 5.790   11.498  -17.599 1.00 29.89 ? 80  TYR A OH  1 
ATOM   617  N  N   . PHE A 1 101 ? -1.452  9.361   -13.511 1.00 25.59 ? 81  PHE A N   1 
ATOM   618  C  CA  . PHE A 1 101 ? -2.346  8.655   -12.603 1.00 25.18 ? 81  PHE A CA  1 
ATOM   619  C  C   . PHE A 1 101 ? -3.765  9.201   -12.747 1.00 25.28 ? 81  PHE A C   1 
ATOM   620  O  O   . PHE A 1 101 ? -3.965  10.424  -12.867 1.00 26.00 ? 81  PHE A O   1 
ATOM   621  C  CB  . PHE A 1 101 ? -1.794  8.726   -11.161 1.00 24.42 ? 81  PHE A CB  1 
ATOM   622  C  CG  . PHE A 1 101 ? -0.388  8.158   -11.043 1.00 25.64 ? 81  PHE A CG  1 
ATOM   623  C  CD1 . PHE A 1 101 ? -0.202  6.779   -10.873 1.00 25.70 ? 81  PHE A CD1 1 
ATOM   624  C  CD2 . PHE A 1 101 ? 0.744   8.980   -11.154 1.00 25.25 ? 81  PHE A CD2 1 
ATOM   625  C  CE1 . PHE A 1 101 ? 1.098   6.231   -10.823 1.00 26.20 ? 81  PHE A CE1 1 
ATOM   626  C  CE2 . PHE A 1 101 ? 2.046   8.445   -11.079 1.00 24.41 ? 81  PHE A CE2 1 
ATOM   627  C  CZ  . PHE A 1 101 ? 2.217   7.060   -10.917 1.00 24.43 ? 81  PHE A CZ  1 
ATOM   628  N  N   . THR A 1 102 ? -4.741  8.302   -12.781 1.00 25.15 ? 82  THR A N   1 
ATOM   629  C  CA  . THR A 1 102 ? -6.146  8.689   -13.006 1.00 24.51 ? 82  THR A CA  1 
ATOM   630  C  C   . THR A 1 102 ? -6.713  9.432   -11.787 1.00 23.88 ? 82  THR A C   1 
ATOM   631  O  O   . THR A 1 102 ? -6.137  9.351   -10.717 1.00 24.80 ? 82  THR A O   1 
ATOM   632  C  CB  . THR A 1 102 ? -7.052  7.464   -13.285 1.00 25.15 ? 82  THR A CB  1 
ATOM   633  O  OG1 . THR A 1 102 ? -7.274  6.732   -12.068 1.00 24.39 ? 82  THR A OG1 1 
ATOM   634  C  CG2 . THR A 1 102 ? -6.437  6.545   -14.337 1.00 26.29 ? 82  THR A CG2 1 
ATOM   635  N  N   . PRO A 1 103 ? -7.824  10.185  -11.959 1.00 24.06 ? 83  PRO A N   1 
ATOM   636  C  CA  . PRO A 1 103 ? -8.546  10.800  -10.829 1.00 23.73 ? 83  PRO A CA  1 
ATOM   637  C  C   . PRO A 1 103 ? -8.786  9.812   -9.697  1.00 24.13 ? 83  PRO A C   1 
ATOM   638  O  O   . PRO A 1 103 ? -8.576  10.148  -8.528  1.00 23.23 ? 83  PRO A O   1 
ATOM   639  C  CB  . PRO A 1 103 ? -9.868  11.246  -11.463 1.00 23.95 ? 83  PRO A CB  1 
ATOM   640  C  CG  . PRO A 1 103 ? -9.485  11.592  -12.856 1.00 24.01 ? 83  PRO A CG  1 
ATOM   641  C  CD  . PRO A 1 103 ? -8.413  10.576  -13.249 1.00 23.61 ? 83  PRO A CD  1 
ATOM   642  N  N   . ARG A 1 104 ? -9.203  8.595   -10.047 1.00 23.96 ? 84  ARG A N   1 
ATOM   643  C  CA  . ARG A 1 104 ? -9.448  7.535   -9.063  1.00 24.24 ? 84  ARG A CA  1 
ATOM   644  C  C   . ARG A 1 104 ? -8.157  7.102   -8.362  1.00 24.28 ? 84  ARG A C   1 
ATOM   645  O  O   . ARG A 1 104 ? -8.117  6.941   -7.135  1.00 24.13 ? 84  ARG A O   1 
ATOM   646  C  CB  . ARG A 1 104 ? -10.106 6.347   -9.770  1.00 24.30 ? 84  ARG A CB  1 
ATOM   647  C  CG  . ARG A 1 104 ? -10.409 5.144   -8.876  1.00 25.69 ? 84  ARG A CG  1 
ATOM   648  C  CD  . ARG A 1 104 ? -11.120 4.100   -9.735  1.00 26.84 ? 84  ARG A CD  1 
ATOM   649  N  NE  . ARG A 1 104 ? -11.148 2.750   -9.159  1.00 25.68 ? 84  ARG A NE  1 
ATOM   650  C  CZ  . ARG A 1 104 ? -12.201 2.222   -8.553  1.00 25.18 ? 84  ARG A CZ  1 
ATOM   651  N  NH1 . ARG A 1 104 ? -13.315 2.930   -8.385  1.00 25.30 ? 84  ARG A NH1 1 
ATOM   652  N  NH2 . ARG A 1 104 ? -12.135 0.975   -8.092  1.00 26.85 ? 84  ARG A NH2 1 
ATOM   653  N  N   . GLU A 1 105 ? -7.090  6.925   -9.129  1.00 24.15 ? 85  GLU A N   1 
ATOM   654  C  CA  . GLU A 1 105 ? -5.818  6.545   -8.507  1.00 25.19 ? 85  GLU A CA  1 
ATOM   655  C  C   . GLU A 1 105 ? -5.318  7.663   -7.615  1.00 24.17 ? 85  GLU A C   1 
ATOM   656  O  O   . GLU A 1 105 ? -4.804  7.383   -6.555  1.00 25.18 ? 85  GLU A O   1 
ATOM   657  C  CB  . GLU A 1 105 ? -4.739  6.203   -9.538  1.00 24.89 ? 85  GLU A CB  1 
ATOM   658  C  CG  . GLU A 1 105 ? -5.052  4.974   -10.365 1.00 27.94 ? 85  GLU A CG  1 
ATOM   659  C  CD  . GLU A 1 105 ? -4.007  4.695   -11.463 1.00 27.70 ? 85  GLU A CD  1 
ATOM   660  O  OE1 . GLU A 1 105 ? -3.535  5.641   -12.136 1.00 28.39 ? 85  GLU A OE1 1 
ATOM   661  O  OE2 . GLU A 1 105 ? -3.657  3.505   -11.652 1.00 30.89 ? 85  GLU A OE2 1 
ATOM   662  N  N   . ARG A 1 106 ? -5.458  8.918   -8.056  1.00 23.77 ? 86  ARG A N   1 
ATOM   663  C  CA  . ARG A 1 106 ? -4.951  10.064  -7.280  1.00 24.18 ? 86  ARG A CA  1 
ATOM   664  C  C   . ARG A 1 106 ? -5.689  10.179  -5.953  1.00 24.20 ? 86  ARG A C   1 
ATOM   665  O  O   . ARG A 1 106 ? -5.073  10.473  -4.922  1.00 24.29 ? 86  ARG A O   1 
ATOM   666  C  CB  . ARG A 1 106 ? -5.028  11.372  -8.081  1.00 23.89 ? 86  ARG A CB  1 
ATOM   667  C  CG  . ARG A 1 106 ? -4.048  11.415  -9.255  1.00 23.66 ? 86  ARG A CG  1 
ATOM   668  C  CD  . ARG A 1 106 ? -4.274  12.646  -10.126 1.00 25.82 ? 86  ARG A CD  1 
ATOM   669  N  NE  . ARG A 1 106 ? -3.897  13.858  -9.412  1.00 27.63 ? 86  ARG A NE  1 
ATOM   670  C  CZ  . ARG A 1 106 ? -2.646  14.309  -9.324  1.00 29.92 ? 86  ARG A CZ  1 
ATOM   671  N  NH1 . ARG A 1 106 ? -1.643  13.649  -9.916  1.00 27.77 ? 86  ARG A NH1 1 
ATOM   672  N  NH2 . ARG A 1 106 ? -2.397  15.409  -8.630  1.00 28.29 ? 86  ARG A NH2 1 
ATOM   673  N  N   . ALA A 1 107 ? -6.995  9.917   -5.978  1.00 23.56 ? 87  ALA A N   1 
ATOM   674  C  CA  . ALA A 1 107 ? -7.802  9.883   -4.758  1.00 24.30 ? 87  ALA A CA  1 
ATOM   675  C  C   . ALA A 1 107 ? -7.267  8.816   -3.795  1.00 24.74 ? 87  ALA A C   1 
ATOM   676  O  O   . ALA A 1 107 ? -7.038  9.087   -2.584  1.00 24.50 ? 87  ALA A O   1 
ATOM   677  C  CB  . ALA A 1 107 ? -9.277  9.647   -5.091  1.00 24.12 ? 87  ALA A CB  1 
ATOM   678  N  N   . ALA A 1 108 ? -7.006  7.624   -4.332  1.00 24.28 ? 88  ALA A N   1 
ATOM   679  C  CA  . ALA A 1 108 ? -6.460  6.513   -3.536  1.00 24.74 ? 88  ALA A CA  1 
ATOM   680  C  C   . ALA A 1 108 ? -5.060  6.795   -3.014  1.00 25.24 ? 88  ALA A C   1 
ATOM   681  O  O   . ALA A 1 108 ? -4.749  6.456   -1.882  1.00 25.64 ? 88  ALA A O   1 
ATOM   682  C  CB  . ALA A 1 108 ? -6.468  5.221   -4.340  1.00 25.52 ? 88  ALA A CB  1 
ATOM   683  N  N   . LEU A 1 109 ? -4.230  7.438   -3.825  1.00 25.14 ? 89  LEU A N   1 
ATOM   684  C  CA  . LEU A 1 109 ? -2.869  7.777   -3.394  1.00 25.17 ? 89  LEU A CA  1 
ATOM   685  C  C   . LEU A 1 109 ? -2.855  8.881   -2.348  1.00 25.13 ? 89  LEU A C   1 
ATOM   686  O  O   . LEU A 1 109 ? -1.991  8.888   -1.471  1.00 25.37 ? 89  LEU A O   1 
ATOM   687  C  CB  . LEU A 1 109 ? -2.008  8.133   -4.603  1.00 25.13 ? 89  LEU A CB  1 
ATOM   688  C  CG  . LEU A 1 109 ? -1.673  6.924   -5.498  1.00 25.77 ? 89  LEU A CG  1 
ATOM   689  C  CD1 . LEU A 1 109 ? -0.973  7.426   -6.753  1.00 27.20 ? 89  LEU A CD1 1 
ATOM   690  C  CD2 . LEU A 1 109 ? -0.818  5.881   -4.752  1.00 28.07 ? 89  LEU A CD2 1 
ATOM   691  N  N   . ALA A 1 110 ? -3.789  9.833   -2.435  1.00 25.09 ? 90  ALA A N   1 
ATOM   692  C  CA  . ALA A 1 110 ? -3.910  10.854  -1.386  1.00 25.56 ? 90  ALA A CA  1 
ATOM   693  C  C   . ALA A 1 110 ? -4.272  10.195  -0.056  1.00 25.76 ? 90  ALA A C   1 
ATOM   694  O  O   . ALA A 1 110 ? -3.651  10.470  0.988   1.00 24.83 ? 90  ALA A O   1 
ATOM   695  C  CB  . ALA A 1 110 ? -4.934  11.918  -1.771  1.00 25.00 ? 90  ALA A CB  1 
ATOM   696  N  N   . TRP A 1 111 ? -5.251  9.298   -0.111  1.00 25.44 ? 91  TRP A N   1 
ATOM   697  C  CA  . TRP A 1 111 ? -5.648  8.474   1.028   1.00 25.96 ? 91  TRP A CA  1 
ATOM   698  C  C   . TRP A 1 111 ? -4.444  7.709   1.582   1.00 26.71 ? 91  TRP A C   1 
ATOM   699  O  O   . TRP A 1 111 ? -4.202  7.701   2.807   1.00 26.73 ? 91  TRP A O   1 
ATOM   700  C  CB  . TRP A 1 111 ? -6.696  7.472   0.556   1.00 25.99 ? 91  TRP A CB  1 
ATOM   701  C  CG  . TRP A 1 111 ? -7.508  6.795   1.617   1.00 26.69 ? 91  TRP A CG  1 
ATOM   702  C  CD1 . TRP A 1 111 ? -7.583  5.438   1.864   1.00 25.42 ? 91  TRP A CD1 1 
ATOM   703  C  CD2 . TRP A 1 111 ? -8.437  7.415   2.506   1.00 26.17 ? 91  TRP A CD2 1 
ATOM   704  N  NE1 . TRP A 1 111 ? -8.502  5.192   2.857   1.00 26.95 ? 91  TRP A NE1 1 
ATOM   705  C  CE2 . TRP A 1 111 ? -9.033  6.384   3.276   1.00 27.27 ? 91  TRP A CE2 1 
ATOM   706  C  CE3 . TRP A 1 111 ? -8.840  8.743   2.724   1.00 25.60 ? 91  TRP A CE3 1 
ATOM   707  C  CZ2 . TRP A 1 111 ? -9.994  6.646   4.253   1.00 27.26 ? 91  TRP A CZ2 1 
ATOM   708  C  CZ3 . TRP A 1 111 ? -9.793  8.995   3.696   1.00 26.53 ? 91  TRP A CZ3 1 
ATOM   709  C  CH2 . TRP A 1 111 ? -10.354 7.958   4.452   1.00 27.10 ? 91  TRP A CH2 1 
ATOM   710  N  N   . THR A 1 112 ? -3.715  7.059   0.673   1.00 26.43 ? 92  THR A N   1 
ATOM   711  C  CA  . THR A 1 112 ? -2.527  6.266   1.002   1.00 26.19 ? 92  THR A CA  1 
ATOM   712  C  C   . THR A 1 112 ? -1.488  7.113   1.746   1.00 26.30 ? 92  THR A C   1 
ATOM   713  O  O   . THR A 1 112 ? -1.006  6.719   2.814   1.00 25.76 ? 92  THR A O   1 
ATOM   714  C  CB  . THR A 1 112 ? -1.899  5.654   -0.290  1.00 26.29 ? 92  THR A CB  1 
ATOM   715  O  OG1 . THR A 1 112 ? -2.828  4.721   -0.851  1.00 27.33 ? 92  THR A OG1 1 
ATOM   716  C  CG2 . THR A 1 112 ? -0.588  4.941   0.023   1.00 26.74 ? 92  THR A CG2 1 
ATOM   717  N  N   . GLU A 1 113 ? -1.178  8.288   1.210   1.00 26.06 ? 93  GLU A N   1 
ATOM   718  C  CA  . GLU A 1 113 ? -0.152  9.147   1.811   1.00 26.24 ? 93  GLU A CA  1 
ATOM   719  C  C   . GLU A 1 113 ? -0.575  9.648   3.190   1.00 26.78 ? 93  GLU A C   1 
ATOM   720  O  O   . GLU A 1 113 ? 0.217   9.612   4.156   1.00 26.70 ? 93  GLU A O   1 
ATOM   721  C  CB  . GLU A 1 113 ? 0.186   10.321  0.891   1.00 26.85 ? 93  GLU A CB  1 
ATOM   722  C  CG  . GLU A 1 113 ? 0.795   9.889   -0.425  1.00 29.29 ? 93  GLU A CG  1 
ATOM   723  C  CD  . GLU A 1 113 ? 2.104   10.573  -0.722  1.00 33.19 ? 93  GLU A CD  1 
ATOM   724  O  OE1 . GLU A 1 113 ? 2.618   11.307  0.142   1.00 38.52 ? 93  GLU A OE1 1 
ATOM   725  O  OE2 . GLU A 1 113 ? 2.646   10.353  -1.813  1.00 31.40 ? 93  GLU A OE2 1 
ATOM   726  N  N   . GLN A 1 114 ? -1.828  10.090  3.297   1.00 26.01 ? 94  GLN A N   1 
ATOM   727  C  CA  . GLN A 1 114 ? -2.329  10.626  4.554   1.00 26.28 ? 94  GLN A CA  1 
ATOM   728  C  C   . GLN A 1 114 ? -2.364  9.558   5.653   1.00 25.39 ? 94  GLN A C   1 
ATOM   729  O  O   . GLN A 1 114 ? -1.947  9.808   6.790   1.00 25.19 ? 94  GLN A O   1 
ATOM   730  C  CB  . GLN A 1 114 ? -3.705  11.259  4.358   1.00 26.38 ? 94  GLN A CB  1 
ATOM   731  C  CG  . GLN A 1 114 ? -3.679  12.528  3.491   1.00 30.23 ? 94  GLN A CG  1 
ATOM   732  C  CD  . GLN A 1 114 ? -3.376  13.804  4.260   1.00 34.96 ? 94  GLN A CD  1 
ATOM   733  O  OE1 . GLN A 1 114 ? -3.159  13.796  5.474   1.00 37.51 ? 94  GLN A OE1 1 
ATOM   734  N  NE2 . GLN A 1 114 ? -3.390  14.919  3.551   1.00 37.33 ? 94  GLN A NE2 1 
ATOM   735  N  N   . LEU A 1 115 ? -2.835  8.368   5.304   1.00 25.14 ? 95  LEU A N   1 
ATOM   736  C  CA  . LEU A 1 115 ? -2.880  7.255   6.261   1.00 25.00 ? 95  LEU A CA  1 
ATOM   737  C  C   . LEU A 1 115 ? -1.512  6.651   6.564   1.00 25.66 ? 95  LEU A C   1 
ATOM   738  O  O   . LEU A 1 115 ? -1.302  6.183   7.686   1.00 26.40 ? 95  LEU A O   1 
ATOM   739  C  CB  . LEU A 1 115 ? -3.885  6.177   5.823   1.00 24.46 ? 95  LEU A CB  1 
ATOM   740  C  CG  . LEU A 1 115 ? -5.354  6.636   5.917   1.00 24.92 ? 95  LEU A CG  1 
ATOM   741  C  CD1 . LEU A 1 115 ? -6.272  5.538   5.375   1.00 26.20 ? 95  LEU A CD1 1 
ATOM   742  C  CD2 . LEU A 1 115 ? -5.735  6.969   7.355   1.00 25.48 ? 95  LEU A CD2 1 
ATOM   743  N  N   . ALA A 1 116 ? -0.584  6.645   5.598   1.00 25.34 ? 96  ALA A N   1 
ATOM   744  C  CA  . ALA A 1 116 ? 0.820   6.289   5.908   1.00 25.78 ? 96  ALA A CA  1 
ATOM   745  C  C   . ALA A 1 116 ? 1.363   7.197   7.017   1.00 26.38 ? 96  ALA A C   1 
ATOM   746  O  O   . ALA A 1 116 ? 2.049   6.727   7.949   1.00 26.25 ? 96  ALA A O   1 
ATOM   747  C  CB  . ALA A 1 116 ? 1.713   6.401   4.667   1.00 25.60 ? 96  ALA A CB  1 
ATOM   748  N  N   . ARG A 1 117 ? 1.016   8.491   6.946   1.00 25.80 ? 97  ARG A N   1 
ATOM   749  C  CA  . ARG A 1 117 ? 1.567   9.522   7.827   1.00 26.98 ? 97  ARG A CA  1 
ATOM   750  C  C   . ARG A 1 117 ? 0.619   9.892   8.966   1.00 25.69 ? 97  ARG A C   1 
ATOM   751  O  O   . ARG A 1 117 ? 0.593   11.018  9.437   1.00 26.11 ? 97  ARG A O   1 
ATOM   752  C  CB  . ARG A 1 117 ? 1.962   10.776  7.011   1.00 26.30 ? 97  ARG A CB  1 
ATOM   753  C  CG  . ARG A 1 117 ? 3.000   10.500  5.927   1.00 27.41 ? 97  ARG A CG  1 
ATOM   754  C  CD  . ARG A 1 117 ? 3.591   11.799  5.362   1.00 30.40 ? 97  ARG A CD  1 
ATOM   755  N  NE  . ARG A 1 117 ? 4.616   11.523  4.349   1.00 35.70 ? 97  ARG A NE  1 
ATOM   756  C  CZ  . ARG A 1 117 ? 4.349   11.381  3.062   1.00 35.72 ? 97  ARG A CZ  1 
ATOM   757  N  NH1 . ARG A 1 117 ? 3.100   11.509  2.651   1.00 39.86 ? 97  ARG A NH1 1 
ATOM   758  N  NH2 . ARG A 1 117 ? 5.320   11.139  2.188   1.00 35.69 ? 97  ARG A NH2 1 
ATOM   759  N  N   . LEU A 1 118 ? -0.148  8.911   9.417   1.00 26.13 ? 98  LEU A N   1 
ATOM   760  C  CA  . LEU A 1 118 ? -1.193  9.118   10.412  1.00 26.50 ? 98  LEU A CA  1 
ATOM   761  C  C   . LEU A 1 118 ? -0.656  9.667   11.741  1.00 26.43 ? 98  LEU A C   1 
ATOM   762  O  O   . LEU A 1 118 ? -1.354  10.409  12.432  1.00 25.82 ? 98  LEU A O   1 
ATOM   763  C  CB  . LEU A 1 118 ? -1.968  7.797   10.606  1.00 26.87 ? 98  LEU A CB  1 
ATOM   764  C  CG  . LEU A 1 118 ? -3.291  7.832   11.368  1.00 28.00 ? 98  LEU A CG  1 
ATOM   765  C  CD1 . LEU A 1 118 ? -4.299  8.754   10.675  1.00 29.32 ? 98  LEU A CD1 1 
ATOM   766  C  CD2 . LEU A 1 118 ? -3.858  6.424   11.516  1.00 26.01 ? 98  LEU A CD2 1 
ATOM   767  N  N   . SER A 1 119 ? 0.592   9.343   12.083  1.00 26.15 ? 99  SER A N   1 
ATOM   768  C  CA  . SER A 1 119 ? 1.190   9.825   13.344  1.00 28.29 ? 99  SER A CA  1 
ATOM   769  C  C   . SER A 1 119 ? 1.522   11.327  13.322  1.00 29.55 ? 99  SER A C   1 
ATOM   770  O  O   . SER A 1 119 ? 1.810   11.917  14.374  1.00 28.82 ? 99  SER A O   1 
ATOM   771  C  CB  . SER A 1 119 ? 2.486   9.058   13.625  1.00 28.59 ? 99  SER A CB  1 
ATOM   772  O  OG  . SER A 1 119 ? 3.431   9.285   12.581  1.00 29.23 ? 99  SER A OG  1 
ATOM   773  N  N   . GLN A 1 120 ? 1.453   11.935  12.132  1.00 31.06 ? 100 GLN A N   1 
ATOM   774  C  CA  A GLN A 1 120 ? 1.933   13.311  11.934  0.60 32.59 ? 100 GLN A CA  1 
ATOM   775  C  CA  B GLN A 1 120 ? 1.949   13.303  11.895  0.40 32.86 ? 100 GLN A CA  1 
ATOM   776  C  C   . GLN A 1 120 ? 0.888   14.403  12.059  1.00 33.99 ? 100 GLN A C   1 
ATOM   777  O  O   . GLN A 1 120 ? 1.222   15.597  12.079  1.00 34.60 ? 100 GLN A O   1 
ATOM   778  C  CB  A GLN A 1 120 ? 2.676   13.443  10.608  0.60 32.68 ? 100 GLN A CB  1 
ATOM   779  C  CB  B GLN A 1 120 ? 2.622   13.413  10.513  0.40 32.79 ? 100 GLN A CB  1 
ATOM   780  C  CG  A GLN A 1 120 ? 3.966   12.669  10.583  0.60 33.44 ? 100 GLN A CG  1 
ATOM   781  C  CG  B GLN A 1 120 ? 3.710   12.360  10.223  0.40 33.19 ? 100 GLN A CG  1 
ATOM   782  C  CD  A GLN A 1 120 ? 4.765   12.840  11.865  0.60 34.56 ? 100 GLN A CD  1 
ATOM   783  C  CD  B GLN A 1 120 ? 4.469   12.588  8.906   0.40 33.88 ? 100 GLN A CD  1 
ATOM   784  O  OE1 A GLN A 1 120 ? 4.868   11.915  12.673  0.60 35.81 ? 100 GLN A OE1 1 
ATOM   785  O  OE1 B GLN A 1 120 ? 4.491   13.696  8.360   0.40 35.00 ? 100 GLN A OE1 1 
ATOM   786  N  NE2 A GLN A 1 120 ? 5.321   14.031  12.063  0.60 34.74 ? 100 GLN A NE2 1 
ATOM   787  N  NE2 B GLN A 1 120 ? 5.103   11.530  8.401   0.40 35.22 ? 100 GLN A NE2 1 
ATOM   788  N  N   . GLY A 1 121 ? -0.378  14.018  12.173  1.00 35.11 ? 101 GLY A N   1 
ATOM   789  C  CA  . GLY A 1 121 ? -1.438  15.010  12.401  1.00 36.56 ? 101 GLY A CA  1 
ATOM   790  C  C   . GLY A 1 121 ? -2.793  14.554  11.898  1.00 37.34 ? 101 GLY A C   1 
ATOM   791  O  O   . GLY A 1 121 ? -2.938  13.423  11.408  1.00 38.55 ? 101 GLY A O   1 
ATOM   792  N  N   . ALA A 1 122 ? -3.782  15.441  12.006  1.00 37.66 ? 102 ALA A N   1 
ATOM   793  C  CA  . ALA A 1 122 ? -5.162  15.117  11.639  1.00 37.80 ? 102 ALA A CA  1 
ATOM   794  C  C   . ALA A 1 122 ? -5.352  14.921  10.129  1.00 38.02 ? 102 ALA A C   1 
ATOM   795  O  O   . ALA A 1 122 ? -4.653  15.529  9.319   1.00 37.99 ? 102 ALA A O   1 
ATOM   796  C  CB  . ALA A 1 122 ? -6.112  16.188  12.174  1.00 37.86 ? 102 ALA A CB  1 
ATOM   797  N  N   . LEU A 1 123 ? -6.292  14.056  9.757   1.00 38.20 ? 103 LEU A N   1 
ATOM   798  C  CA  . LEU A 1 123 ? -6.697  13.923  8.361   1.00 38.85 ? 103 LEU A CA  1 
ATOM   799  C  C   . LEU A 1 123 ? -7.590  15.094  7.994   1.00 38.82 ? 103 LEU A C   1 
ATOM   800  O  O   . LEU A 1 123 ? -8.479  15.439  8.775   1.00 38.31 ? 103 LEU A O   1 
ATOM   801  C  CB  . LEU A 1 123 ? -7.496  12.644  8.139   1.00 39.22 ? 103 LEU A CB  1 
ATOM   802  C  CG  . LEU A 1 123 ? -6.845  11.273  8.050   1.00 41.24 ? 103 LEU A CG  1 
ATOM   803  C  CD1 . LEU A 1 123 ? -7.679  10.467  7.070   1.00 42.42 ? 103 LEU A CD1 1 
ATOM   804  C  CD2 . LEU A 1 123 ? -5.394  11.349  7.579   1.00 42.28 ? 103 LEU A CD2 1 
ATOM   805  N  N   . PRO A 1 124 ? -7.354  15.712  6.812   1.00 39.08 ? 104 PRO A N   1 
ATOM   806  C  CA  . PRO A 1 124 ? -8.234  16.804  6.354   1.00 39.49 ? 104 PRO A CA  1 
ATOM   807  C  C   . PRO A 1 124 ? -9.706  16.395  6.319   1.00 39.98 ? 104 PRO A C   1 
ATOM   808  O  O   . PRO A 1 124 ? -10.031 15.257  5.956   1.00 40.19 ? 104 PRO A O   1 
ATOM   809  C  CB  . PRO A 1 124 ? -7.730  17.127  4.941   1.00 39.17 ? 104 PRO A CB  1 
ATOM   810  C  CG  . PRO A 1 124 ? -6.654  16.140  4.623   1.00 39.07 ? 104 PRO A CG  1 
ATOM   811  C  CD  . PRO A 1 124 ? -6.235  15.456  5.885   1.00 38.76 ? 104 PRO A CD  1 
ATOM   812  N  N   . HIS A 1 125 ? -10.563 17.341  6.694   1.00 40.93 ? 105 HIS A N   1 
ATOM   813  C  CA  . HIS A 1 125 ? -12.012 17.160  6.866   1.00 41.56 ? 105 HIS A CA  1 
ATOM   814  C  C   . HIS A 1 125 ? -12.710 16.498  5.662   1.00 40.84 ? 105 HIS A C   1 
ATOM   815  O  O   . HIS A 1 125 ? -13.470 15.531  5.821   1.00 41.56 ? 105 HIS A O   1 
ATOM   816  C  CB  . HIS A 1 125 ? -12.683 18.518  7.148   1.00 42.31 ? 105 HIS A CB  1 
ATOM   817  C  CG  . HIS A 1 125 ? -12.071 19.292  8.280   1.00 44.58 ? 105 HIS A CG  1 
ATOM   818  N  ND1 . HIS A 1 125 ? -10.707 19.452  8.431   1.00 46.38 ? 105 HIS A ND1 1 
ATOM   819  C  CD2 . HIS A 1 125 ? -12.644 19.978  9.300   1.00 46.60 ? 105 HIS A CD2 1 
ATOM   820  C  CE1 . HIS A 1 125 ? -10.468 20.184  9.506   1.00 47.21 ? 105 HIS A CE1 1 
ATOM   821  N  NE2 . HIS A 1 125 ? -11.627 20.519  10.049  1.00 47.59 ? 105 HIS A NE2 1 
ATOM   822  N  N   . GLY A 1 126 ? -12.452 17.024  4.470   1.00 39.36 ? 106 GLY A N   1 
ATOM   823  C  CA  . GLY A 1 126 ? -13.167 16.587  3.282   1.00 37.34 ? 106 GLY A CA  1 
ATOM   824  C  C   . GLY A 1 126 ? -12.551 15.415  2.546   1.00 36.25 ? 106 GLY A C   1 
ATOM   825  O  O   . GLY A 1 126 ? -12.998 15.092  1.450   1.00 36.16 ? 106 GLY A O   1 
ATOM   826  N  N   . LEU A 1 127 ? -11.541 14.768  3.140   1.00 34.50 ? 107 LEU A N   1 
ATOM   827  C  CA  . LEU A 1 127 ? -10.802 13.715  2.448   1.00 33.59 ? 107 LEU A CA  1 
ATOM   828  C  C   . LEU A 1 127 ? -11.660 12.482  2.109   1.00 31.88 ? 107 LEU A C   1 
ATOM   829  O  O   . LEU A 1 127 ? -11.647 12.024  0.971   1.00 31.44 ? 107 LEU A O   1 
ATOM   830  C  CB  . LEU A 1 127 ? -9.529  13.317  3.219   1.00 33.80 ? 107 LEU A CB  1 
ATOM   831  C  CG  . LEU A 1 127 ? -8.516  12.448  2.466   1.00 34.75 ? 107 LEU A CG  1 
ATOM   832  C  CD1 . LEU A 1 127 ? -7.891  13.184  1.274   1.00 38.25 ? 107 LEU A CD1 1 
ATOM   833  C  CD2 . LEU A 1 127 ? -7.428  11.923  3.411   1.00 34.89 ? 107 LEU A CD2 1 
ATOM   834  N  N   . LEU A 1 128 ? -12.406 11.955  3.077   1.00 30.28 ? 108 LEU A N   1 
ATOM   835  C  CA  . LEU A 1 128 ? -13.295 10.825  2.798   1.00 29.46 ? 108 LEU A CA  1 
ATOM   836  C  C   . LEU A 1 128 ? -14.360 11.194  1.760   1.00 29.47 ? 108 LEU A C   1 
ATOM   837  O  O   . LEU A 1 128 ? -14.686 10.400  0.877   1.00 28.57 ? 108 LEU A O   1 
ATOM   838  C  CB  . LEU A 1 128 ? -13.963 10.307  4.072   1.00 29.20 ? 108 LEU A CB  1 
ATOM   839  C  CG  . LEU A 1 128 ? -14.952 9.138   3.943   1.00 29.07 ? 108 LEU A CG  1 
ATOM   840  C  CD1 . LEU A 1 128 ? -14.335 7.910   3.259   1.00 26.37 ? 108 LEU A CD1 1 
ATOM   841  C  CD2 . LEU A 1 128 ? -15.495 8.750   5.309   1.00 29.40 ? 108 LEU A CD2 1 
ATOM   842  N  N   . ASP A 1 129 ? -14.891 12.410  1.878   1.00 29.47 ? 109 ASP A N   1 
ATOM   843  C  CA  . ASP A 1 129 ? -15.878 12.910  0.919   1.00 30.38 ? 109 ASP A CA  1 
ATOM   844  C  C   . ASP A 1 129 ? -15.335 12.944  -0.513  1.00 29.95 ? 109 ASP A C   1 
ATOM   845  O  O   . ASP A 1 129 ? -16.047 12.589  -1.454  1.00 29.85 ? 109 ASP A O   1 
ATOM   846  C  CB  . ASP A 1 129 ? -16.412 14.274  1.359   1.00 30.86 ? 109 ASP A CB  1 
ATOM   847  C  CG  . ASP A 1 129 ? -17.395 14.167  2.513   1.00 33.73 ? 109 ASP A CG  1 
ATOM   848  O  OD1 . ASP A 1 129 ? -17.976 13.072  2.728   1.00 36.62 ? 109 ASP A OD1 1 
ATOM   849  O  OD2 . ASP A 1 129 ? -17.609 15.186  3.207   1.00 38.01 ? 109 ASP A OD2 1 
ATOM   850  N  N   . GLU A 1 130 ? -14.078 13.361  -0.668  1.00 29.80 ? 110 GLU A N   1 
ATOM   851  C  CA  A GLU A 1 130 ? -13.426 13.381  -1.975  0.50 29.99 ? 110 GLU A CA  1 
ATOM   852  C  CA  B GLU A 1 130 ? -13.421 13.385  -1.972  0.50 30.01 ? 110 GLU A CA  1 
ATOM   853  C  C   . GLU A 1 130 ? -13.185 11.961  -2.498  1.00 29.87 ? 110 GLU A C   1 
ATOM   854  O  O   . GLU A 1 130 ? -13.332 11.693  -3.698  1.00 29.82 ? 110 GLU A O   1 
ATOM   855  C  CB  A GLU A 1 130 ? -12.118 14.180  -1.928  0.50 30.37 ? 110 GLU A CB  1 
ATOM   856  C  CB  B GLU A 1 130 ? -12.110 14.183  -1.911  0.50 30.07 ? 110 GLU A CB  1 
ATOM   857  C  CG  A GLU A 1 130 ? -11.283 14.085  -3.206  0.50 32.07 ? 110 GLU A CG  1 
ATOM   858  C  CG  B GLU A 1 130 ? -12.301 15.673  -1.576  0.50 30.76 ? 110 GLU A CG  1 
ATOM   859  C  CD  A GLU A 1 130 ? -10.689 15.419  -3.655  0.50 34.95 ? 110 GLU A CD  1 
ATOM   860  C  CD  B GLU A 1 130 ? -11.035 16.526  -1.730  0.50 31.14 ? 110 GLU A CD  1 
ATOM   861  O  OE1 A GLU A 1 130 ? -11.067 16.482  -3.105  0.50 35.90 ? 110 GLU A OE1 1 
ATOM   862  O  OE1 B GLU A 1 130 ? -9.967  15.993  -2.101  0.50 33.11 ? 110 GLU A OE1 1 
ATOM   863  O  OE2 A GLU A 1 130 ? -9.839  15.396  -4.574  0.50 36.50 ? 110 GLU A OE2 1 
ATOM   864  O  OE2 B GLU A 1 130 ? -11.112 17.748  -1.470  0.50 33.81 ? 110 GLU A OE2 1 
ATOM   865  N  N   . LEU A 1 131 ? -12.826 11.046  -1.600  1.00 28.50 ? 111 LEU A N   1 
ATOM   866  C  CA  . LEU A 1 131 ? -12.654 9.641   -1.978  1.00 27.89 ? 111 LEU A CA  1 
ATOM   867  C  C   . LEU A 1 131 ? -13.980 9.052   -2.492  1.00 27.66 ? 111 LEU A C   1 
ATOM   868  O  O   . LEU A 1 131 ? -13.991 8.265   -3.439  1.00 27.68 ? 111 LEU A O   1 
ATOM   869  C  CB  . LEU A 1 131 ? -12.160 8.839   -0.765  1.00 27.53 ? 111 LEU A CB  1 
ATOM   870  C  CG  . LEU A 1 131 ? -11.436 7.513   -0.966  1.00 28.14 ? 111 LEU A CG  1 
ATOM   871  C  CD1 . LEU A 1 131 ? -10.154 7.680   -1.762  1.00 26.28 ? 111 LEU A CD1 1 
ATOM   872  C  CD2 . LEU A 1 131 ? -11.159 6.872   0.414   1.00 27.66 ? 111 LEU A CD2 1 
ATOM   873  N  N   . ARG A 1 132 ? -15.088 9.460   -1.880  1.00 26.99 ? 112 ARG A N   1 
ATOM   874  C  CA  . ARG A 1 132 ? -16.424 8.977   -2.266  1.00 27.67 ? 112 ARG A CA  1 
ATOM   875  C  C   . ARG A 1 132 ? -16.872 9.389   -3.659  1.00 27.84 ? 112 ARG A C   1 
ATOM   876  O  O   . ARG A 1 132 ? -17.827 8.831   -4.207  1.00 27.90 ? 112 ARG A O   1 
ATOM   877  C  CB  . ARG A 1 132 ? -17.457 9.416   -1.244  1.00 28.03 ? 112 ARG A CB  1 
ATOM   878  C  CG  . ARG A 1 132 ? -17.399 8.590   -0.006  1.00 29.49 ? 112 ARG A CG  1 
ATOM   879  C  CD  . ARG A 1 132 ? -18.433 9.051   0.975   1.00 31.01 ? 112 ARG A CD  1 
ATOM   880  N  NE  . ARG A 1 132 ? -18.813 7.979   1.881   1.00 33.22 ? 112 ARG A NE  1 
ATOM   881  C  CZ  . ARG A 1 132 ? -19.241 8.175   3.124   1.00 34.00 ? 112 ARG A CZ  1 
ATOM   882  N  NH1 . ARG A 1 132 ? -19.329 9.408   3.614   1.00 34.43 ? 112 ARG A NH1 1 
ATOM   883  N  NH2 . ARG A 1 132 ? -19.576 7.136   3.877   1.00 33.60 ? 112 ARG A NH2 1 
ATOM   884  N  N   . GLU A 1 133 ? -16.193 10.371  -4.231  1.00 28.17 ? 113 GLU A N   1 
ATOM   885  C  CA  . GLU A 1 133 ? -16.499 10.802  -5.593  1.00 29.98 ? 113 GLU A CA  1 
ATOM   886  C  C   . GLU A 1 133 ? -15.971 9.793   -6.608  1.00 29.20 ? 113 GLU A C   1 
ATOM   887  O  O   . GLU A 1 133 ? -16.434 9.758   -7.746  1.00 29.40 ? 113 GLU A O   1 
ATOM   888  C  CB  . GLU A 1 133 ? -15.919 12.192  -5.850  1.00 29.69 ? 113 GLU A CB  1 
ATOM   889  C  CG  . GLU A 1 133 ? -16.350 13.201  -4.787  1.00 32.70 ? 113 GLU A CG  1 
ATOM   890  C  CD  . GLU A 1 133 ? -15.927 14.633  -5.069  1.00 33.50 ? 113 GLU A CD  1 
ATOM   891  O  OE1 . GLU A 1 133 ? -15.026 14.856  -5.911  1.00 40.15 ? 113 GLU A OE1 1 
ATOM   892  O  OE2 . GLU A 1 133 ? -16.518 15.541  -4.435  1.00 38.57 ? 113 GLU A OE2 1 
ATOM   893  N  N   . HIS A 1 134 ? -15.014 8.968   -6.178  1.00 28.24 ? 114 HIS A N   1 
ATOM   894  C  CA  . HIS A 1 134 ? -14.326 8.020   -7.063  1.00 27.96 ? 114 HIS A CA  1 
ATOM   895  C  C   . HIS A 1 134 ? -14.562 6.551   -6.748  1.00 27.86 ? 114 HIS A C   1 
ATOM   896  O  O   . HIS A 1 134 ? -14.358 5.697   -7.617  1.00 28.29 ? 114 HIS A O   1 
ATOM   897  C  CB  . HIS A 1 134 ? -12.820 8.275   -7.036  1.00 27.46 ? 114 HIS A CB  1 
ATOM   898  C  CG  . HIS A 1 134 ? -12.447 9.645   -7.488  1.00 27.96 ? 114 HIS A CG  1 
ATOM   899  N  ND1 . HIS A 1 134 ? -12.202 10.678  -6.611  1.00 28.99 ? 114 HIS A ND1 1 
ATOM   900  C  CD2 . HIS A 1 134 ? -12.321 10.164  -8.729  1.00 27.91 ? 114 HIS A CD2 1 
ATOM   901  C  CE1 . HIS A 1 134 ? -11.927 11.775  -7.295  1.00 27.18 ? 114 HIS A CE1 1 
ATOM   902  N  NE2 . HIS A 1 134 ? -11.982 11.487  -8.583  1.00 29.93 ? 114 HIS A NE2 1 
ATOM   903  N  N   . PHE A 1 135 ? -14.958 6.264   -5.511  1.00 26.93 ? 115 PHE A N   1 
ATOM   904  C  CA  . PHE A 1 135 ? -15.086 4.891   -5.014  1.00 26.35 ? 115 PHE A CA  1 
ATOM   905  C  C   . PHE A 1 135 ? -16.414 4.723   -4.307  1.00 26.98 ? 115 PHE A C   1 
ATOM   906  O  O   . PHE A 1 135 ? -16.867 5.646   -3.613  1.00 27.43 ? 115 PHE A O   1 
ATOM   907  C  CB  . PHE A 1 135 ? -13.996 4.582   -3.984  1.00 25.10 ? 115 PHE A CB  1 
ATOM   908  C  CG  . PHE A 1 135 ? -12.607 4.568   -4.535  1.00 23.90 ? 115 PHE A CG  1 
ATOM   909  C  CD1 . PHE A 1 135 ? -12.105 3.423   -5.143  1.00 22.37 ? 115 PHE A CD1 1 
ATOM   910  C  CD2 . PHE A 1 135 ? -11.782 5.693   -4.423  1.00 23.80 ? 115 PHE A CD2 1 
ATOM   911  C  CE1 . PHE A 1 135 ? -10.796 3.401   -5.640  1.00 24.30 ? 115 PHE A CE1 1 
ATOM   912  C  CE2 . PHE A 1 135 ? -10.473 5.673   -4.912  1.00 25.27 ? 115 PHE A CE2 1 
ATOM   913  C  CZ  . PHE A 1 135 ? -9.983  4.523   -5.518  1.00 23.71 ? 115 PHE A CZ  1 
ATOM   914  N  N   . ASP A 1 136 ? -17.045 3.560   -4.464  1.00 26.74 ? 116 ASP A N   1 
ATOM   915  C  CA  . ASP A 1 136 ? -18.206 3.263   -3.624  1.00 27.34 ? 116 ASP A CA  1 
ATOM   916  C  C   . ASP A 1 136 ? -17.717 2.822   -2.246  1.00 26.81 ? 116 ASP A C   1 
ATOM   917  O  O   . ASP A 1 136 ? -16.529 2.549   -2.068  1.00 26.74 ? 116 ASP A O   1 
ATOM   918  C  CB  . ASP A 1 136 ? -19.161 2.247   -4.263  1.00 27.88 ? 116 ASP A CB  1 
ATOM   919  C  CG  . ASP A 1 136 ? -18.542 0.875   -4.459  1.00 30.46 ? 116 ASP A CG  1 
ATOM   920  O  OD1 . ASP A 1 136 ? -17.819 0.381   -3.578  1.00 32.62 ? 116 ASP A OD1 1 
ATOM   921  O  OD2 . ASP A 1 136 ? -18.819 0.259   -5.505  1.00 33.67 ? 116 ASP A OD2 1 
ATOM   922  N  N   . ASP A 1 137 ? -18.621 2.765   -1.276  1.00 26.90 ? 117 ASP A N   1 
ATOM   923  C  CA  . ASP A 1 137 ? -18.218 2.465   0.096   1.00 27.05 ? 117 ASP A CA  1 
ATOM   924  C  C   . ASP A 1 137 ? -17.549 1.094   0.291   1.00 26.46 ? 117 ASP A C   1 
ATOM   925  O  O   . ASP A 1 137 ? -16.626 0.976   1.091   1.00 26.18 ? 117 ASP A O   1 
ATOM   926  C  CB  . ASP A 1 137 ? -19.374 2.688   1.072   1.00 27.55 ? 117 ASP A CB  1 
ATOM   927  C  CG  . ASP A 1 137 ? -19.748 4.177   1.221   1.00 29.15 ? 117 ASP A CG  1 
ATOM   928  O  OD1 . ASP A 1 137 ? -19.123 5.055   0.576   1.00 31.73 ? 117 ASP A OD1 1 
ATOM   929  O  OD2 . ASP A 1 137 ? -20.673 4.466   2.002   1.00 31.24 ? 117 ASP A OD2 1 
ATOM   930  N  N   . LYS A 1 138 ? -17.984 0.075   -0.451  1.00 26.40 ? 118 LYS A N   1 
ATOM   931  C  CA  . LYS A 1 138 ? -17.307 -1.229  -0.393  1.00 26.34 ? 118 LYS A CA  1 
ATOM   932  C  C   . LYS A 1 138 ? -15.853 -1.136  -0.870  1.00 25.91 ? 118 LYS A C   1 
ATOM   933  O  O   . LYS A 1 138 ? -14.959 -1.719  -0.258  1.00 25.85 ? 118 LYS A O   1 
ATOM   934  C  CB  . LYS A 1 138 ? -18.066 -2.285  -1.196  1.00 26.88 ? 118 LYS A CB  1 
ATOM   935  C  CG  . LYS A 1 138 ? -17.425 -3.668  -1.153  1.00 28.68 ? 118 LYS A CG  1 
ATOM   936  C  CD  . LYS A 1 138 ? -18.413 -4.759  -1.542  1.00 33.23 ? 118 LYS A CD  1 
ATOM   937  C  CE  . LYS A 1 138 ? -17.726 -6.118  -1.650  1.00 35.77 ? 118 LYS A CE  1 
ATOM   938  N  NZ  . LYS A 1 138 ? -16.911 -6.269  -2.902  1.00 37.67 ? 118 LYS A NZ  1 
ATOM   939  N  N   . GLU A 1 139 ? -15.635 -0.393  -1.953  1.00 25.09 ? 119 GLU A N   1 
ATOM   940  C  CA  . GLU A 1 139 ? -14.286 -0.145  -2.470  1.00 24.55 ? 119 GLU A CA  1 
ATOM   941  C  C   . GLU A 1 139 ? -13.450 0.621   -1.465  1.00 24.30 ? 119 GLU A C   1 
ATOM   942  O  O   . GLU A 1 139 ? -12.256 0.360   -1.327  1.00 23.90 ? 119 GLU A O   1 
ATOM   943  C  CB  . GLU A 1 139 ? -14.341 0.638   -3.778  1.00 24.49 ? 119 GLU A CB  1 
ATOM   944  C  CG  . GLU A 1 139 ? -14.863 -0.172  -4.972  1.00 25.41 ? 119 GLU A CG  1 
ATOM   945  C  CD  . GLU A 1 139 ? -15.007 0.669   -6.241  1.00 26.48 ? 119 GLU A CD  1 
ATOM   946  O  OE1 . GLU A 1 139 ? -15.366 1.860   -6.133  1.00 29.06 ? 119 GLU A OE1 1 
ATOM   947  O  OE2 . GLU A 1 139 ? -14.790 0.133   -7.350  1.00 28.33 ? 119 GLU A OE2 1 
ATOM   948  N  N   . ILE A 1 140 ? -14.067 1.571   -0.765  1.00 23.83 ? 120 ILE A N   1 
ATOM   949  C  CA  . ILE A 1 140 ? -13.324 2.354   0.228   1.00 23.61 ? 120 ILE A CA  1 
ATOM   950  C  C   . ILE A 1 140 ? -12.841 1.462   1.377   1.00 23.78 ? 120 ILE A C   1 
ATOM   951  O  O   . ILE A 1 140 ? -11.682 1.587   1.832   1.00 24.35 ? 120 ILE A O   1 
ATOM   952  C  CB  . ILE A 1 140 ? -14.124 3.583   0.737   1.00 23.81 ? 120 ILE A CB  1 
ATOM   953  C  CG1 . ILE A 1 140 ? -14.296 4.593   -0.395  1.00 23.77 ? 120 ILE A CG1 1 
ATOM   954  C  CG2 . ILE A 1 140 ? -13.362 4.272   1.899   1.00 24.09 ? 120 ILE A CG2 1 
ATOM   955  C  CD1 . ILE A 1 140 ? -15.279 5.715   -0.091  1.00 23.07 ? 120 ILE A CD1 1 
ATOM   956  N  N   . ALA A 1 141 ? -13.720 0.560   1.818   1.00 24.01 ? 121 ALA A N   1 
ATOM   957  C  CA  . ALA A 1 141 ? -13.376 -0.421  2.856   1.00 24.87 ? 121 ALA A CA  1 
ATOM   958  C  C   . ALA A 1 141 ? -12.203 -1.294  2.394   1.00 24.74 ? 121 ALA A C   1 
ATOM   959  O  O   . ALA A 1 141 ? -11.239 -1.489  3.138   1.00 24.60 ? 121 ALA A O   1 
ATOM   960  C  CB  . ALA A 1 141 ? -14.574 -1.254  3.215   1.00 24.93 ? 121 ALA A CB  1 
ATOM   961  N  N   . GLU A 1 142 ? -12.271 -1.777  1.155   1.00 25.17 ? 122 GLU A N   1 
ATOM   962  C  CA  . GLU A 1 142 ? -11.200 -2.601  0.567   1.00 25.43 ? 122 GLU A CA  1 
ATOM   963  C  C   . GLU A 1 142 ? -9.901  -1.811  0.411   1.00 25.36 ? 122 GLU A C   1 
ATOM   964  O  O   . GLU A 1 142 ? -8.812  -2.325  0.699   1.00 25.16 ? 122 GLU A O   1 
ATOM   965  C  CB  . GLU A 1 142 ? -11.643 -3.191  -0.782  1.00 25.37 ? 122 GLU A CB  1 
ATOM   966  C  CG  . GLU A 1 142 ? -12.853 -4.129  -0.661  1.00 26.56 ? 122 GLU A CG  1 
ATOM   967  C  CD  . GLU A 1 142 ? -13.501 -4.511  -1.988  1.00 26.76 ? 122 GLU A CD  1 
ATOM   968  O  OE1 . GLU A 1 142 ? -13.222 -3.878  -3.038  1.00 28.83 ? 122 GLU A OE1 1 
ATOM   969  O  OE2 . GLU A 1 142 ? -14.306 -5.466  -1.978  1.00 28.88 ? 122 GLU A OE2 1 
ATOM   970  N  N   . LEU A 1 143 ? -10.009 -0.564  -0.033  1.00 24.71 ? 123 LEU A N   1 
ATOM   971  C  CA  . LEU A 1 143 ? -8.838  0.289   -0.176  1.00 25.24 ? 123 LEU A CA  1 
ATOM   972  C  C   . LEU A 1 143 ? -8.149  0.516   1.169   1.00 25.18 ? 123 LEU A C   1 
ATOM   973  O  O   . LEU A 1 143 ? -6.921  0.471   1.268   1.00 25.03 ? 123 LEU A O   1 
ATOM   974  C  CB  . LEU A 1 143 ? -9.231  1.634   -0.806  1.00 25.22 ? 123 LEU A CB  1 
ATOM   975  C  CG  . LEU A 1 143 ? -8.105  2.671   -0.904  1.00 26.79 ? 123 LEU A CG  1 
ATOM   976  C  CD1 . LEU A 1 143 ? -6.962  2.221   -1.803  1.00 27.20 ? 123 LEU A CD1 1 
ATOM   977  C  CD2 . LEU A 1 143 ? -8.696  3.996   -1.384  1.00 26.07 ? 123 LEU A CD2 1 
ATOM   978  N  N   . THR A 1 144 ? -8.959  0.736   2.204   1.00 25.01 ? 124 THR A N   1 
ATOM   979  C  CA  . THR A 1 144 ? -8.454  0.979   3.553   1.00 24.60 ? 124 THR A CA  1 
ATOM   980  C  C   . THR A 1 144 ? -7.844  -0.307  4.110   1.00 24.57 ? 124 THR A C   1 
ATOM   981  O  O   . THR A 1 144 ? -6.830  -0.256  4.794   1.00 24.71 ? 124 THR A O   1 
ATOM   982  C  CB  . THR A 1 144 ? -9.554  1.579   4.442   1.00 24.79 ? 124 THR A CB  1 
ATOM   983  O  OG1 . THR A 1 144 ? -10.068 2.741   3.776   1.00 24.81 ? 124 THR A OG1 1 
ATOM   984  C  CG2 . THR A 1 144 ? -9.002  2.026   5.820   1.00 25.10 ? 124 THR A CG2 1 
ATOM   985  N  N   . LEU A 1 145 ? -8.436  -1.451  3.790   1.00 24.40 ? 125 LEU A N   1 
ATOM   986  C  CA  . LEU A 1 145 ? -7.798  -2.733  4.124   1.00 24.81 ? 125 LEU A CA  1 
ATOM   987  C  C   . LEU A 1 145 ? -6.414  -2.853  3.460   1.00 24.90 ? 125 LEU A C   1 
ATOM   988  O  O   . LEU A 1 145 ? -5.431  -3.224  4.119   1.00 24.62 ? 125 LEU A O   1 
ATOM   989  C  CB  . LEU A 1 145 ? -8.692  -3.918  3.751   1.00 24.88 ? 125 LEU A CB  1 
ATOM   990  C  CG  . LEU A 1 145 ? -8.110  -5.309  4.076   1.00 25.17 ? 125 LEU A CG  1 
ATOM   991  C  CD1 . LEU A 1 145 ? -7.915  -5.502  5.573   1.00 26.99 ? 125 LEU A CD1 1 
ATOM   992  C  CD2 . LEU A 1 145 ? -8.982  -6.406  3.448   1.00 25.97 ? 125 LEU A CD2 1 
ATOM   993  N  N   . ALA A 1 146 ? -6.338  -2.531  2.167   1.00 24.50 ? 126 ALA A N   1 
ATOM   994  C  CA  . ALA A 1 146 ? -5.053  -2.532  1.451   1.00 25.18 ? 126 ALA A CA  1 
ATOM   995  C  C   . ALA A 1 146 ? -4.013  -1.635  2.155   1.00 25.45 ? 126 ALA A C   1 
ATOM   996  O  O   . ALA A 1 146 ? -2.892  -2.082  2.436   1.00 25.46 ? 126 ALA A O   1 
ATOM   997  C  CB  . ALA A 1 146 ? -5.242  -2.125  -0.024  1.00 25.11 ? 126 ALA A CB  1 
ATOM   998  N  N   . VAL A 1 147 ? -4.392  -0.389  2.454   1.00 24.65 ? 127 VAL A N   1 
ATOM   999  C  CA  . VAL A 1 147 ? -3.515  0.550   3.157   1.00 24.94 ? 127 VAL A CA  1 
ATOM   1000 C  C   . VAL A 1 147 ? -3.075  -0.048  4.500   1.00 25.05 ? 127 VAL A C   1 
ATOM   1001 O  O   . VAL A 1 147 ? -1.881  -0.078  4.819   1.00 25.65 ? 127 VAL A O   1 
ATOM   1002 C  CB  . VAL A 1 147 ? -4.224  1.921   3.364   1.00 24.41 ? 127 VAL A CB  1 
ATOM   1003 C  CG1 . VAL A 1 147 ? -3.412  2.811   4.304   1.00 25.97 ? 127 VAL A CG1 1 
ATOM   1004 C  CG2 . VAL A 1 147 ? -4.412  2.626   2.017   1.00 25.47 ? 127 VAL A CG2 1 
ATOM   1005 N  N   . SER A 1 148 ? -4.033  -0.580  5.248   1.00 24.64 ? 128 SER A N   1 
ATOM   1006 C  CA  . SER A 1 148 ? -3.741  -1.150  6.575   1.00 25.03 ? 128 SER A CA  1 
ATOM   1007 C  C   . SER A 1 148 ? -2.805  -2.336  6.496   1.00 25.02 ? 128 SER A C   1 
ATOM   1008 O  O   . SER A 1 148 ? -1.872  -2.442  7.316   1.00 24.46 ? 128 SER A O   1 
ATOM   1009 C  CB  . SER A 1 148 ? -5.031  -1.546  7.279   1.00 25.93 ? 128 SER A CB  1 
ATOM   1010 O  OG  . SER A 1 148 ? -5.752  -0.362  7.584   1.00 27.98 ? 128 SER A OG  1 
ATOM   1011 N  N   . ALA A 1 149 ? -3.027  -3.194  5.496   1.00 24.02 ? 129 ALA A N   1 
ATOM   1012 C  CA  . ALA A 1 149 ? -2.241  -4.416  5.343   1.00 24.04 ? 129 ALA A CA  1 
ATOM   1013 C  C   . ALA A 1 149 ? -0.784  -4.084  5.008   1.00 23.66 ? 129 ALA A C   1 
ATOM   1014 O  O   . ALA A 1 149 ? 0.127   -4.639  5.611   1.00 23.35 ? 129 ALA A O   1 
ATOM   1015 C  CB  . ALA A 1 149 ? -2.833  -5.330  4.285   1.00 23.42 ? 129 ALA A CB  1 
ATOM   1016 N  N   . ILE A 1 150 ? -0.561  -3.191  4.045   1.00 23.60 ? 130 ILE A N   1 
ATOM   1017 C  CA  . ILE A 1 150 ? 0.827   -2.865  3.710   1.00 23.74 ? 130 ILE A CA  1 
ATOM   1018 C  C   . ILE A 1 150 ? 1.516   -2.133  4.858   1.00 23.59 ? 130 ILE A C   1 
ATOM   1019 O  O   . ILE A 1 150 ? 2.705   -2.366  5.126   1.00 23.61 ? 130 ILE A O   1 
ATOM   1020 C  CB  . ILE A 1 150 ? 0.994   -2.151  2.324   1.00 23.82 ? 130 ILE A CB  1 
ATOM   1021 C  CG1 . ILE A 1 150 ? 2.492   -2.039  1.948   1.00 24.36 ? 130 ILE A CG1 1 
ATOM   1022 C  CG2 . ILE A 1 150 ? 0.271   -0.796  2.273   1.00 23.12 ? 130 ILE A CG2 1 
ATOM   1023 C  CD1 . ILE A 1 150 ? 3.249   -3.421  1.860   1.00 24.21 ? 130 ILE A CD1 1 
ATOM   1024 N  N   . ASN A 1 151 ? 0.779   -1.261  5.549   1.00 23.10 ? 131 ASN A N   1 
ATOM   1025 C  CA  . ASN A 1 151 ? 1.345   -0.645  6.755   1.00 24.03 ? 131 ASN A CA  1 
ATOM   1026 C  C   . ASN A 1 151 ? 1.788   -1.703  7.768   1.00 24.20 ? 131 ASN A C   1 
ATOM   1027 O  O   . ASN A 1 151 ? 2.866   -1.591  8.363   1.00 25.04 ? 131 ASN A O   1 
ATOM   1028 C  CB  . ASN A 1 151 ? 0.392   0.401   7.345   1.00 23.79 ? 131 ASN A CB  1 
ATOM   1029 C  CG  . ASN A 1 151 ? 0.628   1.787   6.748   1.00 25.08 ? 131 ASN A CG  1 
ATOM   1030 O  OD1 . ASN A 1 151 ? 1.584   2.490   7.106   1.00 24.31 ? 131 ASN A OD1 1 
ATOM   1031 N  ND2 . ASN A 1 151 ? -0.225  2.174   5.810   1.00 25.88 ? 131 ASN A ND2 1 
ATOM   1032 N  N   . ALA A 1 152 ? 0.980   -2.746  7.924   1.00 24.66 ? 132 ALA A N   1 
ATOM   1033 C  CA  . ALA A 1 152 ? 1.346   -3.876  8.788   1.00 23.69 ? 132 ALA A CA  1 
ATOM   1034 C  C   . ALA A 1 152 ? 2.586   -4.643  8.280   1.00 23.70 ? 132 ALA A C   1 
ATOM   1035 O  O   . ALA A 1 152 ? 3.524   -4.880  9.046   1.00 24.33 ? 132 ALA A O   1 
ATOM   1036 C  CB  . ALA A 1 152 ? 0.149   -4.822  8.962   1.00 23.90 ? 132 ALA A CB  1 
ATOM   1037 N  N   . TRP A 1 153 ? 2.581   -5.061  7.010   1.00 23.45 ? 133 TRP A N   1 
ATOM   1038 C  CA  . TRP A 1 153 ? 3.759   -5.728  6.423   1.00 23.81 ? 133 TRP A CA  1 
ATOM   1039 C  C   . TRP A 1 153 ? 5.052   -4.905  6.532   1.00 23.14 ? 133 TRP A C   1 
ATOM   1040 O  O   . TRP A 1 153 ? 6.121   -5.469  6.812   1.00 23.23 ? 133 TRP A O   1 
ATOM   1041 C  CB  . TRP A 1 153 ? 3.531   -6.065  4.950   1.00 24.57 ? 133 TRP A CB  1 
ATOM   1042 C  CG  . TRP A 1 153 ? 2.572   -7.185  4.692   1.00 25.59 ? 133 TRP A CG  1 
ATOM   1043 C  CD1 . TRP A 1 153 ? 1.353   -7.070  4.086   1.00 27.21 ? 133 TRP A CD1 1 
ATOM   1044 C  CD2 . TRP A 1 153 ? 2.756   -8.584  4.965   1.00 26.11 ? 133 TRP A CD2 1 
ATOM   1045 N  NE1 . TRP A 1 153 ? 0.757   -8.312  3.981   1.00 25.71 ? 133 TRP A NE1 1 
ATOM   1046 C  CE2 . TRP A 1 153 ? 1.600   -9.256  4.499   1.00 25.75 ? 133 TRP A CE2 1 
ATOM   1047 C  CE3 . TRP A 1 153 ? 3.786   -9.338  5.545   1.00 25.51 ? 133 TRP A CE3 1 
ATOM   1048 C  CZ2 . TRP A 1 153 ? 1.431   -10.644 4.620   1.00 25.96 ? 133 TRP A CZ2 1 
ATOM   1049 C  CZ3 . TRP A 1 153 ? 3.623   -10.725 5.662   1.00 26.43 ? 133 TRP A CZ3 1 
ATOM   1050 C  CH2 . TRP A 1 153 ? 2.445   -11.363 5.211   1.00 26.80 ? 133 TRP A CH2 1 
ATOM   1051 N  N   . ASN A 1 154 ? 4.952   -3.590  6.326   1.00 22.89 ? 134 ASN A N   1 
ATOM   1052 C  CA  . ASN A 1 154 ? 6.116   -2.696  6.428   1.00 23.08 ? 134 ASN A CA  1 
ATOM   1053 C  C   . ASN A 1 154 ? 6.691   -2.730  7.835   1.00 23.09 ? 134 ASN A C   1 
ATOM   1054 O  O   . ASN A 1 154 ? 7.897   -2.614  8.021   1.00 23.28 ? 134 ASN A O   1 
ATOM   1055 C  CB  . ASN A 1 154 ? 5.767   -1.234  6.096   1.00 22.12 ? 134 ASN A CB  1 
ATOM   1056 C  CG  . ASN A 1 154 ? 5.485   -0.973  4.588   1.00 24.07 ? 134 ASN A CG  1 
ATOM   1057 O  OD1 . ASN A 1 154 ? 5.033   0.101   4.266   1.00 23.60 ? 134 ASN A OD1 1 
ATOM   1058 N  ND2 . ASN A 1 154 ? 5.796   -1.917  3.695   1.00 23.66 ? 134 ASN A ND2 1 
ATOM   1059 N  N   . ARG A 1 155 ? 5.818   -2.844  8.831   1.00 23.02 ? 135 ARG A N   1 
ATOM   1060 C  CA  . ARG A 1 155 ? 6.270   -2.832  10.216  1.00 23.39 ? 135 ARG A CA  1 
ATOM   1061 C  C   . ARG A 1 155 ? 7.050   -4.104  10.565  1.00 23.44 ? 135 ARG A C   1 
ATOM   1062 O  O   . ARG A 1 155 ? 8.068   -4.049  11.268  1.00 23.00 ? 135 ARG A O   1 
ATOM   1063 C  CB  . ARG A 1 155 ? 5.109   -2.515  11.188  1.00 23.73 ? 135 ARG A CB  1 
ATOM   1064 C  CG  . ARG A 1 155 ? 4.760   -1.005  11.080  1.00 23.96 ? 135 ARG A CG  1 
ATOM   1065 C  CD  . ARG A 1 155 ? 3.346   -0.578  11.533  1.00 25.02 ? 135 ARG A CD  1 
ATOM   1066 N  NE  . ARG A 1 155 ? 3.349   0.883   11.663  1.00 25.82 ? 135 ARG A NE  1 
ATOM   1067 C  CZ  . ARG A 1 155 ? 3.168   1.742   10.655  1.00 25.99 ? 135 ARG A CZ  1 
ATOM   1068 N  NH1 . ARG A 1 155 ? 2.938   1.300   9.419   1.00 24.03 ? 135 ARG A NH1 1 
ATOM   1069 N  NH2 . ARG A 1 155 ? 3.232   3.054   10.894  1.00 24.31 ? 135 ARG A NH2 1 
ATOM   1070 N  N   . PHE A 1 156 ? 6.592   -5.239  10.046  1.00 22.88 ? 136 PHE A N   1 
ATOM   1071 C  CA  . PHE A 1 156 ? 7.360   -6.477  10.177  1.00 23.28 ? 136 PHE A CA  1 
ATOM   1072 C  C   . PHE A 1 156 ? 8.663   -6.373  9.399   1.00 23.25 ? 136 PHE A C   1 
ATOM   1073 O  O   . PHE A 1 156 ? 9.714   -6.776  9.892   1.00 23.15 ? 136 PHE A O   1 
ATOM   1074 C  CB  . PHE A 1 156 ? 6.550   -7.667  9.671   1.00 23.19 ? 136 PHE A CB  1 
ATOM   1075 C  CG  . PHE A 1 156 ? 5.573   -8.202  10.679  1.00 22.87 ? 136 PHE A CG  1 
ATOM   1076 C  CD1 . PHE A 1 156 ? 6.005   -9.038  11.714  1.00 23.68 ? 136 PHE A CD1 1 
ATOM   1077 C  CD2 . PHE A 1 156 ? 4.225   -7.873  10.596  1.00 25.22 ? 136 PHE A CD2 1 
ATOM   1078 C  CE1 . PHE A 1 156 ? 5.109   -9.538  12.653  1.00 22.70 ? 136 PHE A CE1 1 
ATOM   1079 C  CE2 . PHE A 1 156 ? 3.313   -8.371  11.532  1.00 23.55 ? 136 PHE A CE2 1 
ATOM   1080 C  CZ  . PHE A 1 156 ? 3.750   -9.208  12.547  1.00 23.81 ? 136 PHE A CZ  1 
ATOM   1081 N  N   . GLY A 1 157 ? 8.586   -5.837  8.183   1.00 23.79 ? 137 GLY A N   1 
ATOM   1082 C  CA  . GLY A 1 157 ? 9.749   -5.747  7.289   1.00 24.22 ? 137 GLY A CA  1 
ATOM   1083 C  C   . GLY A 1 157 ? 10.880  -4.921  7.887   1.00 24.55 ? 137 GLY A C   1 
ATOM   1084 O  O   . GLY A 1 157 ? 12.034  -5.378  7.968   1.00 24.27 ? 137 GLY A O   1 
ATOM   1085 N  N   . VAL A 1 158 ? 10.545  -3.712  8.331   1.00 24.66 ? 138 VAL A N   1 
ATOM   1086 C  CA  . VAL A 1 158 ? 11.556  -2.796  8.874   1.00 24.67 ? 138 VAL A CA  1 
ATOM   1087 C  C   . VAL A 1 158 ? 11.986  -3.256  10.255  1.00 24.76 ? 138 VAL A C   1 
ATOM   1088 O  O   . VAL A 1 158 ? 13.185  -3.301  10.564  1.00 24.77 ? 138 VAL A O   1 
ATOM   1089 C  CB  . VAL A 1 158 ? 11.058  -1.322  8.909   1.00 23.95 ? 138 VAL A CB  1 
ATOM   1090 C  CG1 . VAL A 1 158 ? 12.093  -0.431  9.577   1.00 25.64 ? 138 VAL A CG1 1 
ATOM   1091 C  CG2 . VAL A 1 158 ? 10.812  -0.803  7.496   1.00 24.27 ? 138 VAL A CG2 1 
ATOM   1092 N  N   . GLY A 1 159 ? 11.010  -3.617  11.087  1.00 25.31 ? 139 GLY A N   1 
ATOM   1093 C  CA  . GLY A 1 159 ? 11.287  -4.068  12.445  1.00 26.46 ? 139 GLY A CA  1 
ATOM   1094 C  C   . GLY A 1 159 ? 12.255  -5.245  12.486  1.00 27.55 ? 139 GLY A C   1 
ATOM   1095 O  O   . GLY A 1 159 ? 13.256  -5.210  13.200  1.00 27.28 ? 139 GLY A O   1 
HETATM 1096 N  N   . MSE A 1 160 ? 11.963  -6.278  11.698  1.00 28.94 ? 140 MSE A N   1 
HETATM 1097 C  CA  . MSE A 1 160 ? 12.771  -7.497  11.702  1.00 31.24 ? 140 MSE A CA  1 
HETATM 1098 C  C   . MSE A 1 160 ? 14.069  -7.342  10.895  1.00 32.74 ? 140 MSE A C   1 
HETATM 1099 O  O   . MSE A 1 160 ? 14.843  -8.296  10.765  1.00 32.95 ? 140 MSE A O   1 
HETATM 1100 C  CB  . MSE A 1 160 ? 11.961  -8.716  11.236  1.00 31.37 ? 140 MSE A CB  1 
HETATM 1101 C  CG  . MSE A 1 160 ? 10.607  -8.906  11.934  1.00 32.32 ? 140 MSE A CG  1 
HETATM 1102 SE SE  . MSE A 1 160 ? 10.720  -8.964  13.880  0.50 35.66 ? 140 MSE A SE  1 
HETATM 1103 C  CE  . MSE A 1 160 ? 8.911   -9.471  14.314  1.00 33.32 ? 140 MSE A CE  1 
ATOM   1104 N  N   . GLY A 1 161 ? 14.311  -6.132  10.386  1.00 34.19 ? 141 GLY A N   1 
ATOM   1105 C  CA  . GLY A 1 161 ? 15.587  -5.788  9.741   1.00 36.18 ? 141 GLY A CA  1 
ATOM   1106 C  C   . GLY A 1 161 ? 15.743  -6.442  8.383   1.00 37.87 ? 141 GLY A C   1 
ATOM   1107 O  O   . GLY A 1 161 ? 16.832  -6.905  8.020   1.00 37.78 ? 141 GLY A O   1 
HETATM 1108 N  N   . MSE A 1 162 ? 14.653  -6.477  7.626   1.00 39.02 ? 142 MSE A N   1 
HETATM 1109 C  CA  . MSE A 1 162 ? 14.643  -7.184  6.347   1.00 41.07 ? 142 MSE A CA  1 
HETATM 1110 C  C   . MSE A 1 162 ? 15.203  -6.350  5.195   1.00 41.31 ? 142 MSE A C   1 
HETATM 1111 O  O   . MSE A 1 162 ? 14.905  -5.159  5.063   1.00 41.52 ? 142 MSE A O   1 
HETATM 1112 C  CB  . MSE A 1 162 ? 13.240  -7.710  6.034   1.00 40.92 ? 142 MSE A CB  1 
HETATM 1113 C  CG  . MSE A 1 162 ? 12.799  -8.784  7.032   1.00 41.72 ? 142 MSE A CG  1 
HETATM 1114 SE SE  . MSE A 1 162 ? 10.981  -9.387  6.734   0.50 42.65 ? 142 MSE A SE  1 
HETATM 1115 C  CE  . MSE A 1 162 ? 11.269  -10.462 5.127   1.00 41.40 ? 142 MSE A CE  1 
ATOM   1116 N  N   . GLN A 1 163 ? 16.037  -6.991  4.382   1.00 42.00 ? 143 GLN A N   1 
ATOM   1117 C  CA  . GLN A 1 163 ? 16.638  -6.347  3.219   1.00 42.58 ? 143 GLN A CA  1 
ATOM   1118 C  C   . GLN A 1 163 ? 16.342  -7.164  1.961   1.00 42.65 ? 143 GLN A C   1 
ATOM   1119 O  O   . GLN A 1 163 ? 16.319  -8.400  2.019   1.00 42.36 ? 143 GLN A O   1 
ATOM   1120 C  CB  . GLN A 1 163 ? 18.154  -6.185  3.404   1.00 42.56 ? 143 GLN A CB  1 
ATOM   1121 C  CG  . GLN A 1 163 ? 18.557  -5.131  4.445   1.00 43.21 ? 143 GLN A CG  1 
ATOM   1122 C  CD  . GLN A 1 163 ? 20.008  -4.657  4.314   1.00 43.72 ? 143 GLN A CD  1 
ATOM   1123 O  OE1 . GLN A 1 163 ? 20.513  -3.950  5.193   1.00 44.95 ? 143 GLN A OE1 1 
ATOM   1124 N  NE2 . GLN A 1 163 ? 20.679  -5.036  3.221   1.00 43.05 ? 143 GLN A NE2 1 
ATOM   1125 N  N   . PRO A 1 164 ? 16.133  -6.480  0.817   1.00 42.73 ? 144 PRO A N   1 
ATOM   1126 C  CA  . PRO A 1 164 ? 15.835  -7.171  -0.438  1.00 43.31 ? 144 PRO A CA  1 
ATOM   1127 C  C   . PRO A 1 164 ? 17.058  -7.903  -1.000  1.00 43.87 ? 144 PRO A C   1 
ATOM   1128 O  O   . PRO A 1 164 ? 18.162  -7.753  -0.460  1.00 43.70 ? 144 PRO A O   1 
ATOM   1129 C  CB  . PRO A 1 164 ? 15.425  -6.030  -1.369  1.00 43.36 ? 144 PRO A CB  1 
ATOM   1130 C  CG  . PRO A 1 164 ? 16.181  -4.855  -0.861  1.00 42.78 ? 144 PRO A CG  1 
ATOM   1131 C  CD  . PRO A 1 164 ? 16.193  -5.019  0.633   1.00 42.56 ? 144 PRO A CD  1 
ATOM   1132 N  N   . GLU A 1 165 ? 16.830  -8.672  -2.075  1.00 44.61 ? 145 GLU A N   1 
ATOM   1133 C  CA  . GLU A 1 165 ? 17.846  -9.453  -2.824  1.00 45.25 ? 145 GLU A CA  1 
ATOM   1134 C  C   . GLU A 1 165 ? 19.125  -9.774  -2.068  1.00 45.20 ? 145 GLU A C   1 
ATOM   1135 O  O   . GLU A 1 165 ? 19.821  -10.744 -2.390  1.00 45.97 ? 145 GLU A O   1 
ATOM   1136 C  CB  . GLU A 1 165 ? 18.167  -8.798  -4.180  1.00 44.98 ? 145 GLU A CB  1 
ATOM   1137 C  CG  . GLU A 1 165 ? 19.129  -9.602  -5.064  1.00 46.06 ? 145 GLU A CG  1 
ATOM   1138 C  CD  . GLU A 1 165 ? 19.097  -9.209  -6.540  1.00 45.88 ? 145 GLU A CD  1 
ATOM   1139 O  OE1 . GLU A 1 165 ? 18.452  -8.200  -6.900  1.00 47.50 ? 145 GLU A OE1 1 
ATOM   1140 O  OE2 . GLU A 1 165 ? 19.733  -9.918  -7.351  1.00 47.80 ? 145 GLU A OE2 1 
HETATM 1141 O  O   . HOH B 2 .   ? -0.341  4.044   3.497   1.00 14.54 ? 146 HOH A O   1 
HETATM 1142 O  O   . HOH B 2 .   ? 8.530   5.805   -7.612  1.00 13.42 ? 147 HOH A O   1 
HETATM 1143 O  O   . HOH B 2 .   ? -12.263 -3.180  -9.744  0.50 9.87  ? 148 HOH A O   1 
HETATM 1144 O  O   . HOH B 2 .   ? -2.228  -0.390  -14.758 1.00 22.54 ? 149 HOH A O   1 
HETATM 1145 O  O   . HOH B 2 .   ? -1.625  12.072  -12.343 1.00 21.54 ? 150 HOH A O   1 
HETATM 1146 O  O   . HOH B 2 .   ? 10.802  2.443   -13.459 1.00 21.26 ? 151 HOH A O   1 
HETATM 1147 O  O   . HOH B 2 .   ? 3.654   4.876   8.790   1.00 16.29 ? 152 HOH A O   1 
HETATM 1148 O  O   . HOH B 2 .   ? -8.492  -7.690  -5.584  1.00 20.71 ? 153 HOH A O   1 
HETATM 1149 O  O   . HOH B 2 .   ? -16.495 0.876   -9.272  1.00 24.57 ? 154 HOH A O   1 
HETATM 1150 O  O   . HOH B 2 .   ? 11.672  2.673   -10.843 0.50 22.48 ? 155 HOH A O   1 
HETATM 1151 O  O   . HOH B 2 .   ? 0.161   -1.201  -10.622 1.00 30.82 ? 156 HOH A O   1 
HETATM 1152 O  O   . HOH B 2 .   ? -1.025  -1.383  9.959   0.50 24.50 ? 157 HOH A O   1 
HETATM 1153 O  O   . HOH B 2 .   ? -12.988 -9.203  -0.073  1.00 26.65 ? 158 HOH A O   1 
HETATM 1154 O  O   . HOH B 2 .   ? 7.616   3.156   -19.481 1.00 25.79 ? 159 HOH A O   1 
HETATM 1155 O  O   . HOH B 2 .   ? -4.422  10.760  -16.085 1.00 24.67 ? 160 HOH A O   1 
HETATM 1156 O  O   . HOH B 2 .   ? -1.828  12.556  7.810   1.00 30.11 ? 161 HOH A O   1 
HETATM 1157 O  O   . HOH B 2 .   ? 10.519  2.577   -6.041  1.00 18.17 ? 162 HOH A O   1 
HETATM 1158 O  O   . HOH B 2 .   ? -6.399  -12.579 9.336   0.50 23.21 ? 163 HOH A O   1 
HETATM 1159 O  O   . HOH B 2 .   ? 2.188   -18.801 16.876  1.00 32.48 ? 164 HOH A O   1 
HETATM 1160 O  O   . HOH B 2 .   ? 9.843   2.366   -8.629  1.00 24.38 ? 165 HOH A O   1 
HETATM 1161 O  O   . HOH B 2 .   ? -2.044  -3.030  -15.448 1.00 22.42 ? 166 HOH A O   1 
HETATM 1162 O  O   . HOH B 2 .   ? -3.661  -10.252 -1.920  1.00 30.77 ? 167 HOH A O   1 
HETATM 1163 O  O   . HOH B 2 .   ? 2.180   -16.474 18.457  1.00 29.18 ? 168 HOH A O   1 
HETATM 1164 O  O   . HOH B 2 .   ? -11.892 12.630  5.930   1.00 32.43 ? 169 HOH A O   1 
HETATM 1165 O  O   . HOH B 2 .   ? -15.395 -3.763  -4.741  1.00 36.36 ? 170 HOH A O   1 
HETATM 1166 O  O   . HOH B 2 .   ? -8.556  12.819  -7.790  1.00 25.88 ? 171 HOH A O   1 
HETATM 1167 O  O   . HOH B 2 .   ? 11.038  5.194   -7.010  0.50 28.34 ? 172 HOH A O   1 
HETATM 1168 O  O   . HOH B 2 .   ? 7.677   -0.016  -19.514 1.00 28.28 ? 173 HOH A O   1 
HETATM 1169 O  O   . HOH B 2 .   ? -4.449  0.619   -13.625 1.00 26.42 ? 174 HOH A O   1 
HETATM 1170 O  O   . HOH B 2 .   ? -21.521 3.319   -1.826  1.00 32.26 ? 175 HOH A O   1 
HETATM 1171 O  O   . HOH B 2 .   ? -2.576  13.482  0.433   1.00 41.03 ? 176 HOH A O   1 
HETATM 1172 O  O   . HOH B 2 .   ? -0.764  13.910  -0.985  1.00 40.06 ? 177 HOH A O   1 
HETATM 1173 O  O   . HOH B 2 .   ? 12.082  -8.188  -1.930  1.00 39.20 ? 178 HOH A O   1 
HETATM 1174 O  O   . HOH B 2 .   ? 13.870  -1.200  5.122   1.00 33.47 ? 179 HOH A O   1 
HETATM 1175 O  O   . HOH B 2 .   ? 9.666   8.815   4.531   1.00 24.17 ? 180 HOH A O   1 
HETATM 1176 O  O   . HOH B 2 .   ? -8.019  12.948  11.785  1.00 36.83 ? 181 HOH A O   1 
HETATM 1177 O  O   . HOH B 2 .   ? -19.119 6.186   -1.751  1.00 35.32 ? 182 HOH A O   1 
HETATM 1178 O  O   . HOH B 2 .   ? 9.325   8.397   -0.837  1.00 31.48 ? 183 HOH A O   1 
HETATM 1179 O  O   . HOH B 2 .   ? -5.781  12.612  -13.438 1.00 40.50 ? 184 HOH A O   1 
HETATM 1180 O  O   . HOH B 2 .   ? -14.207 -2.415  -7.638  1.00 39.33 ? 185 HOH A O   1 
HETATM 1181 O  O   . HOH B 2 .   ? -11.787 -13.432 3.838   1.00 45.40 ? 186 HOH A O   1 
HETATM 1182 O  O   . HOH B 2 .   ? -5.299  13.699  -16.338 1.00 39.82 ? 187 HOH A O   1 
HETATM 1183 O  O   . HOH B 2 .   ? -8.071  -14.481 8.630   0.50 30.40 ? 188 HOH A O   1 
HETATM 1184 O  O   . HOH B 2 .   ? 12.792  -3.798  4.629   1.00 35.85 ? 189 HOH A O   1 
HETATM 1185 O  O   . HOH B 2 .   ? 7.546   -8.140  5.566   1.00 39.61 ? 190 HOH A O   1 
HETATM 1186 O  O   . HOH B 2 .   ? 20.950  -8.583  13.806  1.00 52.81 ? 191 HOH A O   1 
HETATM 1187 O  O   . HOH B 2 .   ? 4.543   -7.606  1.441   1.00 46.74 ? 192 HOH A O   1 
HETATM 1188 O  O   . HOH B 2 .   ? 15.694  -3.609  12.981  1.00 38.70 ? 193 HOH A O   1 
HETATM 1189 O  O   . HOH B 2 .   ? -3.127  -6.653  -13.452 1.00 44.45 ? 194 HOH A O   1 
HETATM 1190 O  O   . HOH B 2 .   ? -1.811  -7.505  -1.975  1.00 46.00 ? 195 HOH A O   1 
HETATM 1191 O  O   . HOH B 2 .   ? -10.057 -9.596  -6.707  1.00 33.30 ? 196 HOH A O   1 
HETATM 1192 O  O   . HOH B 2 .   ? -20.808 -0.058  -1.750  1.00 39.67 ? 197 HOH A O   1 
HETATM 1193 O  O   . HOH B 2 .   ? 15.754  -2.954  6.664   1.00 44.90 ? 198 HOH A O   1 
HETATM 1194 O  O   . HOH B 2 .   ? 8.401   10.338  2.072   1.00 44.63 ? 199 HOH A O   1 
HETATM 1195 O  O   . HOH B 2 .   ? -0.730  -21.247 12.712  1.00 45.58 ? 200 HOH A O   1 
HETATM 1196 O  O   . HOH B 2 .   ? -4.492  1.360   -11.014 1.00 39.86 ? 201 HOH A O   1 
HETATM 1197 O  O   . HOH B 2 .   ? -9.010  17.172  0.407   1.00 54.21 ? 202 HOH A O   1 
HETATM 1198 O  O   . HOH B 2 .   ? 15.296  -1.952  9.275   1.00 38.26 ? 203 HOH A O   1 
HETATM 1199 O  O   . HOH B 2 .   ? 4.205   11.920  16.028  1.00 38.87 ? 204 HOH A O   1 
HETATM 1200 O  O   . HOH B 2 .   ? 9.458   11.494  -3.313  1.00 33.37 ? 205 HOH A O   1 
HETATM 1201 O  O   . HOH B 2 .   ? -8.627  11.203  -1.234  1.00 51.26 ? 206 HOH A O   1 
HETATM 1202 O  O   . HOH B 2 .   ? 11.612  -6.750  -12.382 1.00 50.63 ? 207 HOH A O   1 
HETATM 1203 O  O   . HOH B 2 .   ? 0.615   13.216  3.645   1.00 40.32 ? 208 HOH A O   1 
HETATM 1204 O  O   . HOH B 2 .   ? 4.708   12.923  -0.649  1.00 33.92 ? 209 HOH A O   1 
HETATM 1205 O  O   . HOH B 2 .   ? -6.187  -8.960  -6.308  1.00 46.57 ? 210 HOH A O   1 
HETATM 1206 O  O   . HOH B 2 .   ? -3.302  15.430  -15.794 1.00 52.32 ? 211 HOH A O   1 
HETATM 1207 O  O   . HOH B 2 .   ? -17.832 -2.362  -4.971  1.00 39.66 ? 212 HOH A O   1 
HETATM 1208 O  O   . HOH B 2 .   ? -7.361  1.995   -11.290 1.00 36.58 ? 213 HOH A O   1 
HETATM 1209 O  O   . HOH B 2 .   ? 7.503   -2.600  -16.663 1.00 46.67 ? 214 HOH A O   1 
HETATM 1210 O  O   . HOH B 2 .   ? -15.739 -9.308  -2.847  1.00 42.93 ? 215 HOH A O   1 
HETATM 1211 O  O   . HOH B 2 .   ? -18.498 13.264  -2.077  1.00 40.78 ? 216 HOH A O   1 
HETATM 1212 O  O   . HOH B 2 .   ? -10.800 19.416  4.636   1.00 48.76 ? 217 HOH A O   1 
HETATM 1213 O  O   . HOH B 2 .   ? -10.149 -7.606  -8.312  1.00 40.51 ? 218 HOH A O   1 
HETATM 1214 O  O   . HOH B 2 .   ? 5.641   -2.635  -19.813 1.00 44.86 ? 219 HOH A O   1 
HETATM 1215 O  O   . HOH B 2 .   ? 3.013   -2.813  -19.656 1.00 42.88 ? 220 HOH A O   1 
HETATM 1216 O  O   . HOH B 2 .   ? -19.202 6.715   -5.339  1.00 49.06 ? 221 HOH A O   1 
HETATM 1217 O  O   . HOH B 2 .   ? 2.916   7.884   10.651  0.50 17.91 ? 222 HOH A O   1 
HETATM 1218 O  O   . HOH B 2 .   ? 5.068   12.568  -3.466  1.00 22.08 ? 223 HOH A O   1 
HETATM 1219 O  O   . HOH B 2 .   ? 5.337   -4.635  -16.928 1.00 46.39 ? 224 HOH A O   1 
HETATM 1220 O  O   . HOH B 2 .   ? 9.760   -14.685 8.498   1.00 45.06 ? 225 HOH A O   1 
HETATM 1221 O  O   . HOH B 2 .   ? -9.361  -13.621 5.325   1.00 36.89 ? 226 HOH A O   1 
HETATM 1222 O  O   . HOH B 2 .   ? 19.218  -7.583  8.047   1.00 52.47 ? 227 HOH A O   1 
HETATM 1223 O  O   . HOH B 2 .   ? 1.656   -19.977 9.746   1.00 39.93 ? 228 HOH A O   1 
HETATM 1224 O  O   . HOH B 2 .   ? 2.536   -8.734  0.520   1.00 48.05 ? 229 HOH A O   1 
HETATM 1225 O  O   . HOH B 2 .   ? 0.720   -9.143  -9.238  1.00 45.74 ? 230 HOH A O   1 
HETATM 1226 O  O   . HOH B 2 .   ? 0.687   -9.749  -1.482  1.00 47.16 ? 231 HOH A O   1 
HETATM 1227 O  O   . HOH B 2 .   ? -4.757  -17.374 6.553   1.00 47.52 ? 232 HOH A O   1 
HETATM 1228 O  O   . HOH B 2 .   ? -18.714 1.753   -8.220  1.00 38.18 ? 233 HOH A O   1 
HETATM 1229 O  O   . HOH B 2 .   ? -1.143  16.899  -11.990 1.00 48.40 ? 234 HOH A O   1 
HETATM 1230 O  O   . HOH B 2 .   ? -1.032  -10.268 -14.693 1.00 41.33 ? 235 HOH A O   1 
HETATM 1231 O  O   . HOH B 2 .   ? 8.488   -20.509 17.811  1.00 49.93 ? 236 HOH A O   1 
HETATM 1232 O  O   . HOH B 2 .   ? 4.971   -20.022 9.404   1.00 47.62 ? 237 HOH A O   1 
HETATM 1233 O  O   . HOH B 2 .   ? -2.234  -12.470 -2.482  1.00 47.37 ? 238 HOH A O   1 
HETATM 1234 O  O   . HOH B 2 .   ? -3.970  -14.405 -1.063  1.00 52.17 ? 239 HOH A O   1 
HETATM 1235 O  O   . HOH B 2 .   ? -3.400  15.517  -4.134  1.00 45.11 ? 240 HOH A O   1 
HETATM 1236 O  O   . HOH B 2 .   ? -7.272  14.017  -4.474  1.00 55.74 ? 241 HOH A O   1 
HETATM 1237 O  O   . HOH B 2 .   ? -11.645 14.464  -6.386  1.00 46.98 ? 242 HOH A O   1 
HETATM 1238 O  O   . HOH B 2 .   ? -17.456 -6.243  -6.367  1.00 52.26 ? 243 HOH A O   1 
HETATM 1239 O  O   . HOH B 2 .   ? 15.518  4.030   5.502   1.00 44.41 ? 244 HOH A O   1 
HETATM 1240 O  O   . HOH B 2 .   ? 11.104  4.309   8.055   1.00 16.41 ? 245 HOH A O   1 
HETATM 1241 O  O   . HOH B 2 .   ? 10.630  6.349   6.330   1.00 27.67 ? 246 HOH A O   1 
HETATM 1242 O  O   . HOH B 2 .   ? 13.125  2.440   7.340   1.00 31.25 ? 247 HOH A O   1 
HETATM 1243 O  O   . HOH B 2 .   ? 0.019   -20.153 7.362   1.00 45.44 ? 248 HOH A O   1 
HETATM 1244 O  O   . HOH B 2 .   ? 14.402  -12.790 3.611   1.00 49.81 ? 249 HOH A O   1 
HETATM 1245 O  O   . HOH B 2 .   ? 8.197   -14.077 6.205   1.00 51.83 ? 250 HOH A O   1 
HETATM 1246 O  O   . HOH B 2 .   ? -6.478  14.733  -8.397  1.00 44.75 ? 251 HOH A O   1 
HETATM 1247 O  O   . HOH B 2 .   ? 6.037   -21.608 17.957  1.00 49.49 ? 252 HOH A O   1 
HETATM 1248 O  O   . HOH B 2 .   ? 21.750  -8.523  5.351   1.00 55.35 ? 253 HOH A O   1 
# 
